data_8BG1
#
_entry.id   8BG1
#
_cell.length_a   345.270
_cell.length_b   54.370
_cell.length_c   214.690
_cell.angle_alpha   90.000
_cell.angle_beta   105.880
_cell.angle_gamma   90.000
#
_symmetry.space_group_name_H-M   'C 1 2 1'
#
loop_
_entity.id
_entity.type
_entity.pdbx_description
1 polymer 'pT1511 Fab heavy chain'
2 polymer 'pT1511 Fab light chain'
3 polymer 'Spike protein S1'
4 branched 2-acetamido-2-deoxy-beta-D-glucopyranose-(1-4)-[alpha-L-fucopyranose-(1-6)]2-acetamido-2-deoxy-beta-D-glucopyranose
5 branched 2-acetamido-2-deoxy-beta-D-glucopyranose-(1-4)-2-acetamido-2-deoxy-beta-D-glucopyranose
6 non-polymer 2-acetamido-2-deoxy-beta-D-glucopyranose
#
loop_
_entity_poly.entity_id
_entity_poly.type
_entity_poly.pdbx_seq_one_letter_code
_entity_poly.pdbx_strand_id
1 'polypeptide(L)'
;EVQLVESGGALVQPGRSLRLSCAASGFTFDDYAMHWVRQAPGKGLEWVSGIDWNSGSIGYADSVKGRFTISRDNAKNSLY
LQVNSLRAEDTALYYCVKDSRAHYDILATYVGFDYWGQGTLVTVSSASTKGPSVFPLAPSSKSTSGGTAALGCLVKDYFP
EPVTVSWNSGALTSGVHTFPAVLQSSGLYSLSSVVTVPSSSLGTQTYICNVNHKPSNTKVDKRVEPKSCDKTDDDDK
;
A,D,G,J
2 'polypeptide(L)'
;DIVMTQFPLSLPVTPGEPASISCRSSQSLLHSNGNNYLDWYLQKPGQSPQLLIYLNSNRASGVPDRFSGSGSGTDFTLKI
SRVEAEDVGVYYCMQALQTPTFGQGTRLEIKRTVAAPSVFIFPPSDEQLKSGTASVVCLLNNFYPREAKVQWKVDNALQS
GNSQESVTEQDSKDSTYSLSSTLTLSKADYEKHKVYACEVTHQGLSSPVTKSFNRGEC
;
B,E,H,K
3 'polypeptide(L)'
;NLCPFGEVFNATRFASVYAWNRKRISNCVADYSVLYNSASFSTFKCYGVSPTKLNDLCFTNVYADSFVIRGDEVRQIAPG
QTGKIADYNYKLPDDFTGCVIAWNSNNLDSKVGGNYNYLYRLFRKSNLKPFERDISTEIYQAGSTPCNGVEGFNCYFPLQ
SYGFQPTNGVGYQPYRVVVLSFELLHAPATVCGPDDDDK
;
C,F,I,L
#
# COMPACT_ATOMS: atom_id res chain seq x y z
N GLU A 1 -13.09 -2.84 -34.10
CA GLU A 1 -13.81 -3.85 -34.86
C GLU A 1 -13.07 -5.19 -34.83
N VAL A 2 -13.84 -6.28 -34.78
CA VAL A 2 -13.24 -7.61 -34.78
C VAL A 2 -12.59 -7.85 -36.12
N GLN A 3 -11.34 -8.32 -36.11
CA GLN A 3 -10.62 -8.59 -37.35
C GLN A 3 -9.72 -9.80 -37.13
N LEU A 4 -9.94 -10.85 -37.93
CA LEU A 4 -9.15 -12.07 -37.88
C LEU A 4 -8.47 -12.25 -39.23
N VAL A 5 -7.18 -11.93 -39.29
CA VAL A 5 -6.43 -11.95 -40.54
C VAL A 5 -5.60 -13.24 -40.60
N GLU A 6 -5.92 -14.11 -41.55
CA GLU A 6 -5.18 -15.35 -41.75
C GLU A 6 -4.01 -15.15 -42.73
N SER A 7 -3.01 -16.01 -42.60
CA SER A 7 -1.86 -16.01 -43.50
C SER A 7 -1.18 -17.37 -43.41
N GLY A 8 -0.26 -17.61 -44.34
CA GLY A 8 0.50 -18.84 -44.39
C GLY A 8 0.07 -19.81 -45.47
N GLY A 9 -1.16 -19.67 -45.97
CA GLY A 9 -1.60 -20.56 -47.03
C GLY A 9 -0.78 -20.36 -48.29
N ALA A 10 -0.38 -21.47 -48.91
CA ALA A 10 0.53 -21.40 -50.04
C ALA A 10 0.40 -22.67 -50.86
N LEU A 11 1.14 -22.72 -51.97
CA LEU A 11 1.27 -23.95 -52.75
C LEU A 11 2.34 -24.82 -52.13
N VAL A 12 1.98 -26.06 -51.81
CA VAL A 12 2.87 -26.97 -51.09
C VAL A 12 2.77 -28.35 -51.74
N GLN A 13 3.92 -29.02 -51.86
CA GLN A 13 3.93 -30.35 -52.42
C GLN A 13 3.25 -31.33 -51.46
N PRO A 14 2.69 -32.43 -51.97
CA PRO A 14 2.07 -33.42 -51.09
C PRO A 14 3.09 -34.04 -50.14
N GLY A 15 2.69 -34.21 -48.88
CA GLY A 15 3.55 -34.75 -47.86
C GLY A 15 4.31 -33.72 -47.04
N ARG A 16 4.39 -32.47 -47.51
CA ARG A 16 5.12 -31.43 -46.83
C ARG A 16 4.24 -30.74 -45.79
N SER A 17 4.74 -29.67 -45.19
CA SER A 17 4.05 -28.97 -44.12
C SER A 17 3.88 -27.50 -44.44
N LEU A 18 3.10 -26.83 -43.60
CA LEU A 18 2.88 -25.39 -43.66
C LEU A 18 2.44 -24.94 -42.28
N ARG A 19 2.68 -23.67 -41.98
CA ARG A 19 2.26 -23.10 -40.69
C ARG A 19 1.27 -21.98 -40.93
N LEU A 20 -0.03 -22.29 -40.81
CA LEU A 20 -1.05 -21.25 -40.88
C LEU A 20 -1.05 -20.41 -39.60
N SER A 21 -1.19 -19.10 -39.76
CA SER A 21 -1.26 -18.17 -38.65
C SER A 21 -2.45 -17.24 -38.83
N CYS A 22 -2.92 -16.67 -37.72
CA CYS A 22 -4.13 -15.87 -37.73
C CYS A 22 -3.98 -14.78 -36.67
N ALA A 23 -3.80 -13.54 -37.12
CA ALA A 23 -3.62 -12.41 -36.21
C ALA A 23 -4.98 -11.81 -35.88
N ALA A 24 -5.26 -11.69 -34.59
CA ALA A 24 -6.57 -11.28 -34.12
C ALA A 24 -6.49 -9.90 -33.49
N SER A 25 -7.58 -9.16 -33.61
CA SER A 25 -7.68 -7.83 -33.03
C SER A 25 -9.15 -7.49 -32.85
N GLY A 26 -9.40 -6.46 -32.05
CA GLY A 26 -10.74 -5.96 -31.85
C GLY A 26 -11.56 -6.67 -30.80
N PHE A 27 -10.95 -7.51 -29.98
CA PHE A 27 -11.63 -8.22 -28.91
C PHE A 27 -10.59 -8.84 -27.99
N THR A 28 -10.99 -9.13 -26.76
CA THR A 28 -10.08 -9.73 -25.79
C THR A 28 -9.79 -11.17 -26.20
N PHE A 29 -8.64 -11.37 -26.85
CA PHE A 29 -8.25 -12.69 -27.32
C PHE A 29 -8.19 -13.69 -26.17
N ASP A 30 -7.72 -13.25 -25.00
CA ASP A 30 -7.58 -14.13 -23.84
C ASP A 30 -8.91 -14.70 -23.37
N ASP A 31 -10.04 -14.25 -23.91
CA ASP A 31 -11.33 -14.57 -23.32
C ASP A 31 -12.09 -15.66 -24.06
N TYR A 32 -11.66 -16.05 -25.26
CA TYR A 32 -12.48 -16.93 -26.09
C TYR A 32 -11.67 -18.09 -26.66
N ALA A 33 -12.39 -19.17 -26.95
CA ALA A 33 -11.82 -20.29 -27.66
C ALA A 33 -11.65 -19.93 -29.14
N MET A 34 -10.90 -20.76 -29.86
CA MET A 34 -10.61 -20.48 -31.26
C MET A 34 -10.71 -21.78 -32.05
N HIS A 35 -11.15 -21.66 -33.30
CA HIS A 35 -11.36 -22.80 -34.17
C HIS A 35 -10.78 -22.55 -35.56
N TRP A 36 -10.46 -23.64 -36.23
CA TRP A 36 -10.15 -23.65 -37.66
C TRP A 36 -11.25 -24.42 -38.37
N VAL A 37 -11.93 -23.75 -39.30
CA VAL A 37 -12.91 -24.37 -40.17
C VAL A 37 -12.47 -24.14 -41.61
N ARG A 38 -12.44 -25.20 -42.40
CA ARG A 38 -11.98 -25.11 -43.78
C ARG A 38 -13.13 -25.38 -44.75
N GLN A 39 -12.89 -25.02 -46.01
CA GLN A 39 -13.87 -25.23 -47.07
C GLN A 39 -13.12 -25.54 -48.36
N ALA A 40 -13.29 -26.77 -48.85
CA ALA A 40 -12.75 -27.12 -50.16
C ALA A 40 -13.39 -26.25 -51.23
N PRO A 41 -12.70 -26.02 -52.35
CA PRO A 41 -13.26 -25.16 -53.40
C PRO A 41 -14.55 -25.75 -53.96
N GLY A 42 -15.61 -24.93 -53.98
CA GLY A 42 -16.90 -25.35 -54.44
C GLY A 42 -17.63 -26.35 -53.58
N LYS A 43 -17.07 -26.71 -52.42
CA LYS A 43 -17.61 -27.75 -51.56
C LYS A 43 -18.16 -27.12 -50.27
N GLY A 44 -18.55 -27.98 -49.33
CA GLY A 44 -19.16 -27.55 -48.09
C GLY A 44 -18.17 -27.13 -47.02
N LEU A 45 -18.67 -27.05 -45.79
CA LEU A 45 -17.87 -26.59 -44.66
C LEU A 45 -17.45 -27.78 -43.80
N GLU A 46 -16.21 -27.75 -43.33
CA GLU A 46 -15.68 -28.82 -42.47
C GLU A 46 -14.91 -28.21 -41.29
N TRP A 47 -15.30 -28.62 -40.08
CA TRP A 47 -14.56 -28.26 -38.89
C TRP A 47 -13.25 -29.05 -38.82
N VAL A 48 -12.17 -28.36 -38.47
CA VAL A 48 -10.84 -28.95 -38.43
C VAL A 48 -10.37 -29.17 -36.99
N SER A 49 -10.45 -28.14 -36.16
CA SER A 49 -9.77 -28.17 -34.86
C SER A 49 -10.19 -26.97 -34.05
N GLY A 50 -10.10 -27.12 -32.73
CA GLY A 50 -10.45 -26.06 -31.81
C GLY A 50 -9.59 -26.11 -30.57
N ILE A 51 -9.40 -24.96 -29.94
CA ILE A 51 -8.53 -24.84 -28.78
C ILE A 51 -9.18 -23.90 -27.78
N ASP A 52 -9.05 -24.23 -26.49
CA ASP A 52 -9.63 -23.41 -25.42
C ASP A 52 -8.91 -22.08 -25.32
N TRP A 53 -9.40 -21.23 -24.42
CA TRP A 53 -8.78 -19.92 -24.23
C TRP A 53 -7.35 -20.04 -23.70
N ASN A 54 -7.08 -21.07 -22.89
CA ASN A 54 -5.77 -21.28 -22.27
C ASN A 54 -5.11 -22.57 -22.75
N SER A 55 -5.46 -23.03 -23.94
CA SER A 55 -4.97 -24.30 -24.50
C SER A 55 -5.27 -25.50 -23.59
N GLY A 56 -6.19 -25.33 -22.64
CA GLY A 56 -6.46 -26.41 -21.69
C GLY A 56 -7.10 -27.64 -22.31
N SER A 57 -7.93 -27.46 -23.33
CA SER A 57 -8.58 -28.56 -24.02
C SER A 57 -8.46 -28.33 -25.51
N ILE A 58 -8.29 -29.42 -26.26
CA ILE A 58 -8.01 -29.35 -27.68
C ILE A 58 -8.85 -30.41 -28.40
N GLY A 59 -9.34 -30.06 -29.59
CA GLY A 59 -10.09 -31.00 -30.40
C GLY A 59 -9.57 -31.03 -31.82
N TYR A 60 -9.76 -32.19 -32.46
CA TYR A 60 -9.35 -32.38 -33.85
C TYR A 60 -10.40 -33.21 -34.58
N ALA A 61 -10.66 -32.87 -35.84
CA ALA A 61 -11.47 -33.72 -36.69
C ALA A 61 -10.76 -35.04 -36.96
N ASP A 62 -11.55 -36.09 -37.21
CA ASP A 62 -10.98 -37.42 -37.40
C ASP A 62 -10.07 -37.48 -38.63
N SER A 63 -10.39 -36.72 -39.67
CA SER A 63 -9.59 -36.74 -40.88
C SER A 63 -8.22 -36.08 -40.71
N VAL A 64 -8.00 -35.33 -39.63
CA VAL A 64 -6.76 -34.59 -39.45
C VAL A 64 -6.02 -34.98 -38.18
N LYS A 65 -6.55 -35.89 -37.38
CA LYS A 65 -5.88 -36.27 -36.13
C LYS A 65 -4.53 -36.92 -36.44
N GLY A 66 -3.52 -36.52 -35.68
CA GLY A 66 -2.17 -36.99 -35.88
C GLY A 66 -1.36 -36.19 -36.88
N ARG A 67 -2.02 -35.44 -37.77
CA ARG A 67 -1.33 -34.64 -38.77
C ARG A 67 -1.35 -33.15 -38.48
N PHE A 68 -2.48 -32.63 -38.00
CA PHE A 68 -2.63 -31.21 -37.72
C PHE A 68 -2.40 -30.96 -36.23
N THR A 69 -1.90 -29.76 -35.92
CA THR A 69 -1.62 -29.38 -34.54
C THR A 69 -1.98 -27.92 -34.35
N ILE A 70 -2.95 -27.67 -33.49
CA ILE A 70 -3.44 -26.32 -33.20
C ILE A 70 -2.70 -25.77 -31.99
N SER A 71 -2.44 -24.47 -32.00
CA SER A 71 -1.84 -23.79 -30.86
C SER A 71 -2.23 -22.33 -30.91
N ARG A 72 -1.96 -21.62 -29.81
CA ARG A 72 -2.24 -20.20 -29.75
C ARG A 72 -1.22 -19.53 -28.84
N ASP A 73 -0.91 -18.28 -29.16
CA ASP A 73 0.00 -17.45 -28.37
C ASP A 73 -0.80 -16.24 -27.89
N ASN A 74 -1.34 -16.34 -26.68
CA ASN A 74 -2.27 -15.32 -26.19
C ASN A 74 -1.59 -13.98 -25.97
N ALA A 75 -0.26 -13.94 -25.88
CA ALA A 75 0.43 -12.66 -25.76
C ALA A 75 0.46 -11.93 -27.08
N LYS A 76 0.60 -12.65 -28.19
CA LYS A 76 0.66 -12.06 -29.51
C LYS A 76 -0.70 -12.04 -30.22
N ASN A 77 -1.79 -12.24 -29.48
CA ASN A 77 -3.14 -12.28 -30.03
C ASN A 77 -3.19 -13.08 -31.33
N SER A 78 -2.68 -14.31 -31.28
CA SER A 78 -2.44 -15.08 -32.49
C SER A 78 -2.85 -16.53 -32.30
N LEU A 79 -3.29 -17.14 -33.40
CA LEU A 79 -3.67 -18.54 -33.45
C LEU A 79 -2.87 -19.23 -34.54
N TYR A 80 -2.57 -20.50 -34.32
CA TYR A 80 -1.72 -21.25 -35.24
C TYR A 80 -2.37 -22.60 -35.56
N LEU A 81 -2.00 -23.13 -36.73
CA LEU A 81 -2.44 -24.45 -37.17
C LEU A 81 -1.33 -25.05 -38.00
N GLN A 82 -0.65 -26.06 -37.46
CA GLN A 82 0.44 -26.73 -38.17
C GLN A 82 -0.14 -27.89 -38.97
N VAL A 83 -0.12 -27.76 -40.29
CA VAL A 83 -0.58 -28.82 -41.19
C VAL A 83 0.65 -29.59 -41.68
N ASN A 84 0.67 -30.88 -41.41
CA ASN A 84 1.78 -31.75 -41.76
C ASN A 84 1.29 -32.91 -42.61
N SER A 85 2.22 -33.55 -43.30
CA SER A 85 1.93 -34.71 -44.15
C SER A 85 0.70 -34.46 -45.01
N LEU A 86 0.84 -33.48 -45.91
CA LEU A 86 -0.31 -32.91 -46.59
C LEU A 86 -0.72 -33.75 -47.79
N ARG A 87 -2.03 -33.86 -47.99
CA ARG A 87 -2.62 -34.56 -49.13
C ARG A 87 -3.58 -33.63 -49.85
N ALA A 88 -4.04 -34.07 -51.03
CA ALA A 88 -4.78 -33.19 -51.93
C ALA A 88 -6.10 -32.72 -51.32
N GLU A 89 -6.72 -33.54 -50.47
CA GLU A 89 -8.01 -33.18 -49.88
C GLU A 89 -7.88 -32.12 -48.80
N ASP A 90 -6.66 -31.81 -48.38
CA ASP A 90 -6.42 -30.65 -47.52
C ASP A 90 -6.45 -29.34 -48.29
N THR A 91 -6.49 -29.40 -49.63
CA THR A 91 -6.61 -28.19 -50.43
C THR A 91 -7.95 -27.52 -50.14
N ALA A 92 -7.91 -26.34 -49.53
CA ALA A 92 -9.10 -25.63 -49.13
C ALA A 92 -8.71 -24.26 -48.60
N LEU A 93 -9.71 -23.38 -48.47
CA LEU A 93 -9.59 -22.16 -47.70
C LEU A 93 -9.73 -22.51 -46.22
N TYR A 94 -8.82 -21.98 -45.40
CA TYR A 94 -8.82 -22.25 -43.96
C TYR A 94 -9.25 -20.99 -43.22
N TYR A 95 -10.42 -21.06 -42.58
CA TYR A 95 -11.02 -19.92 -41.90
C TYR A 95 -10.68 -19.92 -40.41
N CYS A 96 -10.13 -18.81 -39.93
CA CYS A 96 -10.05 -18.55 -38.49
C CYS A 96 -11.44 -18.17 -37.99
N VAL A 97 -11.91 -18.83 -36.92
CA VAL A 97 -13.31 -18.73 -36.50
C VAL A 97 -13.40 -18.49 -35.00
N LYS A 98 -13.83 -17.29 -34.62
CA LYS A 98 -13.90 -16.93 -33.20
C LYS A 98 -15.10 -17.58 -32.52
N ASP A 99 -14.84 -18.17 -31.35
CA ASP A 99 -15.88 -18.77 -30.54
C ASP A 99 -16.43 -17.74 -29.56
N SER A 100 -17.67 -17.99 -29.11
CA SER A 100 -18.27 -17.14 -28.09
C SER A 100 -17.95 -17.61 -26.67
N ARG A 101 -17.56 -18.87 -26.50
CA ARG A 101 -17.24 -19.41 -25.20
C ARG A 101 -15.75 -19.35 -24.93
N ALA A 102 -15.39 -19.32 -23.65
CA ALA A 102 -13.98 -19.47 -23.30
C ALA A 102 -13.48 -20.89 -23.57
N HIS A 103 -14.38 -21.86 -23.62
CA HIS A 103 -14.03 -23.27 -23.78
C HIS A 103 -14.83 -23.86 -24.91
N TYR A 104 -14.16 -24.57 -25.82
CA TYR A 104 -14.77 -25.02 -27.06
C TYR A 104 -15.69 -26.23 -26.88
N ASP A 105 -15.64 -26.91 -25.75
CA ASP A 105 -16.38 -28.15 -25.56
C ASP A 105 -17.29 -28.08 -24.34
N ILE A 106 -17.90 -26.92 -24.10
CA ILE A 106 -18.94 -26.77 -23.09
C ILE A 106 -20.11 -26.03 -23.72
N LEU A 107 -21.30 -26.25 -23.17
CA LEU A 107 -22.49 -25.68 -23.78
C LEU A 107 -22.90 -24.33 -23.17
N ALA A 108 -22.35 -23.97 -22.02
CA ALA A 108 -22.72 -22.72 -21.38
C ALA A 108 -22.09 -21.52 -22.10
N THR A 109 -22.80 -20.39 -22.05
CA THR A 109 -22.37 -19.12 -22.63
C THR A 109 -22.22 -19.16 -24.15
N TYR A 110 -22.91 -20.08 -24.82
CA TYR A 110 -22.80 -20.22 -26.27
C TYR A 110 -23.75 -19.26 -26.96
N VAL A 111 -23.21 -18.40 -27.83
CA VAL A 111 -24.03 -17.56 -28.69
C VAL A 111 -23.49 -17.61 -30.11
N GLY A 112 -23.06 -18.79 -30.54
CA GLY A 112 -22.65 -19.01 -31.91
C GLY A 112 -21.22 -18.59 -32.17
N PHE A 113 -20.75 -18.91 -33.37
CA PHE A 113 -19.39 -18.56 -33.80
C PHE A 113 -19.41 -17.11 -34.27
N ASP A 114 -18.94 -16.21 -33.38
CA ASP A 114 -19.16 -14.77 -33.53
C ASP A 114 -18.62 -14.24 -34.86
N TYR A 115 -17.35 -14.48 -35.15
CA TYR A 115 -16.68 -13.87 -36.29
C TYR A 115 -15.86 -14.92 -37.02
N TRP A 116 -15.80 -14.79 -38.35
CA TRP A 116 -14.98 -15.65 -39.19
C TRP A 116 -14.01 -14.81 -40.00
N GLY A 117 -12.75 -15.23 -40.04
CA GLY A 117 -11.80 -14.61 -40.94
C GLY A 117 -12.18 -14.82 -42.39
N GLN A 118 -11.47 -14.11 -43.28
CA GLN A 118 -11.72 -14.26 -44.70
C GLN A 118 -11.03 -15.48 -45.31
N GLY A 119 -10.16 -16.15 -44.54
CA GLY A 119 -9.58 -17.40 -44.97
C GLY A 119 -8.25 -17.23 -45.69
N THR A 120 -7.44 -18.30 -45.64
CA THR A 120 -6.20 -18.38 -46.37
C THR A 120 -6.16 -19.69 -47.17
N LEU A 121 -5.76 -19.60 -48.43
CA LEU A 121 -5.90 -20.69 -49.38
C LEU A 121 -4.66 -21.59 -49.37
N VAL A 122 -4.89 -22.89 -49.16
CA VAL A 122 -3.82 -23.89 -49.15
C VAL A 122 -4.05 -24.85 -50.31
N THR A 123 -3.08 -24.93 -51.21
CA THR A 123 -3.16 -25.79 -52.39
C THR A 123 -2.07 -26.84 -52.32
N VAL A 124 -2.47 -28.10 -52.43
CA VAL A 124 -1.54 -29.23 -52.35
C VAL A 124 -1.44 -29.81 -53.75
N SER A 125 -0.34 -29.49 -54.43
CA SER A 125 -0.11 -29.94 -55.79
C SER A 125 1.38 -30.15 -56.00
N SER A 126 1.71 -30.98 -56.98
CA SER A 126 3.09 -31.08 -57.43
C SER A 126 3.42 -30.09 -58.54
N ALA A 127 2.41 -29.36 -59.04
CA ALA A 127 2.65 -28.31 -60.01
C ALA A 127 3.44 -27.16 -59.39
N SER A 128 4.09 -26.38 -60.24
CA SER A 128 4.94 -25.29 -59.81
C SER A 128 4.26 -23.95 -60.05
N THR A 129 4.63 -22.96 -59.24
CA THR A 129 4.04 -21.63 -59.34
C THR A 129 4.39 -20.97 -60.67
N LYS A 130 3.43 -20.24 -61.23
CA LYS A 130 3.63 -19.55 -62.50
C LYS A 130 2.88 -18.22 -62.49
N GLY A 131 3.58 -17.15 -62.84
CA GLY A 131 3.01 -15.83 -62.88
C GLY A 131 2.20 -15.60 -64.15
N PRO A 132 1.18 -14.77 -64.05
CA PRO A 132 0.23 -14.60 -65.16
C PRO A 132 0.72 -13.59 -66.19
N SER A 133 0.06 -13.63 -67.35
CA SER A 133 0.25 -12.66 -68.41
C SER A 133 -1.06 -11.94 -68.61
N VAL A 134 -1.00 -10.60 -68.64
CA VAL A 134 -2.18 -9.76 -68.70
C VAL A 134 -2.30 -9.16 -70.10
N PHE A 135 -3.45 -9.37 -70.72
CA PHE A 135 -3.70 -8.93 -72.08
C PHE A 135 -4.94 -8.06 -72.14
N PRO A 136 -4.93 -7.00 -72.94
CA PRO A 136 -6.10 -6.11 -72.99
C PRO A 136 -7.27 -6.75 -73.70
N LEU A 137 -8.47 -6.47 -73.20
CA LEU A 137 -9.71 -6.69 -73.93
C LEU A 137 -10.16 -5.30 -74.37
N ALA A 138 -9.75 -4.93 -75.58
CA ALA A 138 -9.85 -3.54 -76.04
C ALA A 138 -11.28 -3.21 -76.47
N PRO A 139 -11.77 -2.02 -76.13
CA PRO A 139 -13.09 -1.59 -76.63
C PRO A 139 -13.03 -1.24 -78.10
N SER A 140 -14.12 -1.54 -78.80
CA SER A 140 -14.19 -1.35 -80.25
C SER A 140 -15.64 -1.31 -80.67
N SER A 141 -15.86 -1.12 -81.98
CA SER A 141 -17.21 -1.14 -82.53
C SER A 141 -17.96 -2.41 -82.12
N LYS A 142 -17.25 -3.53 -82.01
CA LYS A 142 -17.87 -4.81 -81.74
C LYS A 142 -18.17 -5.01 -80.27
N SER A 143 -17.75 -4.07 -79.42
CA SER A 143 -17.94 -4.18 -77.97
C SER A 143 -18.70 -2.99 -77.40
N THR A 144 -19.64 -2.42 -78.17
CA THR A 144 -20.54 -1.40 -77.68
C THR A 144 -21.99 -1.84 -77.87
N SER A 145 -22.86 -1.42 -76.95
CA SER A 145 -24.30 -1.70 -76.99
C SER A 145 -25.03 -0.40 -76.68
N GLY A 146 -25.21 0.43 -77.70
CA GLY A 146 -25.82 1.73 -77.51
C GLY A 146 -24.81 2.73 -76.97
N GLY A 147 -25.07 3.22 -75.76
CA GLY A 147 -24.16 4.17 -75.15
C GLY A 147 -23.18 3.52 -74.19
N THR A 148 -23.45 2.27 -73.83
CA THR A 148 -22.55 1.53 -72.94
C THR A 148 -21.53 0.75 -73.77
N ALA A 149 -20.28 0.78 -73.30
CA ALA A 149 -19.18 0.10 -73.97
C ALA A 149 -18.50 -0.85 -72.98
N ALA A 150 -17.86 -1.88 -73.52
CA ALA A 150 -17.22 -2.92 -72.72
C ALA A 150 -15.72 -2.99 -73.03
N LEU A 151 -14.91 -3.12 -71.98
CA LEU A 151 -13.49 -3.38 -72.10
C LEU A 151 -13.10 -4.31 -70.96
N GLY A 152 -11.82 -4.70 -70.92
CA GLY A 152 -11.38 -5.53 -69.82
C GLY A 152 -9.95 -6.03 -69.97
N CYS A 153 -9.62 -7.02 -69.14
CA CYS A 153 -8.29 -7.61 -69.06
C CYS A 153 -8.39 -9.12 -69.02
N LEU A 154 -7.58 -9.79 -69.82
CA LEU A 154 -7.47 -11.25 -69.80
C LEU A 154 -6.23 -11.64 -69.00
N VAL A 155 -6.45 -12.24 -67.83
CA VAL A 155 -5.37 -12.79 -67.01
C VAL A 155 -5.28 -14.27 -67.32
N LYS A 156 -4.11 -14.72 -67.80
CA LYS A 156 -3.99 -16.06 -68.35
C LYS A 156 -2.72 -16.74 -67.86
N ASP A 157 -2.79 -18.07 -67.76
CA ASP A 157 -1.65 -18.95 -67.52
C ASP A 157 -0.97 -18.65 -66.18
N TYR A 158 -1.64 -19.06 -65.11
CA TYR A 158 -1.11 -18.91 -63.76
C TYR A 158 -1.63 -20.05 -62.90
N PHE A 159 -0.74 -20.74 -62.18
CA PHE A 159 -1.22 -21.93 -61.50
C PHE A 159 -1.79 -21.69 -60.11
N PRO A 160 -1.07 -21.04 -59.19
CA PRO A 160 -1.66 -20.81 -57.87
C PRO A 160 -2.92 -19.95 -57.99
N GLU A 161 -3.99 -20.42 -57.36
CA GLU A 161 -5.30 -19.81 -57.59
C GLU A 161 -5.41 -18.35 -57.19
N PRO A 162 -4.87 -17.87 -56.06
CA PRO A 162 -5.15 -16.48 -55.65
C PRO A 162 -4.74 -15.47 -56.71
N VAL A 163 -5.69 -14.60 -57.07
CA VAL A 163 -5.45 -13.55 -58.05
C VAL A 163 -6.43 -12.42 -57.78
N THR A 164 -5.94 -11.19 -57.86
CA THR A 164 -6.74 -10.00 -57.61
C THR A 164 -6.71 -9.11 -58.84
N VAL A 165 -7.84 -8.48 -59.13
CA VAL A 165 -7.94 -7.48 -60.19
C VAL A 165 -8.73 -6.31 -59.66
N SER A 166 -8.19 -5.10 -59.85
CA SER A 166 -8.89 -3.87 -59.53
C SER A 166 -8.73 -2.92 -60.70
N TRP A 167 -9.60 -1.92 -60.77
CA TRP A 167 -9.64 -1.01 -61.91
C TRP A 167 -9.35 0.41 -61.48
N ASN A 168 -8.44 1.06 -62.20
CA ASN A 168 -7.98 2.42 -61.88
C ASN A 168 -7.60 2.54 -60.41
N SER A 169 -6.92 1.49 -59.91
CA SER A 169 -6.43 1.44 -58.53
C SER A 169 -7.57 1.58 -57.52
N GLY A 170 -8.65 0.81 -57.75
CA GLY A 170 -9.79 0.80 -56.86
C GLY A 170 -10.76 1.94 -57.04
N ALA A 171 -10.45 2.92 -57.89
CA ALA A 171 -11.33 4.07 -58.11
C ALA A 171 -12.46 3.78 -59.09
N LEU A 172 -12.42 2.66 -59.80
CA LEU A 172 -13.48 2.23 -60.70
C LEU A 172 -14.02 0.90 -60.19
N THR A 173 -15.27 0.89 -59.72
CA THR A 173 -15.88 -0.31 -59.14
C THR A 173 -17.23 -0.67 -59.73
N SER A 174 -17.95 0.28 -60.32
CA SER A 174 -19.27 0.01 -60.89
C SER A 174 -19.16 -0.65 -62.25
N GLY A 175 -19.99 -1.66 -62.48
CA GLY A 175 -19.96 -2.38 -63.73
C GLY A 175 -18.77 -3.29 -63.91
N VAL A 176 -17.99 -3.52 -62.85
CA VAL A 176 -16.84 -4.41 -62.89
C VAL A 176 -17.30 -5.82 -62.62
N HIS A 177 -16.81 -6.77 -63.41
CA HIS A 177 -17.14 -8.19 -63.25
C HIS A 177 -15.84 -8.96 -63.41
N THR A 178 -15.21 -9.31 -62.30
CA THR A 178 -14.09 -10.23 -62.33
C THR A 178 -14.63 -11.66 -62.32
N PHE A 179 -14.28 -12.42 -63.32
CA PHE A 179 -14.90 -13.72 -63.45
C PHE A 179 -14.17 -14.78 -62.61
N PRO A 180 -14.90 -15.81 -62.20
CA PRO A 180 -14.24 -16.96 -61.57
C PRO A 180 -13.19 -17.56 -62.49
N ALA A 181 -12.07 -17.94 -61.91
CA ALA A 181 -11.02 -18.59 -62.69
C ALA A 181 -11.53 -19.90 -63.27
N VAL A 182 -10.91 -20.33 -64.36
CA VAL A 182 -11.19 -21.60 -65.00
C VAL A 182 -9.88 -22.35 -65.14
N LEU A 183 -9.85 -23.60 -64.69
CA LEU A 183 -8.69 -24.45 -64.89
C LEU A 183 -8.68 -24.97 -66.32
N GLN A 184 -7.66 -24.58 -67.08
CA GLN A 184 -7.51 -25.04 -68.45
C GLN A 184 -6.96 -26.47 -68.47
N SER A 185 -7.00 -27.08 -69.66
CA SER A 185 -6.50 -28.44 -69.81
C SER A 185 -5.02 -28.55 -69.44
N SER A 186 -4.26 -27.47 -69.66
CA SER A 186 -2.85 -27.43 -69.30
C SER A 186 -2.61 -27.46 -67.80
N GLY A 187 -3.66 -27.43 -67.00
CA GLY A 187 -3.50 -27.35 -65.56
C GLY A 187 -3.25 -25.96 -65.04
N LEU A 188 -3.43 -24.94 -65.87
CA LEU A 188 -3.26 -23.56 -65.47
C LEU A 188 -4.62 -22.89 -65.37
N TYR A 189 -4.65 -21.74 -64.70
CA TYR A 189 -5.88 -20.98 -64.55
C TYR A 189 -5.90 -19.80 -65.51
N SER A 190 -7.09 -19.26 -65.73
CA SER A 190 -7.25 -18.07 -66.56
C SER A 190 -8.60 -17.44 -66.27
N LEU A 191 -8.67 -16.12 -66.38
CA LEU A 191 -9.92 -15.40 -66.12
C LEU A 191 -9.90 -14.10 -66.90
N SER A 192 -11.03 -13.38 -66.82
CA SER A 192 -11.15 -12.08 -67.45
C SER A 192 -11.88 -11.14 -66.50
N SER A 193 -11.48 -9.87 -66.50
CA SER A 193 -12.12 -8.83 -65.72
C SER A 193 -12.62 -7.78 -66.69
N VAL A 194 -13.94 -7.68 -66.84
CA VAL A 194 -14.54 -6.75 -67.78
C VAL A 194 -15.17 -5.58 -67.01
N VAL A 195 -15.33 -4.45 -67.70
CA VAL A 195 -16.00 -3.28 -67.16
C VAL A 195 -16.91 -2.70 -68.24
N THR A 196 -18.04 -2.15 -67.79
CA THR A 196 -18.98 -1.47 -68.67
C THR A 196 -18.96 0.02 -68.34
N VAL A 197 -18.63 0.84 -69.34
CA VAL A 197 -18.56 2.29 -69.18
C VAL A 197 -19.38 2.94 -70.28
N PRO A 198 -19.73 4.23 -70.15
CA PRO A 198 -20.36 4.94 -71.27
C PRO A 198 -19.40 5.06 -72.46
N SER A 199 -19.98 5.01 -73.65
CA SER A 199 -19.20 5.08 -74.88
C SER A 199 -18.41 6.38 -74.97
N SER A 200 -19.06 7.51 -74.65
CA SER A 200 -18.42 8.82 -74.77
C SER A 200 -17.14 8.93 -73.94
N SER A 201 -16.94 8.02 -72.98
CA SER A 201 -15.78 8.12 -72.10
C SER A 201 -14.51 7.55 -72.71
N LEU A 202 -14.63 6.57 -73.62
CA LEU A 202 -13.45 6.08 -74.32
C LEU A 202 -12.79 7.24 -75.06
N GLY A 203 -11.46 7.28 -75.04
CA GLY A 203 -10.76 8.41 -75.60
C GLY A 203 -10.80 9.67 -74.77
N THR A 204 -11.45 9.65 -73.62
CA THR A 204 -11.37 10.70 -72.61
C THR A 204 -10.88 10.19 -71.27
N GLN A 205 -11.32 9.00 -70.87
CA GLN A 205 -10.92 8.38 -69.62
C GLN A 205 -9.94 7.25 -69.91
N THR A 206 -8.83 7.24 -69.17
CA THR A 206 -7.85 6.17 -69.28
C THR A 206 -8.24 5.06 -68.31
N TYR A 207 -8.31 3.84 -68.82
CA TYR A 207 -8.69 2.67 -68.03
C TYR A 207 -7.49 1.75 -67.86
N ILE A 208 -7.18 1.43 -66.61
CA ILE A 208 -6.01 0.64 -66.25
C ILE A 208 -6.45 -0.43 -65.26
N CYS A 209 -6.17 -1.69 -65.56
CA CYS A 209 -6.49 -2.79 -64.66
C CYS A 209 -5.25 -3.24 -63.91
N ASN A 210 -5.41 -3.44 -62.61
CA ASN A 210 -4.32 -3.76 -61.71
C ASN A 210 -4.45 -5.22 -61.29
N VAL A 211 -3.57 -6.07 -61.82
CA VAL A 211 -3.61 -7.50 -61.58
C VAL A 211 -2.53 -7.85 -60.56
N ASN A 212 -2.89 -8.66 -59.56
CA ASN A 212 -1.99 -9.01 -58.47
C ASN A 212 -2.00 -10.52 -58.28
N HIS A 213 -0.85 -11.15 -58.49
CA HIS A 213 -0.66 -12.58 -58.25
C HIS A 213 0.41 -12.73 -57.17
N LYS A 214 -0.02 -12.62 -55.92
CA LYS A 214 0.94 -12.63 -54.81
C LYS A 214 1.82 -13.88 -54.77
N PRO A 215 1.33 -15.09 -55.10
CA PRO A 215 2.25 -16.25 -55.14
C PRO A 215 3.49 -16.05 -55.98
N SER A 216 3.41 -15.29 -57.07
CA SER A 216 4.53 -15.09 -57.98
C SER A 216 5.13 -13.69 -57.92
N ASN A 217 4.71 -12.88 -56.94
CA ASN A 217 5.18 -11.50 -56.79
C ASN A 217 4.96 -10.67 -58.05
N THR A 218 3.92 -11.00 -58.82
CA THR A 218 3.61 -10.31 -60.07
C THR A 218 2.54 -9.25 -59.81
N LYS A 219 2.90 -7.99 -60.02
CA LYS A 219 1.94 -6.88 -60.04
C LYS A 219 2.02 -6.21 -61.40
N VAL A 220 0.90 -6.21 -62.12
CA VAL A 220 0.83 -5.66 -63.47
C VAL A 220 -0.20 -4.54 -63.48
N ASP A 221 0.16 -3.42 -64.08
CA ASP A 221 -0.79 -2.36 -64.44
C ASP A 221 -0.85 -2.32 -65.96
N LYS A 222 -2.00 -2.69 -66.52
CA LYS A 222 -2.16 -2.79 -67.96
C LYS A 222 -3.14 -1.73 -68.44
N ARG A 223 -2.69 -0.87 -69.36
CA ARG A 223 -3.54 0.16 -69.94
C ARG A 223 -4.36 -0.46 -71.06
N VAL A 224 -5.67 -0.36 -70.96
CA VAL A 224 -6.58 -0.85 -71.99
C VAL A 224 -6.98 0.34 -72.85
N GLU A 225 -6.47 0.37 -74.07
CA GLU A 225 -6.71 1.38 -75.09
C GLU A 225 -7.79 0.91 -76.05
N PRO A 226 -8.55 1.82 -76.65
CA PRO A 226 -9.53 1.44 -77.67
C PRO A 226 -8.90 1.36 -79.06
N LYS A 227 -9.45 0.45 -79.86
CA LYS A 227 -9.02 0.32 -81.25
C LYS A 227 -10.24 0.36 -82.19
N ILE B 2 -22.80 -36.68 -35.92
CA ILE B 2 -24.10 -36.15 -36.34
C ILE B 2 -24.04 -35.64 -37.78
N VAL B 3 -25.05 -35.99 -38.57
CA VAL B 3 -25.09 -35.66 -39.99
C VAL B 3 -26.20 -34.63 -40.20
N MET B 4 -25.84 -33.51 -40.82
CA MET B 4 -26.82 -32.48 -41.16
C MET B 4 -27.13 -32.55 -42.65
N THR B 5 -28.41 -32.48 -42.98
CA THR B 5 -28.87 -32.53 -44.37
C THR B 5 -29.89 -31.43 -44.60
N GLN B 6 -29.70 -30.66 -45.68
CA GLN B 6 -30.58 -29.57 -46.05
C GLN B 6 -31.35 -29.95 -47.30
N PHE B 7 -32.69 -29.88 -47.23
CA PHE B 7 -33.48 -30.38 -48.36
C PHE B 7 -33.37 -29.48 -49.58
N PRO B 8 -33.81 -28.21 -49.56
CA PRO B 8 -33.67 -27.40 -50.78
C PRO B 8 -32.21 -27.03 -50.99
N LEU B 9 -31.55 -27.67 -51.97
CA LEU B 9 -30.15 -27.35 -52.24
C LEU B 9 -30.00 -26.02 -52.96
N SER B 10 -30.98 -25.65 -53.78
CA SER B 10 -31.07 -24.32 -54.38
C SER B 10 -32.52 -23.86 -54.29
N LEU B 11 -32.73 -22.65 -53.77
CA LEU B 11 -34.07 -22.10 -53.58
C LEU B 11 -34.24 -20.82 -54.38
N PRO B 12 -34.95 -20.86 -55.52
CA PRO B 12 -35.27 -19.62 -56.24
C PRO B 12 -36.52 -18.97 -55.63
N VAL B 13 -36.43 -17.69 -55.33
CA VAL B 13 -37.50 -16.98 -54.63
C VAL B 13 -37.62 -15.56 -55.17
N THR B 14 -38.85 -15.15 -55.50
CA THR B 14 -39.10 -13.82 -56.02
C THR B 14 -38.95 -12.78 -54.91
N PRO B 15 -38.42 -11.60 -55.22
CA PRO B 15 -38.31 -10.55 -54.19
C PRO B 15 -39.66 -10.23 -53.58
N GLY B 16 -39.65 -9.92 -52.28
CA GLY B 16 -40.86 -9.63 -51.52
C GLY B 16 -41.57 -10.85 -50.98
N GLU B 17 -41.34 -12.04 -51.58
CA GLU B 17 -41.96 -13.31 -51.22
C GLU B 17 -41.09 -14.06 -50.21
N PRO B 18 -41.71 -14.63 -49.17
CA PRO B 18 -40.95 -15.38 -48.16
C PRO B 18 -40.20 -16.56 -48.76
N ALA B 19 -39.24 -17.06 -47.98
CA ALA B 19 -38.45 -18.24 -48.30
C ALA B 19 -38.37 -19.13 -47.07
N SER B 20 -38.04 -20.40 -47.29
CA SER B 20 -38.03 -21.39 -46.22
C SER B 20 -37.04 -22.49 -46.56
N ILE B 21 -36.19 -22.84 -45.59
CA ILE B 21 -35.12 -23.82 -45.77
C ILE B 21 -35.24 -24.88 -44.69
N SER B 22 -35.03 -26.14 -45.07
CA SER B 22 -35.18 -27.26 -44.15
C SER B 22 -33.83 -27.79 -43.69
N CYS B 23 -33.82 -28.41 -42.52
CA CYS B 23 -32.60 -28.96 -41.93
C CYS B 23 -32.98 -30.18 -41.11
N ARG B 24 -32.67 -31.36 -41.61
CA ARG B 24 -32.82 -32.58 -40.85
C ARG B 24 -31.47 -32.99 -40.27
N SER B 25 -31.52 -33.64 -39.11
CA SER B 25 -30.31 -34.10 -38.45
C SER B 25 -30.52 -35.55 -38.00
N SER B 26 -29.40 -36.25 -37.80
CA SER B 26 -29.47 -37.67 -37.46
C SER B 26 -29.77 -37.91 -35.99
N GLN B 27 -29.26 -37.06 -35.11
CA GLN B 27 -29.54 -37.14 -33.68
C GLN B 27 -30.29 -35.89 -33.24
N SER B 28 -31.02 -36.02 -32.13
CA SER B 28 -31.76 -34.89 -31.60
C SER B 28 -30.81 -33.84 -31.01
N LEU B 29 -30.95 -32.60 -31.47
CA LEU B 29 -30.19 -31.47 -30.93
C LEU B 29 -30.85 -30.80 -29.74
N LEU B 30 -31.93 -31.37 -29.21
CA LEU B 30 -32.51 -30.85 -27.97
C LEU B 30 -31.68 -31.36 -26.80
N HIS B 31 -31.34 -30.46 -25.88
CA HIS B 31 -30.55 -30.80 -24.70
C HIS B 31 -31.41 -30.67 -23.45
N SER B 32 -30.87 -31.18 -22.34
CA SER B 32 -31.58 -31.12 -21.06
C SER B 32 -31.95 -29.68 -20.69
N ASN B 33 -31.07 -28.72 -21.00
CA ASN B 33 -31.36 -27.32 -20.64
C ASN B 33 -32.37 -26.68 -21.56
N GLY B 34 -33.04 -27.45 -22.42
CA GLY B 34 -34.15 -26.96 -23.21
C GLY B 34 -33.78 -26.28 -24.50
N ASN B 35 -32.49 -26.13 -24.79
CA ASN B 35 -32.05 -25.45 -25.99
C ASN B 35 -31.84 -26.45 -27.13
N ASN B 36 -31.99 -25.96 -28.36
CA ASN B 36 -31.69 -26.73 -29.56
C ASN B 36 -30.39 -26.18 -30.13
N TYR B 37 -29.34 -27.01 -30.10
CA TYR B 37 -28.00 -26.54 -30.46
C TYR B 37 -27.80 -26.68 -31.97
N LEU B 38 -28.48 -25.78 -32.68
CA LEU B 38 -28.37 -25.65 -34.12
C LEU B 38 -28.20 -24.17 -34.46
N ASP B 39 -27.31 -23.89 -35.40
CA ASP B 39 -27.06 -22.54 -35.87
C ASP B 39 -27.35 -22.43 -37.36
N TRP B 40 -27.44 -21.19 -37.83
CA TRP B 40 -27.53 -20.89 -39.24
C TRP B 40 -26.41 -19.93 -39.59
N TYR B 41 -25.75 -20.19 -40.72
CA TYR B 41 -24.64 -19.37 -41.19
C TYR B 41 -24.88 -19.01 -42.64
N LEU B 42 -24.78 -17.71 -42.94
CA LEU B 42 -24.95 -17.21 -44.30
C LEU B 42 -23.58 -16.88 -44.88
N GLN B 43 -23.29 -17.43 -46.06
CA GLN B 43 -22.08 -17.13 -46.81
C GLN B 43 -22.49 -16.33 -48.05
N LYS B 44 -22.29 -15.01 -47.98
CA LYS B 44 -22.58 -14.14 -49.10
C LYS B 44 -21.51 -14.25 -50.18
N PRO B 45 -21.82 -13.86 -51.40
CA PRO B 45 -20.86 -14.02 -52.50
C PRO B 45 -19.50 -13.40 -52.23
N GLY B 46 -18.45 -14.20 -52.39
CA GLY B 46 -17.09 -13.71 -52.25
C GLY B 46 -16.64 -13.45 -50.83
N GLN B 47 -17.33 -14.02 -49.84
CA GLN B 47 -17.00 -13.81 -48.44
C GLN B 47 -17.09 -15.12 -47.69
N SER B 48 -16.41 -15.17 -46.54
CA SER B 48 -16.51 -16.33 -45.67
C SER B 48 -17.88 -16.34 -45.00
N PRO B 49 -18.29 -17.48 -44.44
CA PRO B 49 -19.59 -17.52 -43.75
C PRO B 49 -19.57 -16.63 -42.51
N GLN B 50 -20.75 -16.10 -42.17
CA GLN B 50 -20.94 -15.31 -40.97
C GLN B 50 -22.15 -15.84 -40.21
N LEU B 51 -22.18 -15.58 -38.90
CA LEU B 51 -23.27 -16.07 -38.08
C LEU B 51 -24.57 -15.36 -38.43
N LEU B 52 -25.65 -16.13 -38.58
CA LEU B 52 -26.97 -15.59 -38.81
C LEU B 52 -27.86 -15.85 -37.59
N ILE B 53 -28.16 -17.11 -37.30
CA ILE B 53 -28.96 -17.52 -36.16
C ILE B 53 -28.12 -18.42 -35.29
N TYR B 54 -28.19 -18.19 -33.97
CA TYR B 54 -27.62 -19.10 -32.99
C TYR B 54 -28.72 -19.61 -32.07
N LEU B 55 -28.55 -20.85 -31.60
CA LEU B 55 -29.47 -21.48 -30.65
C LEU B 55 -30.90 -21.52 -31.19
N ASN B 56 -31.01 -21.78 -32.49
CA ASN B 56 -32.26 -21.97 -33.23
C ASN B 56 -33.04 -20.68 -33.49
N SER B 57 -33.22 -19.82 -32.49
CA SER B 57 -34.18 -18.73 -32.63
C SER B 57 -33.63 -17.37 -32.23
N ASN B 58 -32.31 -17.21 -32.16
CA ASN B 58 -31.71 -15.94 -31.77
C ASN B 58 -30.90 -15.36 -32.92
N ARG B 59 -31.07 -14.05 -33.14
CA ARG B 59 -30.35 -13.37 -34.19
C ARG B 59 -29.02 -12.85 -33.67
N ALA B 60 -27.98 -12.99 -34.49
CA ALA B 60 -26.71 -12.34 -34.20
C ALA B 60 -26.83 -10.83 -34.40
N SER B 61 -25.79 -10.12 -33.99
CA SER B 61 -25.80 -8.67 -34.09
C SER B 61 -25.97 -8.23 -35.54
N GLY B 62 -26.94 -7.33 -35.76
CA GLY B 62 -27.17 -6.74 -37.07
C GLY B 62 -28.08 -7.51 -37.99
N VAL B 63 -28.58 -8.66 -37.57
CA VAL B 63 -29.44 -9.47 -38.43
C VAL B 63 -30.86 -8.93 -38.41
N PRO B 64 -31.41 -8.56 -39.57
CA PRO B 64 -32.76 -7.95 -39.60
C PRO B 64 -33.83 -8.87 -39.02
N ASP B 65 -34.97 -8.26 -38.71
CA ASP B 65 -36.10 -8.97 -38.14
C ASP B 65 -36.75 -9.95 -39.12
N ARG B 66 -36.40 -9.89 -40.40
CA ARG B 66 -37.01 -10.76 -41.39
C ARG B 66 -36.53 -12.20 -41.26
N PHE B 67 -35.36 -12.43 -40.68
CA PHE B 67 -34.80 -13.76 -40.51
C PHE B 67 -35.30 -14.37 -39.20
N SER B 68 -35.86 -15.57 -39.28
CA SER B 68 -36.32 -16.28 -38.09
C SER B 68 -35.97 -17.76 -38.19
N GLY B 69 -35.84 -18.39 -37.04
CA GLY B 69 -35.51 -19.81 -36.99
C GLY B 69 -36.48 -20.56 -36.11
N SER B 70 -36.66 -21.84 -36.43
CA SER B 70 -37.64 -22.67 -35.74
C SER B 70 -37.21 -24.13 -35.86
N GLY B 71 -37.88 -24.98 -35.10
CA GLY B 71 -37.61 -26.40 -35.07
C GLY B 71 -37.29 -26.89 -33.67
N SER B 72 -37.10 -28.20 -33.57
CA SER B 72 -36.73 -28.87 -32.33
C SER B 72 -36.42 -30.32 -32.62
N GLY B 73 -35.34 -30.81 -32.04
CA GLY B 73 -34.98 -32.23 -32.16
C GLY B 73 -34.17 -32.51 -33.43
N THR B 74 -34.81 -33.17 -34.40
CA THR B 74 -34.15 -33.57 -35.64
C THR B 74 -34.81 -32.92 -36.86
N ASP B 75 -35.32 -31.70 -36.70
CA ASP B 75 -36.04 -31.05 -37.79
C ASP B 75 -36.13 -29.57 -37.52
N PHE B 76 -35.53 -28.76 -38.39
CA PHE B 76 -35.47 -27.32 -38.18
C PHE B 76 -35.74 -26.60 -39.50
N THR B 77 -36.08 -25.31 -39.40
CA THR B 77 -36.45 -24.52 -40.56
C THR B 77 -36.08 -23.07 -40.36
N LEU B 78 -35.33 -22.52 -41.32
CA LEU B 78 -35.06 -21.08 -41.38
C LEU B 78 -36.04 -20.43 -42.33
N LYS B 79 -36.58 -19.28 -41.93
CA LYS B 79 -37.58 -18.58 -42.73
C LYS B 79 -37.22 -17.11 -42.86
N ILE B 80 -37.41 -16.56 -44.06
CA ILE B 80 -37.27 -15.14 -44.32
C ILE B 80 -38.65 -14.61 -44.69
N SER B 81 -39.04 -13.47 -44.10
CA SER B 81 -40.32 -12.88 -44.47
C SER B 81 -40.24 -12.19 -45.83
N ARG B 82 -39.38 -11.18 -45.97
CA ARG B 82 -39.27 -10.46 -47.24
C ARG B 82 -37.85 -10.66 -47.75
N VAL B 83 -37.71 -11.52 -48.76
CA VAL B 83 -36.41 -11.73 -49.38
C VAL B 83 -35.97 -10.46 -50.09
N GLU B 84 -34.69 -10.14 -49.97
CA GLU B 84 -34.11 -8.99 -50.63
C GLU B 84 -32.93 -9.41 -51.49
N ALA B 85 -32.50 -8.52 -52.38
CA ALA B 85 -31.42 -8.86 -53.30
C ALA B 85 -30.11 -9.10 -52.55
N GLU B 86 -29.90 -8.41 -51.43
CA GLU B 86 -28.70 -8.65 -50.63
C GLU B 86 -28.71 -10.03 -49.99
N ASP B 87 -29.87 -10.65 -49.83
CA ASP B 87 -29.94 -11.96 -49.19
C ASP B 87 -29.29 -13.07 -50.03
N VAL B 88 -28.76 -12.77 -51.22
CA VAL B 88 -28.14 -13.80 -52.05
C VAL B 88 -26.98 -14.42 -51.28
N GLY B 89 -26.83 -15.72 -51.45
CA GLY B 89 -25.75 -16.45 -50.79
C GLY B 89 -26.18 -17.87 -50.49
N VAL B 90 -25.29 -18.58 -49.81
CA VAL B 90 -25.52 -19.95 -49.39
C VAL B 90 -25.77 -19.95 -47.89
N TYR B 91 -26.84 -20.60 -47.47
CA TYR B 91 -27.19 -20.73 -46.06
C TYR B 91 -26.82 -22.13 -45.58
N TYR B 92 -26.12 -22.19 -44.45
CA TYR B 92 -25.55 -23.42 -43.95
C TYR B 92 -26.14 -23.78 -42.59
N CYS B 93 -26.38 -25.06 -42.39
CA CYS B 93 -26.69 -25.60 -41.08
C CYS B 93 -25.40 -25.87 -40.30
N MET B 94 -25.51 -25.82 -38.98
CA MET B 94 -24.43 -26.30 -38.13
C MET B 94 -25.02 -26.69 -36.79
N GLN B 95 -24.52 -27.76 -36.21
CA GLN B 95 -24.93 -28.19 -34.87
C GLN B 95 -23.77 -27.96 -33.91
N ALA B 96 -24.11 -27.52 -32.70
CA ALA B 96 -23.11 -27.23 -31.68
C ALA B 96 -23.17 -28.21 -30.51
N LEU B 97 -24.06 -29.20 -30.56
CA LEU B 97 -24.17 -30.17 -29.48
C LEU B 97 -22.90 -31.00 -29.34
N GLN B 98 -22.32 -31.43 -30.46
CA GLN B 98 -21.05 -32.12 -30.50
C GLN B 98 -20.04 -31.22 -31.22
N THR B 99 -18.95 -31.83 -31.69
CA THR B 99 -18.03 -31.11 -32.54
C THR B 99 -18.77 -30.67 -33.81
N PRO B 100 -18.49 -29.47 -34.33
CA PRO B 100 -19.37 -28.88 -35.34
C PRO B 100 -19.45 -29.70 -36.62
N THR B 101 -20.67 -30.08 -36.97
CA THR B 101 -20.99 -30.61 -38.29
C THR B 101 -21.86 -29.63 -39.05
N PHE B 102 -21.64 -29.55 -40.36
CA PHE B 102 -22.37 -28.63 -41.21
C PHE B 102 -23.25 -29.42 -42.19
N GLY B 103 -24.25 -28.73 -42.71
CA GLY B 103 -25.00 -29.27 -43.81
C GLY B 103 -24.43 -28.82 -45.14
N GLN B 104 -24.74 -29.57 -46.19
CA GLN B 104 -24.48 -29.05 -47.53
C GLN B 104 -25.37 -27.84 -47.74
N GLY B 105 -24.79 -26.75 -48.22
CA GLY B 105 -25.47 -25.47 -48.18
C GLY B 105 -26.70 -25.41 -49.08
N THR B 106 -27.45 -24.33 -48.89
CA THR B 106 -28.58 -24.00 -49.76
C THR B 106 -28.29 -22.67 -50.44
N ARG B 107 -28.25 -22.69 -51.78
CA ARG B 107 -28.08 -21.45 -52.53
C ARG B 107 -29.42 -20.75 -52.67
N LEU B 108 -29.47 -19.47 -52.31
CA LEU B 108 -30.67 -18.67 -52.44
C LEU B 108 -30.58 -17.84 -53.72
N GLU B 109 -31.43 -18.14 -54.68
CA GLU B 109 -31.49 -17.40 -55.94
C GLU B 109 -32.69 -16.45 -55.91
N ILE B 110 -32.50 -15.29 -56.53
CA ILE B 110 -33.51 -14.23 -56.54
C ILE B 110 -34.24 -14.29 -57.88
N LYS B 111 -35.50 -14.71 -57.85
CA LYS B 111 -36.27 -14.84 -59.09
C LYS B 111 -36.65 -13.46 -59.63
N ARG B 112 -35.80 -12.91 -60.49
CA ARG B 112 -35.89 -11.56 -61.01
C ARG B 112 -36.72 -11.54 -62.29
N THR B 113 -37.16 -10.34 -62.69
CA THR B 113 -37.76 -10.17 -64.01
C THR B 113 -36.72 -10.47 -65.09
N VAL B 114 -37.20 -10.98 -66.23
CA VAL B 114 -36.29 -11.38 -67.30
C VAL B 114 -35.51 -10.17 -67.81
N ALA B 115 -34.22 -10.38 -68.04
CA ALA B 115 -33.34 -9.32 -68.53
C ALA B 115 -32.47 -9.88 -69.65
N ALA B 116 -32.61 -9.32 -70.84
CA ALA B 116 -31.80 -9.76 -71.96
C ALA B 116 -30.32 -9.44 -71.69
N PRO B 117 -29.41 -10.19 -72.29
CA PRO B 117 -27.98 -9.92 -72.09
C PRO B 117 -27.46 -8.90 -73.09
N SER B 118 -26.42 -8.19 -72.66
CA SER B 118 -25.64 -7.35 -73.56
C SER B 118 -24.46 -8.17 -74.06
N VAL B 119 -24.37 -8.36 -75.37
CA VAL B 119 -23.39 -9.25 -75.97
C VAL B 119 -22.25 -8.43 -76.55
N PHE B 120 -21.02 -8.78 -76.16
CA PHE B 120 -19.81 -8.12 -76.62
C PHE B 120 -18.79 -9.18 -77.02
N ILE B 121 -17.95 -8.86 -78.00
CA ILE B 121 -16.91 -9.77 -78.47
C ILE B 121 -15.58 -9.02 -78.54
N PHE B 122 -14.51 -9.66 -78.06
CA PHE B 122 -13.18 -9.08 -78.06
C PHE B 122 -12.25 -9.95 -78.87
N PRO B 123 -11.62 -9.43 -79.91
CA PRO B 123 -10.59 -10.20 -80.63
C PRO B 123 -9.33 -10.31 -79.78
N PRO B 124 -8.43 -11.25 -80.09
CA PRO B 124 -7.19 -11.35 -79.32
C PRO B 124 -6.33 -10.10 -79.47
N SER B 125 -5.66 -9.72 -78.38
CA SER B 125 -4.70 -8.64 -78.45
C SER B 125 -3.55 -9.00 -79.40
N ASP B 126 -2.92 -7.97 -79.96
CA ASP B 126 -1.80 -8.23 -80.85
C ASP B 126 -0.62 -8.82 -80.09
N GLU B 127 -0.42 -8.40 -78.84
CA GLU B 127 0.69 -8.93 -78.06
C GLU B 127 0.43 -10.36 -77.59
N GLN B 128 -0.82 -10.82 -77.61
CA GLN B 128 -1.06 -12.22 -77.34
C GLN B 128 -0.69 -13.08 -78.54
N LEU B 129 -1.03 -12.64 -79.75
CA LEU B 129 -0.68 -13.40 -80.94
C LEU B 129 0.82 -13.47 -81.14
N LYS B 130 1.56 -12.47 -80.66
CA LYS B 130 3.02 -12.51 -80.70
C LYS B 130 3.59 -13.63 -79.85
N SER B 131 2.80 -14.23 -78.97
CA SER B 131 3.23 -15.34 -78.12
C SER B 131 2.75 -16.69 -78.61
N GLY B 132 1.98 -16.73 -79.71
CA GLY B 132 1.55 -17.98 -80.30
C GLY B 132 0.19 -18.49 -79.85
N THR B 133 -0.63 -17.66 -79.23
CA THR B 133 -1.94 -18.07 -78.74
C THR B 133 -2.94 -16.97 -79.03
N ALA B 134 -4.21 -17.36 -79.21
CA ALA B 134 -5.28 -16.43 -79.54
C ALA B 134 -6.50 -16.73 -78.69
N SER B 135 -6.94 -15.74 -77.90
CA SER B 135 -8.13 -15.87 -77.06
C SER B 135 -9.19 -14.89 -77.56
N VAL B 136 -10.33 -15.43 -77.97
CA VAL B 136 -11.48 -14.64 -78.42
C VAL B 136 -12.55 -14.74 -77.35
N VAL B 137 -12.85 -13.61 -76.71
CA VAL B 137 -13.75 -13.58 -75.56
C VAL B 137 -15.13 -13.12 -76.04
N CYS B 138 -16.16 -13.82 -75.59
CA CYS B 138 -17.54 -13.37 -75.75
C CYS B 138 -18.13 -13.12 -74.38
N LEU B 139 -18.72 -11.94 -74.21
CA LEU B 139 -19.20 -11.47 -72.92
C LEU B 139 -20.71 -11.25 -72.97
N LEU B 140 -21.42 -11.84 -72.01
CA LEU B 140 -22.85 -11.62 -71.81
C LEU B 140 -23.01 -10.92 -70.47
N ASN B 141 -23.72 -9.80 -70.45
CA ASN B 141 -23.67 -8.89 -69.31
C ASN B 141 -25.06 -8.63 -68.75
N ASN B 142 -25.22 -8.91 -67.45
CA ASN B 142 -26.40 -8.57 -66.66
C ASN B 142 -27.68 -9.15 -67.25
N PHE B 143 -27.77 -10.48 -67.25
CA PHE B 143 -28.96 -11.15 -67.75
C PHE B 143 -29.63 -11.95 -66.64
N TYR B 144 -30.91 -12.27 -66.87
CA TYR B 144 -31.68 -13.14 -66.01
C TYR B 144 -32.63 -13.88 -66.94
N PRO B 145 -32.69 -15.22 -66.86
CA PRO B 145 -31.93 -16.02 -65.90
C PRO B 145 -30.61 -16.60 -66.40
N ARG B 146 -30.05 -17.50 -65.60
CA ARG B 146 -28.69 -18.00 -65.80
C ARG B 146 -28.58 -18.86 -67.05
N GLU B 147 -29.70 -19.36 -67.57
CA GLU B 147 -29.70 -20.29 -68.69
C GLU B 147 -29.47 -19.51 -69.97
N ALA B 148 -28.27 -19.65 -70.53
CA ALA B 148 -27.94 -19.08 -71.82
C ALA B 148 -27.21 -20.13 -72.63
N LYS B 149 -27.28 -19.98 -73.95
CA LYS B 149 -26.72 -20.95 -74.87
C LYS B 149 -25.82 -20.17 -75.84
N VAL B 150 -24.51 -20.28 -75.65
CA VAL B 150 -23.52 -19.49 -76.37
C VAL B 150 -22.67 -20.43 -77.20
N GLN B 151 -22.69 -20.22 -78.52
CA GLN B 151 -21.98 -21.07 -79.47
C GLN B 151 -21.08 -20.20 -80.35
N TRP B 152 -19.88 -20.69 -80.62
CA TRP B 152 -18.99 -20.01 -81.53
C TRP B 152 -19.24 -20.50 -82.96
N LYS B 153 -18.96 -19.63 -83.93
CA LYS B 153 -19.19 -19.92 -85.34
C LYS B 153 -18.05 -19.31 -86.14
N VAL B 154 -17.07 -20.14 -86.48
CA VAL B 154 -15.88 -19.72 -87.21
C VAL B 154 -16.10 -20.02 -88.68
N ASP B 155 -16.14 -18.98 -89.51
CA ASP B 155 -16.48 -19.11 -90.93
C ASP B 155 -17.76 -19.92 -91.11
N ASN B 156 -18.76 -19.57 -90.30
CA ASN B 156 -20.06 -20.24 -90.28
C ASN B 156 -19.91 -21.74 -89.98
N ALA B 157 -18.99 -22.07 -89.08
CA ALA B 157 -18.77 -23.45 -88.67
C ALA B 157 -18.83 -23.51 -87.15
N LEU B 158 -19.83 -24.20 -86.62
CA LEU B 158 -20.02 -24.33 -85.19
C LEU B 158 -18.82 -25.02 -84.55
N GLN B 159 -18.22 -24.37 -83.55
CA GLN B 159 -17.05 -24.90 -82.88
C GLN B 159 -17.44 -25.51 -81.54
N SER B 160 -16.82 -26.64 -81.22
CA SER B 160 -17.07 -27.34 -79.96
C SER B 160 -15.78 -27.93 -79.44
N GLY B 161 -15.60 -27.87 -78.11
CA GLY B 161 -14.43 -28.42 -77.47
C GLY B 161 -13.26 -27.45 -77.31
N ASN B 162 -13.35 -26.26 -77.89
CA ASN B 162 -12.26 -25.29 -77.83
C ASN B 162 -12.69 -24.02 -77.09
N SER B 163 -13.72 -24.11 -76.27
CA SER B 163 -14.23 -22.95 -75.53
C SER B 163 -14.45 -23.33 -74.07
N GLN B 164 -14.27 -22.35 -73.19
CA GLN B 164 -14.53 -22.48 -71.77
C GLN B 164 -15.45 -21.35 -71.33
N GLU B 165 -16.40 -21.66 -70.46
CA GLU B 165 -17.36 -20.68 -69.97
C GLU B 165 -17.10 -20.37 -68.50
N SER B 166 -17.35 -19.12 -68.12
CA SER B 166 -17.24 -18.67 -66.74
C SER B 166 -18.43 -17.76 -66.46
N VAL B 167 -19.13 -18.02 -65.36
CA VAL B 167 -20.30 -17.26 -64.97
C VAL B 167 -20.09 -16.70 -63.57
N THR B 168 -20.59 -15.49 -63.34
CA THR B 168 -20.50 -14.85 -62.04
C THR B 168 -21.64 -15.29 -61.14
N GLU B 169 -21.47 -15.05 -59.84
CA GLU B 169 -22.56 -15.30 -58.93
C GLU B 169 -23.58 -14.17 -59.03
N GLN B 170 -24.80 -14.45 -58.56
CA GLN B 170 -25.86 -13.47 -58.63
C GLN B 170 -25.47 -12.19 -57.92
N ASP B 171 -25.77 -11.05 -58.53
CA ASP B 171 -25.44 -9.76 -57.96
C ASP B 171 -26.32 -9.46 -56.75
N SER B 172 -25.75 -8.73 -55.78
CA SER B 172 -26.47 -8.39 -54.57
C SER B 172 -27.42 -7.21 -54.74
N LYS B 173 -27.36 -6.51 -55.87
CA LYS B 173 -28.27 -5.40 -56.15
C LYS B 173 -29.09 -5.61 -57.40
N ASP B 174 -28.47 -6.08 -58.48
CA ASP B 174 -29.14 -6.28 -59.76
C ASP B 174 -29.81 -7.64 -59.87
N SER B 175 -29.41 -8.62 -59.05
CA SER B 175 -29.90 -9.99 -59.15
C SER B 175 -29.60 -10.60 -60.52
N THR B 176 -28.54 -10.15 -61.17
CA THR B 176 -28.18 -10.58 -62.52
C THR B 176 -26.99 -11.53 -62.50
N TYR B 177 -26.70 -12.07 -63.68
CA TYR B 177 -25.51 -12.88 -63.92
C TYR B 177 -24.71 -12.24 -65.06
N SER B 178 -23.48 -12.71 -65.21
CA SER B 178 -22.65 -12.38 -66.37
C SER B 178 -21.80 -13.59 -66.74
N LEU B 179 -21.62 -13.80 -68.04
CA LEU B 179 -21.00 -15.00 -68.56
C LEU B 179 -19.89 -14.62 -69.53
N SER B 180 -18.80 -15.39 -69.51
CA SER B 180 -17.65 -15.15 -70.38
C SER B 180 -17.31 -16.47 -71.07
N SER B 181 -17.51 -16.51 -72.39
CA SER B 181 -17.13 -17.65 -73.22
C SER B 181 -15.83 -17.33 -73.93
N THR B 182 -14.78 -18.09 -73.63
CA THR B 182 -13.44 -17.82 -74.12
C THR B 182 -13.02 -18.90 -75.10
N LEU B 183 -12.70 -18.50 -76.32
CA LEU B 183 -12.27 -19.40 -77.38
C LEU B 183 -10.75 -19.31 -77.52
N THR B 184 -10.07 -20.44 -77.42
CA THR B 184 -8.61 -20.49 -77.44
C THR B 184 -8.14 -21.31 -78.63
N LEU B 185 -7.34 -20.69 -79.49
CA LEU B 185 -6.73 -21.35 -80.64
C LEU B 185 -5.25 -20.99 -80.71
N SER B 186 -4.52 -21.68 -81.56
CA SER B 186 -3.14 -21.27 -81.82
C SER B 186 -3.12 -20.15 -82.85
N LYS B 187 -2.02 -19.39 -82.85
CA LYS B 187 -1.85 -18.31 -83.82
C LYS B 187 -1.99 -18.84 -85.24
N ALA B 188 -1.52 -20.08 -85.48
CA ALA B 188 -1.67 -20.70 -86.80
C ALA B 188 -3.14 -20.96 -87.13
N ASP B 189 -3.86 -21.62 -86.21
CA ASP B 189 -5.27 -21.93 -86.48
C ASP B 189 -6.12 -20.67 -86.52
N TYR B 190 -5.73 -19.63 -85.79
CA TYR B 190 -6.45 -18.36 -85.84
C TYR B 190 -6.35 -17.73 -87.22
N GLU B 191 -5.14 -17.66 -87.78
CA GLU B 191 -4.91 -17.02 -89.08
C GLU B 191 -5.45 -17.85 -90.24
N LYS B 192 -5.91 -19.08 -90.01
CA LYS B 192 -6.49 -19.89 -91.07
C LYS B 192 -7.91 -19.48 -91.41
N HIS B 193 -8.51 -18.54 -90.67
CA HIS B 193 -9.90 -18.18 -90.86
C HIS B 193 -10.03 -16.66 -90.78
N LYS B 194 -11.23 -16.17 -91.12
CA LYS B 194 -11.50 -14.74 -91.23
C LYS B 194 -12.63 -14.28 -90.32
N VAL B 195 -13.81 -14.90 -90.42
CA VAL B 195 -14.99 -14.44 -89.70
C VAL B 195 -15.09 -15.21 -88.38
N TYR B 196 -15.13 -14.47 -87.27
CA TYR B 196 -15.26 -15.05 -85.92
C TYR B 196 -16.56 -14.51 -85.31
N ALA B 197 -17.53 -15.39 -85.12
CA ALA B 197 -18.86 -14.98 -84.71
C ALA B 197 -19.25 -15.66 -83.40
N CYS B 198 -19.98 -14.92 -82.57
CA CYS B 198 -20.45 -15.40 -81.28
C CYS B 198 -21.97 -15.24 -81.24
N GLU B 199 -22.69 -16.33 -81.42
CA GLU B 199 -24.14 -16.30 -81.33
C GLU B 199 -24.56 -16.52 -79.87
N VAL B 200 -25.76 -16.05 -79.53
CA VAL B 200 -26.26 -16.11 -78.16
C VAL B 200 -27.76 -16.35 -78.21
N THR B 201 -28.24 -17.30 -77.42
CA THR B 201 -29.67 -17.57 -77.28
C THR B 201 -30.05 -17.44 -75.82
N HIS B 202 -31.18 -16.78 -75.56
CA HIS B 202 -31.62 -16.51 -74.20
C HIS B 202 -33.12 -16.33 -74.18
N GLN B 203 -33.71 -16.49 -72.99
CA GLN B 203 -35.17 -16.40 -72.86
C GLN B 203 -35.68 -14.99 -73.16
N GLY B 204 -34.92 -13.96 -72.78
CA GLY B 204 -35.29 -12.59 -73.04
C GLY B 204 -34.96 -12.07 -74.42
N LEU B 205 -34.36 -12.91 -75.26
CA LEU B 205 -34.02 -12.55 -76.64
C LEU B 205 -35.01 -13.23 -77.58
N SER B 206 -35.77 -12.42 -78.32
CA SER B 206 -36.69 -12.97 -79.31
C SER B 206 -35.93 -13.78 -80.35
N SER B 207 -34.80 -13.26 -80.83
CA SER B 207 -33.96 -13.94 -81.80
C SER B 207 -32.55 -14.08 -81.24
N PRO B 208 -31.70 -14.93 -81.82
CA PRO B 208 -30.31 -15.02 -81.36
C PRO B 208 -29.49 -13.82 -81.81
N VAL B 209 -28.78 -13.21 -80.87
CA VAL B 209 -27.91 -12.07 -81.16
C VAL B 209 -26.53 -12.57 -81.51
N THR B 210 -26.01 -12.16 -82.67
CA THR B 210 -24.69 -12.56 -83.13
C THR B 210 -23.76 -11.34 -83.13
N LYS B 211 -22.57 -11.52 -82.57
CA LYS B 211 -21.50 -10.52 -82.62
C LYS B 211 -20.34 -11.16 -83.36
N SER B 212 -20.02 -10.62 -84.54
CA SER B 212 -18.98 -11.18 -85.38
C SER B 212 -17.98 -10.09 -85.77
N PHE B 213 -16.83 -10.53 -86.26
CA PHE B 213 -15.79 -9.63 -86.73
C PHE B 213 -14.87 -10.40 -87.67
N ASN B 214 -14.18 -9.66 -88.52
CA ASN B 214 -13.15 -10.20 -89.41
C ASN B 214 -11.78 -9.79 -88.90
N ARG B 215 -10.79 -10.65 -89.15
CA ARG B 215 -9.43 -10.44 -88.65
C ARG B 215 -8.76 -9.36 -89.49
N GLY B 216 -8.92 -8.11 -89.07
CA GLY B 216 -8.34 -6.98 -89.78
C GLY B 216 -9.35 -5.90 -90.11
N ASN C 1 -22.60 -39.35 -1.47
CA ASN C 1 -23.16 -38.06 -1.08
C ASN C 1 -22.85 -37.00 -2.13
N LEU C 2 -23.88 -36.31 -2.61
CA LEU C 2 -23.70 -35.25 -3.59
C LEU C 2 -23.23 -33.97 -2.91
N CYS C 3 -22.49 -33.17 -3.66
CA CYS C 3 -21.96 -31.91 -3.12
C CYS C 3 -23.04 -30.84 -3.14
N PRO C 4 -23.16 -30.04 -2.08
CA PRO C 4 -24.25 -29.05 -1.96
C PRO C 4 -24.03 -27.80 -2.81
N PHE C 5 -23.82 -28.01 -4.12
CA PHE C 5 -23.74 -26.87 -5.04
C PHE C 5 -25.09 -26.18 -5.19
N GLY C 6 -26.19 -26.88 -4.92
CA GLY C 6 -27.50 -26.26 -5.05
C GLY C 6 -27.67 -25.08 -4.12
N GLU C 7 -27.34 -25.26 -2.84
CA GLU C 7 -27.56 -24.20 -1.85
C GLU C 7 -26.68 -22.98 -2.11
N VAL C 8 -25.65 -23.10 -2.95
CA VAL C 8 -24.79 -21.96 -3.26
C VAL C 8 -25.33 -21.23 -4.48
N PHE C 9 -25.42 -21.94 -5.61
CA PHE C 9 -25.88 -21.31 -6.85
C PHE C 9 -27.31 -20.81 -6.71
N ASN C 10 -28.20 -21.66 -6.21
CA ASN C 10 -29.61 -21.31 -6.05
C ASN C 10 -29.91 -20.70 -4.69
N ALA C 11 -28.91 -20.13 -4.03
CA ALA C 11 -29.16 -19.41 -2.78
C ALA C 11 -30.16 -18.29 -3.03
N THR C 12 -31.13 -18.16 -2.12
CA THR C 12 -32.18 -17.17 -2.30
C THR C 12 -31.66 -15.75 -2.17
N ARG C 13 -30.62 -15.53 -1.35
CA ARG C 13 -30.05 -14.21 -1.13
C ARG C 13 -28.54 -14.28 -1.27
N PHE C 14 -27.96 -13.31 -1.97
CA PHE C 14 -26.52 -13.27 -2.22
C PHE C 14 -25.88 -12.15 -1.41
N ALA C 15 -24.58 -12.30 -1.17
CA ALA C 15 -23.84 -11.37 -0.33
C ALA C 15 -23.26 -10.22 -1.15
N SER C 16 -22.92 -9.13 -0.46
CA SER C 16 -22.22 -8.04 -1.11
C SER C 16 -20.79 -8.44 -1.40
N VAL C 17 -20.22 -7.82 -2.44
CA VAL C 17 -18.92 -8.26 -2.91
C VAL C 17 -17.83 -7.99 -1.87
N TYR C 18 -17.99 -6.95 -1.04
CA TYR C 18 -16.99 -6.69 -0.03
C TYR C 18 -17.02 -7.76 1.07
N ALA C 19 -18.20 -8.30 1.35
CA ALA C 19 -18.34 -9.32 2.38
C ALA C 19 -18.79 -10.64 1.78
N TRP C 20 -17.97 -11.20 0.89
CA TRP C 20 -18.39 -12.34 0.09
C TRP C 20 -18.48 -13.62 0.93
N ASN C 21 -19.38 -14.51 0.49
CA ASN C 21 -19.66 -15.76 1.20
C ASN C 21 -18.81 -16.89 0.65
N ARG C 22 -18.18 -17.65 1.54
CA ARG C 22 -17.39 -18.82 1.21
C ARG C 22 -18.08 -20.07 1.74
N LYS C 23 -18.29 -21.04 0.87
CA LYS C 23 -18.74 -22.37 1.27
C LYS C 23 -17.58 -23.33 1.08
N ARG C 24 -17.18 -23.99 2.16
CA ARG C 24 -16.16 -25.03 2.09
C ARG C 24 -16.84 -26.35 1.77
N ILE C 25 -16.36 -27.01 0.72
CA ILE C 25 -16.94 -28.26 0.25
C ILE C 25 -15.90 -29.36 0.39
N SER C 26 -16.31 -30.49 0.98
CA SER C 26 -15.46 -31.65 1.08
C SER C 26 -16.34 -32.88 1.27
N ASN C 27 -15.74 -34.05 1.05
CA ASN C 27 -16.38 -35.34 1.33
C ASN C 27 -17.70 -35.48 0.57
N CYS C 28 -17.64 -35.36 -0.75
CA CYS C 28 -18.81 -35.57 -1.59
C CYS C 28 -18.36 -35.72 -3.03
N VAL C 29 -19.32 -36.03 -3.91
CA VAL C 29 -19.10 -36.20 -5.34
C VAL C 29 -20.00 -35.22 -6.08
N ALA C 30 -19.53 -34.76 -7.24
CA ALA C 30 -20.26 -33.77 -8.02
C ALA C 30 -20.14 -34.08 -9.50
N ASP C 31 -21.17 -33.69 -10.25
CA ASP C 31 -21.18 -33.78 -11.71
C ASP C 31 -21.11 -32.35 -12.25
N TYR C 32 -19.90 -31.88 -12.52
CA TYR C 32 -19.69 -30.51 -12.94
C TYR C 32 -20.31 -30.22 -14.30
N SER C 33 -20.72 -31.24 -15.05
CA SER C 33 -21.40 -30.99 -16.31
C SER C 33 -22.72 -30.27 -16.10
N VAL C 34 -23.37 -30.47 -14.96
CA VAL C 34 -24.58 -29.74 -14.63
C VAL C 34 -24.31 -28.23 -14.60
N LEU C 35 -23.07 -27.83 -14.35
CA LEU C 35 -22.71 -26.42 -14.40
C LEU C 35 -22.35 -25.97 -15.82
N TYR C 36 -21.30 -26.56 -16.41
CA TYR C 36 -20.79 -26.02 -17.67
C TYR C 36 -21.70 -26.31 -18.86
N ASN C 37 -22.76 -27.08 -18.67
CA ASN C 37 -23.80 -27.21 -19.70
C ASN C 37 -25.09 -26.54 -19.27
N SER C 38 -25.03 -25.63 -18.30
CA SER C 38 -26.20 -24.87 -17.91
C SER C 38 -26.50 -23.81 -18.95
N ALA C 39 -27.78 -23.58 -19.20
CA ALA C 39 -28.20 -22.58 -20.18
C ALA C 39 -28.41 -21.20 -19.56
N SER C 40 -28.26 -21.07 -18.25
CA SER C 40 -28.52 -19.81 -17.58
C SER C 40 -27.26 -19.02 -17.26
N PHE C 41 -26.08 -19.62 -17.37
CA PHE C 41 -24.85 -18.91 -17.06
C PHE C 41 -24.44 -18.06 -18.26
N SER C 42 -24.15 -16.78 -18.00
CA SER C 42 -23.69 -15.85 -19.01
C SER C 42 -22.18 -15.77 -19.11
N THR C 43 -21.47 -16.09 -18.03
CA THR C 43 -20.02 -16.13 -18.00
C THR C 43 -19.59 -17.46 -17.39
N PHE C 44 -18.65 -18.15 -18.05
CA PHE C 44 -18.17 -19.43 -17.55
C PHE C 44 -16.74 -19.61 -18.07
N LYS C 45 -15.76 -19.32 -17.21
CA LYS C 45 -14.37 -19.38 -17.59
C LYS C 45 -13.58 -20.04 -16.47
N CYS C 46 -12.71 -20.98 -16.83
CA CYS C 46 -11.93 -21.73 -15.86
C CYS C 46 -10.44 -21.50 -16.10
N TYR C 47 -9.68 -21.50 -15.01
CA TYR C 47 -8.24 -21.25 -15.04
C TYR C 47 -7.49 -22.43 -14.43
N GLY C 48 -6.40 -22.83 -15.07
CA GLY C 48 -5.56 -23.89 -14.55
C GLY C 48 -6.12 -25.29 -14.67
N VAL C 49 -7.34 -25.46 -15.16
CA VAL C 49 -7.94 -26.79 -15.31
C VAL C 49 -9.05 -26.69 -16.35
N SER C 50 -9.29 -27.80 -17.04
CA SER C 50 -10.33 -27.83 -18.09
C SER C 50 -11.65 -28.30 -17.50
N PRO C 51 -12.73 -27.54 -17.67
CA PRO C 51 -14.00 -27.92 -17.05
C PRO C 51 -14.51 -29.28 -17.49
N THR C 52 -14.16 -29.74 -18.69
CA THR C 52 -14.56 -31.09 -19.08
C THR C 52 -13.75 -32.16 -18.37
N LYS C 53 -12.55 -31.83 -17.90
CA LYS C 53 -11.74 -32.78 -17.14
C LYS C 53 -12.14 -32.86 -15.68
N LEU C 54 -12.91 -31.88 -15.19
CA LEU C 54 -13.25 -31.84 -13.76
C LEU C 54 -13.93 -33.13 -13.31
N ASN C 55 -14.66 -33.80 -14.19
CA ASN C 55 -15.37 -35.01 -13.81
C ASN C 55 -14.45 -36.21 -13.60
N ASP C 56 -13.15 -36.08 -13.86
CA ASP C 56 -12.21 -37.19 -13.71
C ASP C 56 -11.10 -36.88 -12.72
N LEU C 57 -11.25 -35.82 -11.93
CA LEU C 57 -10.22 -35.37 -11.00
C LEU C 57 -10.74 -35.42 -9.58
N CYS C 58 -9.81 -35.52 -8.64
CA CYS C 58 -10.10 -35.54 -7.23
C CYS C 58 -9.35 -34.42 -6.53
N PHE C 59 -9.97 -33.83 -5.51
CA PHE C 59 -9.45 -32.62 -4.89
C PHE C 59 -9.58 -32.69 -3.38
N THR C 60 -8.64 -32.03 -2.70
CA THR C 60 -8.63 -32.02 -1.23
C THR C 60 -9.78 -31.20 -0.68
N ASN C 61 -10.09 -30.07 -1.31
CA ASN C 61 -11.17 -29.19 -0.87
C ASN C 61 -11.63 -28.36 -2.06
N VAL C 62 -12.87 -27.92 -2.01
CA VAL C 62 -13.41 -26.98 -2.98
C VAL C 62 -14.06 -25.82 -2.24
N TYR C 63 -13.87 -24.61 -2.77
CA TYR C 63 -14.35 -23.40 -2.14
C TYR C 63 -15.26 -22.66 -3.13
N ALA C 64 -16.50 -22.43 -2.72
CA ALA C 64 -17.49 -21.75 -3.55
C ALA C 64 -17.72 -20.36 -2.95
N ASP C 65 -17.17 -19.34 -3.61
CA ASP C 65 -17.34 -17.96 -3.21
C ASP C 65 -18.41 -17.31 -4.06
N SER C 66 -19.39 -16.68 -3.40
CA SER C 66 -20.55 -16.11 -4.08
C SER C 66 -20.78 -14.69 -3.59
N PHE C 67 -21.20 -13.82 -4.51
CA PHE C 67 -21.49 -12.42 -4.23
C PHE C 67 -22.17 -11.82 -5.46
N VAL C 68 -22.49 -10.53 -5.38
CA VAL C 68 -23.17 -9.78 -6.45
C VAL C 68 -22.30 -8.59 -6.83
N ILE C 69 -22.16 -8.35 -8.12
CA ILE C 69 -21.47 -7.18 -8.65
C ILE C 69 -22.22 -6.68 -9.87
N ARG C 70 -21.73 -5.58 -10.43
CA ARG C 70 -22.24 -5.01 -11.66
C ARG C 70 -21.81 -5.85 -12.87
N GLY C 71 -22.51 -5.68 -13.97
CA GLY C 71 -22.13 -6.36 -15.20
C GLY C 71 -20.79 -5.91 -15.75
N ASP C 72 -20.51 -4.60 -15.73
CA ASP C 72 -19.22 -4.11 -16.24
C ASP C 72 -18.04 -4.61 -15.41
N GLU C 73 -18.28 -5.27 -14.28
CA GLU C 73 -17.23 -5.63 -13.37
C GLU C 73 -16.98 -7.13 -13.31
N VAL C 74 -17.76 -7.94 -14.02
CA VAL C 74 -17.52 -9.38 -14.02
C VAL C 74 -16.16 -9.69 -14.63
N ARG C 75 -15.76 -8.93 -15.65
CA ARG C 75 -14.44 -9.12 -16.25
C ARG C 75 -13.31 -8.90 -15.25
N GLN C 76 -13.59 -8.29 -14.09
CA GLN C 76 -12.60 -8.10 -13.04
C GLN C 76 -12.43 -9.32 -12.14
N ILE C 77 -13.27 -10.34 -12.28
CA ILE C 77 -13.15 -11.56 -11.47
C ILE C 77 -12.25 -12.49 -12.26
N ALA C 78 -10.95 -12.19 -12.24
CA ALA C 78 -9.97 -12.93 -13.02
C ALA C 78 -8.59 -12.69 -12.39
N PRO C 79 -7.63 -13.56 -12.66
CA PRO C 79 -6.27 -13.31 -12.19
C PRO C 79 -5.64 -12.11 -12.87
N GLY C 80 -4.72 -11.46 -12.14
CA GLY C 80 -3.97 -10.33 -12.67
C GLY C 80 -4.82 -9.20 -13.22
N GLN C 81 -5.90 -8.86 -12.52
CA GLN C 81 -6.86 -7.88 -12.99
C GLN C 81 -6.87 -6.66 -12.07
N THR C 82 -7.08 -5.47 -12.65
CA THR C 82 -7.09 -4.23 -11.90
C THR C 82 -8.46 -3.56 -11.97
N GLY C 83 -8.80 -2.83 -10.93
CA GLY C 83 -10.11 -2.22 -10.81
C GLY C 83 -10.57 -2.19 -9.37
N LYS C 84 -11.65 -1.45 -9.13
CA LYS C 84 -12.15 -1.27 -7.77
C LYS C 84 -12.51 -2.60 -7.13
N ILE C 85 -13.16 -3.49 -7.88
CA ILE C 85 -13.55 -4.78 -7.33
C ILE C 85 -12.33 -5.67 -7.13
N ALA C 86 -11.50 -5.81 -8.16
CA ALA C 86 -10.34 -6.68 -8.08
C ALA C 86 -9.38 -6.22 -6.98
N ASP C 87 -9.28 -4.92 -6.75
CA ASP C 87 -8.30 -4.39 -5.81
C ASP C 87 -8.84 -4.20 -4.40
N TYR C 88 -10.12 -3.84 -4.23
CA TYR C 88 -10.66 -3.54 -2.92
C TYR C 88 -11.67 -4.57 -2.41
N ASN C 89 -12.10 -5.51 -3.23
CA ASN C 89 -13.22 -6.36 -2.82
C ASN C 89 -12.91 -7.85 -2.90
N TYR C 90 -12.40 -8.31 -4.05
CA TYR C 90 -12.19 -9.74 -4.28
C TYR C 90 -11.04 -9.93 -5.26
N LYS C 91 -9.92 -10.47 -4.77
CA LYS C 91 -8.73 -10.69 -5.60
C LYS C 91 -8.48 -12.19 -5.77
N LEU C 92 -8.06 -12.58 -6.98
CA LEU C 92 -7.66 -13.93 -7.31
C LEU C 92 -6.16 -13.97 -7.60
N PRO C 93 -5.45 -14.97 -7.11
CA PRO C 93 -4.00 -15.05 -7.35
C PRO C 93 -3.71 -15.45 -8.79
N ASP C 94 -2.43 -15.32 -9.16
CA ASP C 94 -2.03 -15.69 -10.51
C ASP C 94 -2.11 -17.19 -10.74
N ASP C 95 -1.84 -18.00 -9.72
CA ASP C 95 -1.88 -19.46 -9.82
C ASP C 95 -3.26 -20.02 -9.51
N PHE C 96 -4.30 -19.19 -9.61
CA PHE C 96 -5.66 -19.62 -9.28
C PHE C 96 -6.07 -20.79 -10.16
N THR C 97 -6.64 -21.82 -9.54
CA THR C 97 -7.15 -23.00 -10.24
C THR C 97 -8.63 -23.12 -9.90
N GLY C 98 -9.48 -22.69 -10.82
CA GLY C 98 -10.91 -22.80 -10.61
C GLY C 98 -11.68 -22.14 -11.74
N CYS C 99 -12.97 -21.96 -11.51
CA CYS C 99 -13.88 -21.42 -12.50
C CYS C 99 -14.60 -20.19 -11.96
N VAL C 100 -15.03 -19.33 -12.88
CA VAL C 100 -15.77 -18.12 -12.58
C VAL C 100 -17.09 -18.17 -13.33
N ILE C 101 -18.21 -18.17 -12.59
CA ILE C 101 -19.53 -18.33 -13.16
C ILE C 101 -20.39 -17.13 -12.77
N ALA C 102 -21.00 -16.52 -13.78
CA ALA C 102 -21.81 -15.33 -13.58
C ALA C 102 -23.10 -15.47 -14.38
N TRP C 103 -24.15 -14.83 -13.87
CA TRP C 103 -25.43 -14.80 -14.59
C TRP C 103 -26.19 -13.53 -14.20
N ASN C 104 -26.98 -13.03 -15.15
CA ASN C 104 -27.77 -11.84 -14.90
C ASN C 104 -28.85 -12.13 -13.87
N SER C 105 -28.97 -11.25 -12.88
CA SER C 105 -29.94 -11.39 -11.79
C SER C 105 -30.79 -10.14 -11.67
N ASN C 106 -31.13 -9.54 -12.81
CA ASN C 106 -31.95 -8.33 -12.80
C ASN C 106 -33.31 -8.60 -12.17
N ASN C 107 -33.96 -9.67 -12.58
CA ASN C 107 -35.30 -10.00 -12.09
C ASN C 107 -35.36 -10.17 -10.58
N LEU C 108 -34.22 -10.27 -9.90
CA LEU C 108 -34.19 -10.54 -8.47
C LEU C 108 -33.60 -9.41 -7.65
N ASP C 109 -32.41 -8.95 -7.99
CA ASP C 109 -31.64 -8.06 -7.13
C ASP C 109 -31.81 -6.59 -7.47
N SER C 110 -32.81 -6.23 -8.27
CA SER C 110 -33.11 -4.84 -8.57
C SER C 110 -34.59 -4.58 -8.34
N LYS C 111 -34.89 -3.43 -7.72
CA LYS C 111 -36.26 -3.07 -7.36
C LYS C 111 -36.63 -1.75 -8.03
N VAL C 112 -37.93 -1.44 -8.02
CA VAL C 112 -38.39 -0.16 -8.52
C VAL C 112 -37.96 0.94 -7.56
N GLY C 113 -37.47 2.05 -8.12
CA GLY C 113 -36.82 3.08 -7.34
C GLY C 113 -35.39 2.79 -6.96
N GLY C 114 -34.98 1.53 -6.98
CA GLY C 114 -33.60 1.19 -6.70
C GLY C 114 -33.43 0.19 -5.56
N ASN C 115 -32.55 -0.78 -5.76
CA ASN C 115 -32.16 -1.73 -4.71
C ASN C 115 -30.77 -1.33 -4.24
N TYR C 116 -30.71 -0.69 -3.06
CA TYR C 116 -29.46 -0.12 -2.55
C TYR C 116 -28.83 -0.97 -1.46
N ASN C 117 -29.13 -2.27 -1.42
CA ASN C 117 -28.65 -3.13 -0.35
C ASN C 117 -27.30 -3.78 -0.64
N TYR C 118 -26.91 -3.88 -1.91
CA TYR C 118 -25.60 -4.43 -2.27
C TYR C 118 -24.56 -3.34 -2.25
N LEU C 119 -23.45 -3.60 -1.55
CA LEU C 119 -22.39 -2.61 -1.35
C LEU C 119 -21.10 -3.10 -1.98
N TYR C 120 -20.14 -2.18 -2.07
CA TYR C 120 -18.78 -2.51 -2.49
C TYR C 120 -17.84 -1.48 -1.89
N ARG C 121 -16.59 -1.88 -1.68
CA ARG C 121 -15.60 -0.99 -1.09
C ARG C 121 -15.01 -0.10 -2.18
N LEU C 122 -15.10 1.22 -1.97
CA LEU C 122 -14.61 2.18 -2.94
C LEU C 122 -13.25 2.76 -2.58
N PHE C 123 -12.91 2.82 -1.30
CA PHE C 123 -11.63 3.36 -0.86
C PHE C 123 -10.92 2.35 0.03
N ARG C 124 -9.60 2.24 -0.18
CA ARG C 124 -8.78 1.42 0.68
C ARG C 124 -7.34 1.88 0.56
N LYS C 125 -6.59 1.73 1.65
CA LYS C 125 -5.21 2.19 1.69
C LYS C 125 -4.32 1.31 0.81
N SER C 126 -4.50 0.00 0.87
CA SER C 126 -3.68 -0.93 0.12
C SER C 126 -4.57 -1.89 -0.66
N ASN C 127 -3.98 -2.50 -1.68
CA ASN C 127 -4.67 -3.55 -2.42
C ASN C 127 -4.87 -4.79 -1.55
N LEU C 128 -5.95 -5.51 -1.81
CA LEU C 128 -6.21 -6.75 -1.09
C LEU C 128 -5.15 -7.80 -1.44
N LYS C 129 -4.92 -8.70 -0.49
CA LYS C 129 -4.25 -9.95 -0.79
C LYS C 129 -5.26 -10.91 -1.41
N PRO C 130 -4.79 -11.91 -2.14
CA PRO C 130 -5.73 -12.87 -2.76
C PRO C 130 -6.55 -13.60 -1.70
N PHE C 131 -7.84 -13.76 -1.99
CA PHE C 131 -8.80 -14.39 -1.10
C PHE C 131 -8.89 -13.69 0.26
N GLU C 132 -8.56 -12.40 0.30
CA GLU C 132 -8.77 -11.60 1.50
C GLU C 132 -10.20 -11.07 1.51
N ARG C 133 -10.78 -10.98 2.70
CA ARG C 133 -12.14 -10.47 2.88
C ARG C 133 -12.09 -9.41 3.98
N ASP C 134 -12.08 -8.15 3.57
CA ASP C 134 -12.04 -7.02 4.50
C ASP C 134 -13.43 -6.44 4.66
N ILE C 135 -13.90 -6.35 5.89
CA ILE C 135 -15.25 -5.85 6.16
C ILE C 135 -15.23 -4.67 7.12
N SER C 136 -14.09 -3.99 7.25
CA SER C 136 -14.01 -2.84 8.13
C SER C 136 -14.82 -1.68 7.54
N THR C 137 -15.64 -1.05 8.38
CA THR C 137 -16.23 0.24 8.06
C THR C 137 -15.41 1.38 8.66
N GLU C 138 -14.09 1.24 8.63
CA GLU C 138 -13.19 2.28 9.13
C GLU C 138 -13.14 3.45 8.18
N ILE C 139 -13.31 4.67 8.71
CA ILE C 139 -13.36 5.85 7.87
C ILE C 139 -12.04 6.04 7.16
N TYR C 140 -12.10 6.30 5.85
CA TYR C 140 -10.92 6.37 4.99
C TYR C 140 -10.37 7.80 4.97
N GLN C 141 -9.12 7.95 5.40
CA GLN C 141 -8.47 9.27 5.47
C GLN C 141 -7.87 9.61 4.12
N ALA C 142 -8.54 10.49 3.39
CA ALA C 142 -8.09 10.93 2.08
C ALA C 142 -7.38 12.28 2.13
N GLY C 143 -6.95 12.71 3.32
CA GLY C 143 -6.22 13.95 3.47
C GLY C 143 -5.14 13.80 4.52
N SER C 144 -4.36 14.87 4.70
CA SER C 144 -3.33 14.90 5.71
C SER C 144 -3.88 15.16 7.10
N THR C 145 -5.20 15.17 7.26
CA THR C 145 -5.86 15.46 8.52
C THR C 145 -6.44 14.20 9.12
N PRO C 146 -6.11 13.85 10.36
CA PRO C 146 -6.69 12.64 10.99
C PRO C 146 -8.21 12.71 11.04
N CYS C 147 -8.85 11.61 10.64
CA CYS C 147 -10.31 11.54 10.62
C CYS C 147 -10.89 11.20 11.99
N ASN C 148 -10.14 10.47 12.82
CA ASN C 148 -10.58 10.09 14.16
C ASN C 148 -11.97 9.43 14.14
N GLY C 149 -12.21 8.65 13.09
CA GLY C 149 -13.44 7.89 12.96
C GLY C 149 -14.70 8.71 12.75
N VAL C 150 -14.60 9.92 12.21
CA VAL C 150 -15.75 10.79 12.00
C VAL C 150 -15.84 11.13 10.52
N GLU C 151 -16.96 10.77 9.89
CA GLU C 151 -17.17 11.08 8.48
C GLU C 151 -17.20 12.58 8.26
N GLY C 152 -16.56 13.02 7.18
CA GLY C 152 -16.55 14.44 6.86
C GLY C 152 -15.78 14.79 5.60
N PHE C 153 -15.24 16.01 5.56
CA PHE C 153 -14.45 16.47 4.41
C PHE C 153 -13.12 15.72 4.38
N ASN C 154 -12.83 15.08 3.25
CA ASN C 154 -11.68 14.19 3.10
C ASN C 154 -11.72 13.02 4.07
N CYS C 155 -12.92 12.65 4.54
CA CYS C 155 -13.12 11.55 5.47
C CYS C 155 -14.35 10.77 5.00
N TYR C 156 -14.11 9.73 4.18
CA TYR C 156 -15.18 9.04 3.48
C TYR C 156 -15.54 7.72 4.15
N PHE C 157 -16.84 7.45 4.22
CA PHE C 157 -17.30 6.10 4.52
C PHE C 157 -16.82 5.16 3.40
N PRO C 158 -16.15 4.05 3.74
CA PRO C 158 -15.45 3.28 2.69
C PRO C 158 -16.35 2.49 1.77
N LEU C 159 -17.63 2.32 2.10
CA LEU C 159 -18.51 1.44 1.35
C LEU C 159 -19.55 2.26 0.57
N GLN C 160 -19.79 1.86 -0.67
CA GLN C 160 -20.71 2.51 -1.58
C GLN C 160 -21.81 1.53 -1.96
N SER C 161 -23.03 2.03 -2.07
CA SER C 161 -24.15 1.17 -2.45
C SER C 161 -24.29 1.12 -3.96
N TYR C 162 -24.86 0.02 -4.45
CA TYR C 162 -25.15 -0.15 -5.86
C TYR C 162 -26.54 0.37 -6.17
N GLY C 163 -26.68 1.11 -7.27
CA GLY C 163 -27.98 1.53 -7.72
C GLY C 163 -28.55 0.56 -8.73
N PHE C 164 -29.33 -0.42 -8.27
CA PHE C 164 -29.88 -1.45 -9.15
C PHE C 164 -31.35 -1.15 -9.38
N GLN C 165 -31.64 -0.47 -10.47
CA GLN C 165 -33.00 -0.33 -10.98
C GLN C 165 -33.20 -1.23 -12.19
N PRO C 166 -34.41 -1.74 -12.43
CA PRO C 166 -34.61 -2.65 -13.56
C PRO C 166 -34.44 -1.98 -14.92
N THR C 167 -34.38 -0.64 -14.96
CA THR C 167 -34.28 0.10 -16.21
C THR C 167 -32.84 0.42 -16.61
N ASN C 168 -31.86 0.12 -15.77
CA ASN C 168 -30.48 0.35 -16.15
C ASN C 168 -30.07 -0.55 -17.31
N GLY C 169 -28.99 -0.17 -17.98
CA GLY C 169 -28.42 -1.00 -19.01
C GLY C 169 -27.86 -2.30 -18.44
N VAL C 170 -27.75 -3.30 -19.33
CA VAL C 170 -27.32 -4.63 -18.90
C VAL C 170 -25.98 -4.56 -18.19
N GLY C 171 -25.15 -3.57 -18.52
CA GLY C 171 -23.90 -3.38 -17.82
C GLY C 171 -24.15 -3.01 -16.37
N TYR C 172 -24.87 -1.93 -16.14
CA TYR C 172 -25.14 -1.51 -14.78
C TYR C 172 -26.16 -2.41 -14.04
N GLN C 173 -26.59 -3.51 -14.65
CA GLN C 173 -27.50 -4.47 -14.02
C GLN C 173 -26.73 -5.38 -13.06
N PRO C 174 -27.43 -6.00 -12.11
CA PRO C 174 -26.75 -6.86 -11.14
C PRO C 174 -26.50 -8.27 -11.68
N TYR C 175 -25.35 -8.83 -11.32
CA TYR C 175 -24.98 -10.19 -11.70
C TYR C 175 -24.56 -10.96 -10.46
N ARG C 176 -25.11 -12.15 -10.28
CA ARG C 176 -24.66 -13.05 -9.24
C ARG C 176 -23.50 -13.88 -9.78
N VAL C 177 -22.41 -13.94 -9.01
CA VAL C 177 -21.18 -14.57 -9.42
C VAL C 177 -20.81 -15.65 -8.42
N VAL C 178 -20.36 -16.79 -8.93
CA VAL C 178 -19.82 -17.88 -8.11
C VAL C 178 -18.42 -18.21 -8.60
N VAL C 179 -17.48 -18.30 -7.67
CA VAL C 179 -16.09 -18.63 -7.99
C VAL C 179 -15.76 -19.95 -7.30
N LEU C 180 -15.56 -20.99 -8.09
CA LEU C 180 -15.15 -22.29 -7.59
C LEU C 180 -13.64 -22.40 -7.61
N SER C 181 -13.05 -22.79 -6.47
CA SER C 181 -11.61 -22.96 -6.33
C SER C 181 -11.32 -24.40 -5.98
N PHE C 182 -10.37 -25.02 -6.69
CA PHE C 182 -10.06 -26.44 -6.56
C PHE C 182 -8.69 -26.61 -5.90
N GLU C 183 -8.72 -27.00 -4.63
CA GLU C 183 -7.53 -27.11 -3.80
C GLU C 183 -7.05 -28.57 -3.80
N LEU C 184 -5.80 -28.78 -4.20
CA LEU C 184 -5.18 -30.10 -4.16
C LEU C 184 -4.02 -30.02 -3.18
N LEU C 185 -4.21 -30.53 -1.97
CA LEU C 185 -3.18 -30.56 -0.95
C LEU C 185 -2.51 -31.92 -0.91
N HIS C 186 -1.46 -32.02 -0.10
CA HIS C 186 -0.74 -33.28 0.05
C HIS C 186 -1.35 -34.17 1.12
N ALA C 187 -2.69 -34.17 1.20
CA ALA C 187 -3.50 -35.02 2.05
C ALA C 187 -4.46 -35.80 1.16
N PRO C 188 -5.17 -36.81 1.67
CA PRO C 188 -6.10 -37.56 0.82
C PRO C 188 -7.09 -36.64 0.10
N ALA C 189 -7.38 -36.99 -1.15
CA ALA C 189 -8.32 -36.23 -1.97
C ALA C 189 -9.73 -36.75 -1.75
N THR C 190 -10.66 -35.84 -1.47
CA THR C 190 -11.96 -36.22 -0.96
C THR C 190 -13.14 -35.66 -1.74
N VAL C 191 -12.93 -34.74 -2.68
CA VAL C 191 -13.98 -34.28 -3.59
C VAL C 191 -13.64 -34.77 -4.99
N CYS C 192 -14.60 -35.43 -5.64
CA CYS C 192 -14.33 -36.06 -6.92
C CYS C 192 -15.55 -35.96 -7.82
N GLY C 193 -15.36 -36.32 -9.08
CA GLY C 193 -16.45 -36.50 -10.01
C GLY C 193 -16.92 -37.94 -9.99
N PRO C 194 -17.94 -38.24 -10.76
CA PRO C 194 -18.51 -39.60 -10.75
C PRO C 194 -17.63 -40.58 -11.53
N ASP C 195 -18.12 -41.81 -11.63
CA ASP C 195 -17.37 -42.89 -12.29
C ASP C 195 -18.21 -43.57 -13.39
N GLU D 1 -1.95 28.94 -52.81
CA GLU D 1 -1.54 29.55 -51.55
C GLU D 1 -1.61 31.08 -51.63
N VAL D 2 -2.53 31.64 -50.85
CA VAL D 2 -2.88 33.06 -50.97
C VAL D 2 -1.75 33.94 -50.44
N GLN D 3 -1.42 34.98 -51.20
CA GLN D 3 -0.39 35.94 -50.79
C GLN D 3 -0.78 37.33 -51.23
N LEU D 4 -0.74 38.28 -50.30
CA LEU D 4 -0.83 39.71 -50.59
C LEU D 4 0.46 40.36 -50.12
N VAL D 5 1.26 40.83 -51.07
CA VAL D 5 2.59 41.36 -50.80
C VAL D 5 2.55 42.87 -51.03
N GLU D 6 2.69 43.64 -49.94
CA GLU D 6 2.67 45.09 -50.01
C GLU D 6 4.07 45.65 -50.24
N SER D 7 4.11 46.89 -50.71
CA SER D 7 5.35 47.64 -50.88
C SER D 7 5.00 49.08 -51.21
N GLY D 8 6.00 49.96 -51.13
CA GLY D 8 5.79 51.35 -51.46
C GLY D 8 5.98 52.30 -50.30
N GLY D 9 5.44 51.94 -49.13
CA GLY D 9 5.54 52.82 -47.99
C GLY D 9 6.98 53.06 -47.59
N ALA D 10 7.27 54.28 -47.14
CA ALA D 10 8.61 54.68 -46.77
C ALA D 10 8.53 55.96 -45.93
N LEU D 11 9.68 56.58 -45.69
CA LEU D 11 9.75 57.86 -45.01
C LEU D 11 9.34 58.96 -45.99
N VAL D 12 8.34 59.75 -45.63
CA VAL D 12 7.75 60.72 -46.53
C VAL D 12 7.50 62.02 -45.77
N GLN D 13 7.76 63.15 -46.43
CA GLN D 13 7.58 64.45 -45.80
C GLN D 13 6.10 64.75 -45.61
N PRO D 14 5.75 65.56 -44.60
CA PRO D 14 4.35 65.92 -44.38
C PRO D 14 3.83 66.80 -45.50
N GLY D 15 2.79 66.35 -46.18
CA GLY D 15 2.22 67.03 -47.33
C GLY D 15 2.50 66.33 -48.65
N ARG D 16 3.50 65.46 -48.71
CA ARG D 16 3.88 64.78 -49.94
C ARG D 16 2.95 63.61 -50.20
N SER D 17 3.27 62.81 -51.21
CA SER D 17 2.42 61.72 -51.65
C SER D 17 3.21 60.42 -51.72
N LEU D 18 2.48 59.31 -51.69
CA LEU D 18 3.04 57.99 -51.92
C LEU D 18 2.03 57.17 -52.71
N ARG D 19 2.52 56.09 -53.33
CA ARG D 19 1.68 55.15 -54.07
C ARG D 19 1.92 53.76 -53.50
N LEU D 20 1.07 53.35 -52.56
CA LEU D 20 1.15 52.01 -52.02
C LEU D 20 0.62 51.00 -53.02
N SER D 21 1.30 49.86 -53.12
CA SER D 21 0.92 48.79 -54.04
C SER D 21 0.85 47.47 -53.28
N CYS D 22 0.19 46.51 -53.88
CA CYS D 22 0.00 45.19 -53.27
C CYS D 22 -0.16 44.16 -54.37
N ALA D 23 0.74 43.19 -54.41
CA ALA D 23 0.72 42.14 -55.42
C ALA D 23 0.01 40.91 -54.87
N ALA D 24 -1.01 40.45 -55.59
CA ALA D 24 -1.81 39.32 -55.16
C ALA D 24 -1.48 38.07 -55.97
N SER D 25 -1.61 36.93 -55.31
CA SER D 25 -1.31 35.63 -55.91
C SER D 25 -1.98 34.56 -55.08
N GLY D 26 -2.16 33.39 -55.68
CA GLY D 26 -2.78 32.29 -54.98
C GLY D 26 -4.29 32.33 -54.92
N PHE D 27 -4.94 33.23 -55.66
CA PHE D 27 -6.40 33.23 -55.78
C PHE D 27 -6.79 34.05 -57.00
N THR D 28 -8.08 33.98 -57.33
CA THR D 28 -8.62 34.69 -58.50
C THR D 28 -8.90 36.14 -58.10
N PHE D 29 -7.95 37.03 -58.41
CA PHE D 29 -8.02 38.41 -57.94
C PHE D 29 -9.30 39.10 -58.39
N ASP D 30 -9.79 38.79 -59.58
CA ASP D 30 -10.93 39.52 -60.13
C ASP D 30 -12.27 39.09 -59.53
N ASP D 31 -12.28 38.19 -58.55
CA ASP D 31 -13.52 37.69 -57.98
C ASP D 31 -13.85 38.30 -56.62
N TYR D 32 -12.99 39.16 -56.08
CA TYR D 32 -13.17 39.63 -54.71
C TYR D 32 -12.92 41.12 -54.61
N ALA D 33 -13.69 41.77 -53.75
CA ALA D 33 -13.36 43.13 -53.39
C ALA D 33 -12.06 43.15 -52.60
N MET D 34 -11.41 44.30 -52.61
CA MET D 34 -10.14 44.48 -51.91
C MET D 34 -10.25 45.67 -50.97
N HIS D 35 -9.46 45.65 -49.90
CA HIS D 35 -9.52 46.72 -48.92
C HIS D 35 -8.11 47.14 -48.50
N TRP D 36 -8.05 48.31 -47.87
CA TRP D 36 -6.86 48.80 -47.19
C TRP D 36 -7.24 49.10 -45.75
N VAL D 37 -6.57 48.45 -44.81
CA VAL D 37 -6.79 48.70 -43.39
C VAL D 37 -5.50 49.19 -42.77
N ARG D 38 -5.61 50.18 -41.91
CA ARG D 38 -4.50 50.91 -41.31
C ARG D 38 -4.34 50.51 -39.85
N GLN D 39 -3.10 50.52 -39.36
CA GLN D 39 -2.83 50.29 -37.95
C GLN D 39 -1.67 51.18 -37.50
N ALA D 40 -1.99 52.23 -36.74
CA ALA D 40 -0.98 53.08 -36.15
C ALA D 40 -0.11 52.27 -35.18
N PRO D 41 1.15 52.67 -34.99
CA PRO D 41 2.01 51.95 -34.03
C PRO D 41 1.43 52.00 -32.63
N GLY D 42 1.24 50.82 -32.04
CA GLY D 42 0.68 50.70 -30.71
C GLY D 42 -0.79 51.01 -30.60
N LYS D 43 -1.47 51.32 -31.70
CA LYS D 43 -2.90 51.60 -31.73
C LYS D 43 -3.62 50.43 -32.41
N GLY D 44 -4.93 50.54 -32.52
CA GLY D 44 -5.78 49.51 -33.08
C GLY D 44 -5.93 49.62 -34.58
N LEU D 45 -7.04 49.10 -35.09
CA LEU D 45 -7.28 49.00 -36.53
C LEU D 45 -8.29 50.03 -36.99
N GLU D 46 -8.03 50.60 -38.17
CA GLU D 46 -8.92 51.59 -38.76
C GLU D 46 -9.06 51.28 -40.24
N TRP D 47 -10.30 51.07 -40.69
CA TRP D 47 -10.53 50.79 -42.10
C TRP D 47 -10.33 52.06 -42.92
N VAL D 48 -9.63 51.92 -44.05
CA VAL D 48 -9.24 53.07 -44.87
C VAL D 48 -10.07 53.13 -46.15
N SER D 49 -10.09 52.06 -46.92
CA SER D 49 -10.71 52.13 -48.23
C SER D 49 -11.20 50.76 -48.67
N GLY D 50 -12.06 50.76 -49.67
CA GLY D 50 -12.61 49.54 -50.22
C GLY D 50 -13.03 49.68 -51.68
N ILE D 51 -12.72 48.69 -52.50
CA ILE D 51 -12.98 48.75 -53.93
C ILE D 51 -13.66 47.46 -54.36
N ASP D 52 -14.56 47.58 -55.34
CA ASP D 52 -15.23 46.43 -55.89
C ASP D 52 -14.28 45.62 -56.77
N TRP D 53 -14.75 44.44 -57.19
CA TRP D 53 -13.91 43.59 -58.03
C TRP D 53 -13.59 44.24 -59.36
N ASN D 54 -14.37 45.23 -59.79
CA ASN D 54 -14.21 45.88 -61.08
C ASN D 54 -14.11 47.40 -60.96
N SER D 55 -13.75 47.91 -59.79
CA SER D 55 -13.75 49.34 -59.48
C SER D 55 -15.13 49.97 -59.60
N GLY D 56 -16.19 49.15 -59.61
CA GLY D 56 -17.53 49.67 -59.81
C GLY D 56 -18.08 50.45 -58.64
N SER D 57 -17.63 50.13 -57.43
CA SER D 57 -18.03 50.85 -56.22
C SER D 57 -16.79 51.08 -55.39
N ILE D 58 -16.72 52.23 -54.73
CA ILE D 58 -15.54 52.64 -53.97
C ILE D 58 -15.98 53.35 -52.71
N GLY D 59 -15.35 53.02 -51.58
CA GLY D 59 -15.59 53.72 -50.34
C GLY D 59 -14.30 54.15 -49.68
N TYR D 60 -14.39 55.24 -48.92
CA TYR D 60 -13.27 55.75 -48.14
C TYR D 60 -13.75 56.10 -46.74
N ALA D 61 -12.84 56.00 -45.78
CA ALA D 61 -13.12 56.54 -44.45
C ALA D 61 -13.17 58.05 -44.53
N ASP D 62 -13.99 58.66 -43.67
CA ASP D 62 -14.20 60.10 -43.74
C ASP D 62 -12.90 60.86 -43.50
N SER D 63 -11.98 60.29 -42.72
CA SER D 63 -10.74 60.98 -42.38
C SER D 63 -9.71 60.94 -43.49
N VAL D 64 -9.96 60.17 -44.56
CA VAL D 64 -9.06 60.13 -45.71
C VAL D 64 -9.71 60.65 -46.97
N LYS D 65 -11.00 61.01 -46.93
CA LYS D 65 -11.72 61.41 -48.13
C LYS D 65 -11.03 62.58 -48.82
N GLY D 66 -10.96 62.51 -50.15
CA GLY D 66 -10.31 63.53 -50.94
C GLY D 66 -8.81 63.38 -51.04
N ARG D 67 -8.18 62.85 -49.99
CA ARG D 67 -6.73 62.69 -49.98
C ARG D 67 -6.30 61.34 -50.52
N PHE D 68 -7.07 60.28 -50.27
CA PHE D 68 -6.70 58.93 -50.67
C PHE D 68 -7.49 58.50 -51.91
N THR D 69 -6.88 57.62 -52.70
CA THR D 69 -7.52 57.14 -53.94
C THR D 69 -7.14 55.69 -54.15
N ILE D 70 -8.08 54.78 -53.84
CA ILE D 70 -7.87 53.36 -54.06
C ILE D 70 -8.18 53.00 -55.51
N SER D 71 -7.39 52.08 -56.07
CA SER D 71 -7.56 51.64 -57.44
C SER D 71 -7.01 50.23 -57.57
N ARG D 72 -7.27 49.60 -58.71
CA ARG D 72 -6.77 48.25 -58.93
C ARG D 72 -6.60 47.99 -60.42
N ASP D 73 -5.66 47.10 -60.73
CA ASP D 73 -5.44 46.59 -62.07
C ASP D 73 -5.61 45.07 -62.02
N ASN D 74 -6.77 44.59 -62.44
CA ASN D 74 -7.04 43.16 -62.37
C ASN D 74 -6.23 42.35 -63.37
N ALA D 75 -5.60 43.01 -64.35
CA ALA D 75 -4.70 42.30 -65.24
C ALA D 75 -3.38 41.95 -64.56
N LYS D 76 -2.93 42.81 -63.65
CA LYS D 76 -1.66 42.61 -62.94
C LYS D 76 -1.83 42.06 -61.53
N ASN D 77 -3.06 41.72 -61.14
CA ASN D 77 -3.35 41.23 -59.78
C ASN D 77 -2.84 42.21 -58.73
N SER D 78 -3.01 43.51 -58.99
CA SER D 78 -2.41 44.56 -58.18
C SER D 78 -3.48 45.47 -57.62
N LEU D 79 -3.41 45.74 -56.32
CA LEU D 79 -4.25 46.72 -55.66
C LEU D 79 -3.39 47.93 -55.28
N TYR D 80 -3.89 49.13 -55.58
CA TYR D 80 -3.14 50.35 -55.36
C TYR D 80 -3.87 51.29 -54.40
N LEU D 81 -3.09 52.12 -53.69
CA LEU D 81 -3.62 53.16 -52.81
C LEU D 81 -2.74 54.40 -52.94
N GLN D 82 -3.31 55.46 -53.51
CA GLN D 82 -2.59 56.71 -53.71
C GLN D 82 -2.90 57.64 -52.54
N VAL D 83 -1.91 57.84 -51.66
CA VAL D 83 -2.09 58.63 -50.45
C VAL D 83 -1.47 60.01 -50.69
N ASN D 84 -2.30 61.05 -50.58
CA ASN D 84 -1.87 62.43 -50.84
C ASN D 84 -2.12 63.29 -49.62
N SER D 85 -1.36 64.39 -49.54
CA SER D 85 -1.44 65.34 -48.43
C SER D 85 -1.28 64.63 -47.08
N LEU D 86 -0.15 63.95 -46.94
CA LEU D 86 0.05 63.03 -45.82
C LEU D 86 0.27 63.78 -44.52
N ARG D 87 -0.53 63.44 -43.51
CA ARG D 87 -0.41 64.00 -42.18
C ARG D 87 0.35 63.04 -41.26
N ALA D 88 0.73 63.54 -40.09
CA ALA D 88 1.37 62.67 -39.11
C ALA D 88 0.41 61.62 -38.57
N GLU D 89 -0.90 61.91 -38.61
CA GLU D 89 -1.89 60.91 -38.21
C GLU D 89 -1.92 59.71 -39.14
N ASP D 90 -1.24 59.77 -40.28
CA ASP D 90 -1.28 58.70 -41.26
C ASP D 90 -0.12 57.72 -41.14
N THR D 91 0.86 58.00 -40.28
CA THR D 91 1.95 57.04 -40.06
C THR D 91 1.39 55.75 -39.48
N ALA D 92 1.53 54.66 -40.22
CA ALA D 92 1.00 53.38 -39.78
C ALA D 92 1.43 52.29 -40.76
N LEU D 93 1.18 51.04 -40.37
CA LEU D 93 1.21 49.92 -41.29
C LEU D 93 -0.07 49.91 -42.11
N TYR D 94 0.05 49.78 -43.43
CA TYR D 94 -1.09 49.73 -44.32
C TYR D 94 -1.23 48.29 -44.83
N TYR D 95 -2.33 47.65 -44.43
CA TYR D 95 -2.54 46.25 -44.74
C TYR D 95 -3.37 46.09 -46.01
N CYS D 96 -3.00 45.10 -46.82
CA CYS D 96 -3.79 44.66 -47.97
C CYS D 96 -4.73 43.56 -47.48
N VAL D 97 -6.03 43.85 -47.45
CA VAL D 97 -7.03 42.91 -46.95
C VAL D 97 -7.88 42.43 -48.12
N LYS D 98 -8.03 41.13 -48.24
CA LYS D 98 -8.85 40.50 -49.27
C LYS D 98 -10.24 40.21 -48.72
N ASP D 99 -11.26 40.60 -49.46
CA ASP D 99 -12.64 40.36 -49.06
C ASP D 99 -13.10 38.98 -49.52
N SER D 100 -14.13 38.47 -48.87
CA SER D 100 -14.80 37.27 -49.31
C SER D 100 -15.87 37.53 -50.35
N ARG D 101 -16.27 38.78 -50.54
CA ARG D 101 -17.34 39.15 -51.46
C ARG D 101 -16.77 39.75 -52.73
N ALA D 102 -17.59 39.73 -53.79
CA ALA D 102 -17.24 40.44 -55.01
C ALA D 102 -17.51 41.94 -54.88
N HIS D 103 -18.37 42.34 -53.95
CA HIS D 103 -18.78 43.73 -53.78
C HIS D 103 -18.65 44.10 -52.32
N TYR D 104 -17.86 45.14 -52.05
CA TYR D 104 -17.51 45.50 -50.67
C TYR D 104 -18.70 46.03 -49.88
N ASP D 105 -19.79 46.39 -50.54
CA ASP D 105 -20.86 47.13 -49.87
C ASP D 105 -22.19 46.38 -49.95
N ILE D 106 -22.12 45.05 -49.99
CA ILE D 106 -23.28 44.17 -49.94
C ILE D 106 -23.04 43.15 -48.83
N LEU D 107 -24.12 42.51 -48.39
CA LEU D 107 -24.02 41.59 -47.26
C LEU D 107 -24.09 40.12 -47.64
N ALA D 108 -24.61 39.79 -48.81
CA ALA D 108 -24.65 38.39 -49.24
C ALA D 108 -23.24 37.87 -49.53
N THR D 109 -23.06 36.57 -49.31
CA THR D 109 -21.80 35.85 -49.59
C THR D 109 -20.66 36.29 -48.70
N TYR D 110 -20.95 36.78 -47.49
CA TYR D 110 -19.91 37.26 -46.59
C TYR D 110 -19.34 36.10 -45.77
N VAL D 111 -18.01 35.98 -45.78
CA VAL D 111 -17.30 34.93 -45.07
C VAL D 111 -16.19 35.62 -44.28
N GLY D 112 -16.30 36.94 -44.17
CA GLY D 112 -15.31 37.71 -43.44
C GLY D 112 -14.17 38.13 -44.33
N PHE D 113 -13.13 38.67 -43.70
CA PHE D 113 -11.92 39.09 -44.41
C PHE D 113 -10.95 37.93 -44.40
N ASP D 114 -10.81 37.26 -45.55
CA ASP D 114 -10.17 35.94 -45.57
C ASP D 114 -8.67 36.03 -45.30
N TYR D 115 -7.99 37.00 -45.90
CA TYR D 115 -6.54 37.04 -45.82
C TYR D 115 -6.05 38.48 -45.71
N TRP D 116 -5.07 38.70 -44.85
CA TRP D 116 -4.43 40.00 -44.69
C TRP D 116 -2.96 39.90 -45.06
N GLY D 117 -2.48 40.88 -45.80
CA GLY D 117 -1.06 40.98 -46.05
C GLY D 117 -0.32 41.38 -44.79
N GLN D 118 1.00 41.25 -44.83
CA GLN D 118 1.80 41.62 -43.66
C GLN D 118 1.94 43.12 -43.49
N GLY D 119 1.60 43.91 -44.51
CA GLY D 119 1.56 45.35 -44.42
C GLY D 119 2.83 46.02 -44.91
N THR D 120 2.69 47.29 -45.29
CA THR D 120 3.81 48.16 -45.59
C THR D 120 3.73 49.39 -44.69
N LEU D 121 4.90 49.90 -44.28
CA LEU D 121 4.99 50.93 -43.25
C LEU D 121 5.19 52.30 -43.89
N VAL D 122 4.30 53.23 -43.57
CA VAL D 122 4.39 54.62 -44.01
C VAL D 122 4.77 55.46 -42.80
N THR D 123 5.87 56.18 -42.91
CA THR D 123 6.32 57.10 -41.86
C THR D 123 6.25 58.52 -42.40
N VAL D 124 5.44 59.36 -41.78
CA VAL D 124 5.31 60.76 -42.14
C VAL D 124 6.17 61.56 -41.17
N SER D 125 7.28 62.10 -41.67
CA SER D 125 8.20 62.86 -40.83
C SER D 125 9.16 63.64 -41.72
N SER D 126 9.48 64.85 -41.30
CA SER D 126 10.48 65.66 -41.99
C SER D 126 11.91 65.20 -41.69
N ALA D 127 12.08 64.16 -40.86
CA ALA D 127 13.40 63.66 -40.52
C ALA D 127 14.04 62.97 -41.73
N SER D 128 15.36 62.77 -41.64
CA SER D 128 16.15 62.25 -42.74
C SER D 128 16.56 60.81 -42.48
N THR D 129 16.76 60.07 -43.57
CA THR D 129 17.14 58.67 -43.48
C THR D 129 18.55 58.52 -42.96
N LYS D 130 18.74 57.56 -42.05
CA LYS D 130 20.06 57.27 -41.50
C LYS D 130 20.23 55.76 -41.36
N GLY D 131 21.39 55.27 -41.80
CA GLY D 131 21.70 53.86 -41.75
C GLY D 131 22.31 53.47 -40.41
N PRO D 132 22.02 52.24 -39.99
CA PRO D 132 22.43 51.82 -38.64
C PRO D 132 23.87 51.36 -38.57
N SER D 133 24.39 51.36 -37.33
CA SER D 133 25.65 50.72 -36.98
C SER D 133 25.35 49.41 -36.28
N VAL D 134 26.06 48.35 -36.67
CA VAL D 134 25.85 47.01 -36.13
C VAL D 134 27.09 46.62 -35.34
N PHE D 135 26.91 46.39 -34.05
CA PHE D 135 27.99 46.09 -33.12
C PHE D 135 27.82 44.70 -32.53
N PRO D 136 28.93 44.01 -32.21
CA PRO D 136 28.84 42.65 -31.64
C PRO D 136 28.71 42.66 -30.13
N LEU D 137 27.70 41.96 -29.61
CA LEU D 137 27.58 41.69 -28.18
C LEU D 137 28.22 40.34 -27.91
N ALA D 138 29.48 40.35 -27.50
CA ALA D 138 30.26 39.13 -27.44
C ALA D 138 29.91 38.31 -26.19
N PRO D 139 29.75 37.00 -26.31
CA PRO D 139 29.57 36.17 -25.12
C PRO D 139 30.85 36.12 -24.30
N SER D 140 30.68 36.03 -22.99
CA SER D 140 31.80 36.02 -22.07
C SER D 140 31.39 35.28 -20.80
N SER D 141 32.30 35.24 -19.83
CA SER D 141 31.94 34.72 -18.52
C SER D 141 30.82 35.53 -17.88
N LYS D 142 30.73 36.82 -18.21
CA LYS D 142 29.64 37.68 -17.76
C LYS D 142 28.36 37.47 -18.57
N SER D 143 28.41 36.62 -19.60
CA SER D 143 27.26 36.34 -20.44
C SER D 143 26.89 34.85 -20.43
N THR D 144 27.32 34.12 -19.40
CA THR D 144 27.12 32.67 -19.31
C THR D 144 26.38 32.32 -18.02
N SER D 145 25.50 31.34 -18.10
CA SER D 145 24.79 30.80 -16.92
C SER D 145 24.73 29.29 -17.09
N GLY D 146 25.64 28.59 -16.42
CA GLY D 146 25.71 27.15 -16.58
C GLY D 146 26.08 26.78 -18.01
N GLY D 147 25.34 25.84 -18.58
CA GLY D 147 25.61 25.44 -19.94
C GLY D 147 25.11 26.37 -21.01
N THR D 148 24.42 27.44 -20.63
CA THR D 148 23.83 28.37 -21.58
C THR D 148 24.62 29.67 -21.61
N ALA D 149 25.06 30.06 -22.79
CA ALA D 149 25.65 31.37 -23.01
C ALA D 149 24.70 32.23 -23.84
N ALA D 150 24.94 33.54 -23.82
CA ALA D 150 24.14 34.48 -24.59
C ALA D 150 25.05 35.35 -25.43
N LEU D 151 24.55 35.75 -26.59
CA LEU D 151 25.28 36.63 -27.49
C LEU D 151 24.26 37.38 -28.33
N GLY D 152 24.72 38.40 -29.04
CA GLY D 152 23.78 39.17 -29.84
C GLY D 152 24.45 40.25 -30.66
N CYS D 153 23.60 41.03 -31.32
CA CYS D 153 24.00 42.17 -32.13
C CYS D 153 23.29 43.43 -31.62
N LEU D 154 24.01 44.54 -31.60
CA LEU D 154 23.45 45.84 -31.30
C LEU D 154 23.31 46.62 -32.60
N VAL D 155 22.09 47.09 -32.89
CA VAL D 155 21.79 47.83 -34.11
C VAL D 155 21.42 49.25 -33.69
N LYS D 156 22.26 50.23 -34.03
CA LYS D 156 22.17 51.55 -33.42
C LYS D 156 22.08 52.66 -34.48
N ASP D 157 21.32 53.70 -34.14
CA ASP D 157 21.32 54.97 -34.85
C ASP D 157 20.78 54.83 -36.28
N TYR D 158 19.48 54.53 -36.35
CA TYR D 158 18.77 54.47 -37.62
C TYR D 158 17.37 55.05 -37.43
N PHE D 159 16.95 55.93 -38.33
CA PHE D 159 15.68 56.60 -38.08
C PHE D 159 14.45 55.87 -38.61
N PRO D 160 14.46 55.34 -39.84
CA PRO D 160 13.18 54.90 -40.44
C PRO D 160 12.44 53.79 -39.70
N GLU D 161 13.14 52.79 -39.12
CA GLU D 161 12.67 51.71 -38.23
C GLU D 161 12.36 50.35 -38.85
N PRO D 162 12.24 50.20 -40.18
CA PRO D 162 12.04 48.80 -40.62
C PRO D 162 13.35 48.03 -40.70
N VAL D 163 13.83 47.55 -39.56
CA VAL D 163 15.05 46.75 -39.47
C VAL D 163 14.68 45.31 -39.16
N THR D 164 15.21 44.39 -39.95
CA THR D 164 14.97 42.96 -39.76
C THR D 164 16.30 42.30 -39.41
N VAL D 165 16.30 41.50 -38.35
CA VAL D 165 17.50 40.78 -37.92
C VAL D 165 17.24 39.29 -38.02
N SER D 166 18.23 38.54 -38.50
CA SER D 166 18.19 37.09 -38.56
C SER D 166 19.58 36.55 -38.24
N TRP D 167 19.62 35.30 -37.81
CA TRP D 167 20.87 34.67 -37.39
C TRP D 167 21.22 33.49 -38.28
N ASN D 168 22.51 33.38 -38.62
CA ASN D 168 23.06 32.30 -39.44
C ASN D 168 22.21 32.05 -40.68
N SER D 169 21.67 33.14 -41.26
CA SER D 169 20.88 33.08 -42.49
C SER D 169 19.64 32.22 -42.31
N GLY D 170 18.98 32.35 -41.15
CA GLY D 170 17.77 31.61 -40.85
C GLY D 170 18.00 30.23 -40.26
N ALA D 171 19.24 29.74 -40.26
CA ALA D 171 19.55 28.41 -39.73
C ALA D 171 19.58 28.37 -38.21
N LEU D 172 19.58 29.52 -37.53
CA LEU D 172 19.49 29.60 -36.08
C LEU D 172 18.23 30.36 -35.73
N THR D 173 17.25 29.66 -35.16
CA THR D 173 15.98 30.27 -34.81
C THR D 173 15.55 30.04 -33.37
N SER D 174 16.08 29.01 -32.69
CA SER D 174 15.71 28.76 -31.31
C SER D 174 16.40 29.74 -30.38
N GLY D 175 15.66 30.23 -29.39
CA GLY D 175 16.24 31.16 -28.43
C GLY D 175 16.62 32.51 -28.98
N VAL D 176 16.03 32.91 -30.11
CA VAL D 176 16.32 34.22 -30.69
C VAL D 176 15.27 35.19 -30.19
N HIS D 177 15.73 36.28 -29.58
CA HIS D 177 14.86 37.39 -29.20
C HIS D 177 15.41 38.66 -29.84
N THR D 178 14.70 39.17 -30.83
CA THR D 178 14.99 40.48 -31.40
C THR D 178 14.08 41.49 -30.73
N PHE D 179 14.68 42.48 -30.07
CA PHE D 179 13.90 43.37 -29.23
C PHE D 179 13.20 44.44 -30.04
N PRO D 180 12.08 44.97 -29.53
CA PRO D 180 11.46 46.13 -30.18
C PRO D 180 12.40 47.31 -30.17
N ALA D 181 12.40 48.08 -31.26
CA ALA D 181 13.21 49.28 -31.32
C ALA D 181 12.70 50.31 -30.33
N VAL D 182 13.63 51.10 -29.79
CA VAL D 182 13.29 52.19 -28.89
C VAL D 182 13.84 53.50 -29.49
N LEU D 183 13.06 54.57 -29.37
CA LEU D 183 13.43 55.87 -29.90
C LEU D 183 14.31 56.59 -28.88
N GLN D 184 15.56 56.84 -29.26
CA GLN D 184 16.49 57.53 -28.38
C GLN D 184 16.19 59.03 -28.34
N SER D 185 16.83 59.72 -27.40
CA SER D 185 16.66 61.16 -27.33
C SER D 185 17.15 61.84 -28.60
N SER D 186 18.08 61.21 -29.31
CA SER D 186 18.63 61.73 -30.55
C SER D 186 17.62 61.71 -31.70
N GLY D 187 16.44 61.12 -31.52
CA GLY D 187 15.51 60.92 -32.61
C GLY D 187 15.80 59.73 -33.49
N LEU D 188 16.77 58.89 -33.13
CA LEU D 188 17.14 57.72 -33.88
C LEU D 188 16.80 56.45 -33.11
N TYR D 189 16.46 55.40 -33.85
CA TYR D 189 16.10 54.13 -33.24
C TYR D 189 17.33 53.28 -32.98
N SER D 190 17.20 52.39 -31.99
CA SER D 190 18.21 51.40 -31.71
C SER D 190 17.51 50.16 -31.18
N LEU D 191 18.05 48.99 -31.51
CA LEU D 191 17.53 47.73 -30.98
C LEU D 191 18.66 46.71 -30.89
N SER D 192 18.38 45.65 -30.14
CA SER D 192 19.29 44.52 -30.00
C SER D 192 18.57 43.25 -30.42
N SER D 193 19.36 42.28 -30.85
CA SER D 193 18.89 40.93 -31.15
C SER D 193 19.83 39.96 -30.45
N VAL D 194 19.28 39.05 -29.66
CA VAL D 194 20.10 38.16 -28.83
C VAL D 194 19.71 36.71 -29.08
N VAL D 195 20.66 35.82 -28.78
CA VAL D 195 20.46 34.38 -28.97
C VAL D 195 21.16 33.67 -27.82
N THR D 196 20.45 32.72 -27.20
CA THR D 196 21.04 31.87 -26.18
C THR D 196 21.44 30.54 -26.81
N VAL D 197 22.69 30.13 -26.57
CA VAL D 197 23.22 28.92 -27.17
C VAL D 197 23.93 28.10 -26.10
N PRO D 198 24.15 26.81 -26.36
CA PRO D 198 24.99 26.01 -25.46
C PRO D 198 26.42 26.55 -25.40
N SER D 199 26.97 26.56 -24.18
CA SER D 199 28.28 27.16 -23.97
C SER D 199 29.38 26.41 -24.72
N SER D 200 29.26 25.08 -24.81
CA SER D 200 30.26 24.27 -25.49
C SER D 200 30.28 24.51 -27.00
N SER D 201 29.37 25.31 -27.54
CA SER D 201 29.31 25.56 -28.97
C SER D 201 30.19 26.73 -29.40
N LEU D 202 30.51 27.66 -28.51
CA LEU D 202 31.49 28.68 -28.84
C LEU D 202 32.85 28.04 -29.04
N GLY D 203 33.70 28.72 -29.81
CA GLY D 203 34.98 28.15 -30.18
C GLY D 203 34.90 27.05 -31.22
N THR D 204 33.70 26.60 -31.58
CA THR D 204 33.53 25.63 -32.67
C THR D 204 32.37 25.94 -33.61
N GLN D 205 31.41 26.77 -33.22
CA GLN D 205 30.30 27.17 -34.10
C GLN D 205 30.34 28.67 -34.30
N THR D 206 30.41 29.11 -35.54
CA THR D 206 30.48 30.52 -35.88
C THR D 206 29.06 31.10 -36.00
N TYR D 207 28.82 32.20 -35.31
CA TYR D 207 27.51 32.85 -35.27
C TYR D 207 27.57 34.19 -35.99
N ILE D 208 26.72 34.35 -36.99
CA ILE D 208 26.62 35.60 -37.75
C ILE D 208 25.19 36.11 -37.64
N CYS D 209 25.05 37.37 -37.28
CA CYS D 209 23.75 38.05 -37.32
C CYS D 209 23.62 38.84 -38.60
N ASN D 210 22.45 38.74 -39.24
CA ASN D 210 22.18 39.37 -40.53
C ASN D 210 21.18 40.49 -40.31
N VAL D 211 21.66 41.73 -40.43
CA VAL D 211 20.84 42.91 -40.23
C VAL D 211 20.47 43.50 -41.59
N ASN D 212 19.23 43.93 -41.73
CA ASN D 212 18.77 44.59 -42.95
C ASN D 212 17.96 45.81 -42.55
N HIS D 213 18.35 46.96 -43.10
CA HIS D 213 17.61 48.22 -42.98
C HIS D 213 17.43 48.71 -44.41
N LYS D 214 16.37 48.25 -45.08
CA LYS D 214 16.14 48.58 -46.48
C LYS D 214 16.14 50.08 -46.78
N PRO D 215 15.52 50.96 -45.96
CA PRO D 215 15.57 52.40 -46.26
C PRO D 215 16.93 52.97 -46.62
N SER D 216 18.01 52.55 -45.95
CA SER D 216 19.35 53.03 -46.26
C SER D 216 20.15 52.06 -47.12
N ASN D 217 19.50 51.00 -47.62
CA ASN D 217 20.14 49.94 -48.40
C ASN D 217 21.39 49.43 -47.68
N THR D 218 21.17 48.98 -46.44
CA THR D 218 22.23 48.48 -45.57
C THR D 218 21.97 47.01 -45.27
N LYS D 219 22.91 46.16 -45.66
CA LYS D 219 22.87 44.74 -45.34
C LYS D 219 24.18 44.36 -44.67
N VAL D 220 24.13 44.03 -43.39
CA VAL D 220 25.30 43.73 -42.58
C VAL D 220 25.23 42.27 -42.13
N ASP D 221 26.38 41.61 -42.12
CA ASP D 221 26.53 40.23 -41.63
C ASP D 221 27.66 40.24 -40.60
N LYS D 222 27.32 40.53 -39.35
CA LYS D 222 28.31 40.69 -38.30
C LYS D 222 28.54 39.36 -37.62
N ARG D 223 29.81 39.02 -37.42
CA ARG D 223 30.21 37.78 -36.74
C ARG D 223 30.51 38.07 -35.28
N VAL D 224 29.84 37.35 -34.38
CA VAL D 224 29.91 37.59 -32.95
C VAL D 224 30.79 36.50 -32.34
N GLU D 225 32.03 36.88 -31.98
CA GLU D 225 33.14 36.11 -31.45
C GLU D 225 33.22 36.18 -29.93
N PRO D 226 33.69 35.12 -29.28
CA PRO D 226 33.85 35.17 -27.82
C PRO D 226 35.04 36.03 -27.43
N LYS D 227 35.13 36.29 -26.12
CA LYS D 227 36.26 37.04 -25.55
C LYS D 227 37.13 36.17 -24.66
N ILE E 2 -20.90 53.34 -36.28
CA ILE E 2 -21.02 52.33 -35.23
C ILE E 2 -19.73 52.24 -34.42
N VAL E 3 -19.86 52.15 -33.11
CA VAL E 3 -18.72 52.15 -32.20
C VAL E 3 -18.64 50.79 -31.52
N MET E 4 -17.45 50.19 -31.54
CA MET E 4 -17.20 48.88 -30.94
C MET E 4 -16.43 49.08 -29.63
N THR E 5 -16.91 48.44 -28.56
CA THR E 5 -16.23 48.45 -27.27
C THR E 5 -16.10 47.04 -26.73
N GLN E 6 -14.89 46.65 -26.37
CA GLN E 6 -14.62 45.39 -25.69
C GLN E 6 -14.24 45.68 -24.24
N PHE E 7 -14.83 44.96 -23.30
CA PHE E 7 -14.62 45.34 -21.91
C PHE E 7 -13.24 44.95 -21.40
N PRO E 8 -12.83 43.68 -21.41
CA PRO E 8 -11.50 43.37 -20.87
C PRO E 8 -10.42 43.80 -21.85
N LEU E 9 -9.71 44.89 -21.53
CA LEU E 9 -8.66 45.37 -22.42
C LEU E 9 -7.44 44.46 -22.38
N SER E 10 -7.16 43.85 -21.23
CA SER E 10 -6.20 42.77 -21.09
C SER E 10 -6.84 41.68 -20.24
N LEU E 11 -6.57 40.43 -20.59
CA LEU E 11 -7.18 39.28 -19.93
C LEU E 11 -6.11 38.25 -19.58
N PRO E 12 -5.71 38.13 -18.31
CA PRO E 12 -4.75 37.10 -17.93
C PRO E 12 -5.41 35.75 -17.65
N VAL E 13 -4.96 34.70 -18.33
CA VAL E 13 -5.61 33.39 -18.26
C VAL E 13 -4.56 32.30 -18.11
N THR E 14 -4.80 31.37 -17.17
CA THR E 14 -3.94 30.23 -16.92
C THR E 14 -4.10 29.18 -18.02
N PRO E 15 -3.01 28.55 -18.47
CA PRO E 15 -3.13 27.52 -19.51
C PRO E 15 -4.05 26.38 -19.08
N GLY E 16 -5.00 26.05 -19.95
CA GLY E 16 -6.00 25.04 -19.69
C GLY E 16 -7.35 25.57 -19.26
N GLU E 17 -7.40 26.83 -18.77
CA GLU E 17 -8.59 27.50 -18.30
C GLU E 17 -9.31 28.20 -19.45
N PRO E 18 -10.59 28.53 -19.28
CA PRO E 18 -11.32 29.25 -20.33
C PRO E 18 -11.04 30.73 -20.30
N ALA E 19 -11.33 31.37 -21.44
CA ALA E 19 -11.22 32.81 -21.60
C ALA E 19 -12.51 33.34 -22.20
N SER E 20 -12.83 34.59 -21.87
CA SER E 20 -14.06 35.22 -22.34
C SER E 20 -13.81 36.70 -22.60
N ILE E 21 -14.11 37.14 -23.82
CA ILE E 21 -14.02 38.54 -24.21
C ILE E 21 -15.39 38.98 -24.70
N SER E 22 -15.89 40.09 -24.14
CA SER E 22 -17.21 40.60 -24.51
C SER E 22 -17.07 41.80 -25.44
N CYS E 23 -17.95 41.87 -26.42
CA CYS E 23 -18.03 43.01 -27.33
C CYS E 23 -19.42 43.63 -27.24
N ARG E 24 -19.47 44.95 -27.21
CA ARG E 24 -20.71 45.71 -27.21
C ARG E 24 -20.67 46.68 -28.37
N SER E 25 -21.80 46.81 -29.08
CA SER E 25 -21.88 47.67 -30.24
C SER E 25 -22.87 48.80 -30.00
N SER E 26 -22.63 49.93 -30.66
CA SER E 26 -23.47 51.11 -30.47
C SER E 26 -24.87 50.89 -31.02
N GLN E 27 -24.99 50.29 -32.20
CA GLN E 27 -26.29 49.93 -32.77
C GLN E 27 -26.37 48.41 -32.90
N SER E 28 -27.58 47.92 -33.11
CA SER E 28 -27.79 46.49 -33.24
C SER E 28 -27.23 45.99 -34.56
N LEU E 29 -26.46 44.90 -34.49
CA LEU E 29 -25.87 44.29 -35.67
C LEU E 29 -26.70 43.14 -36.21
N LEU E 30 -27.85 42.85 -35.60
CA LEU E 30 -28.74 41.84 -36.13
C LEU E 30 -29.54 42.40 -37.29
N HIS E 31 -29.49 41.71 -38.42
CA HIS E 31 -30.08 42.15 -39.67
C HIS E 31 -31.34 41.35 -39.93
N SER E 32 -32.21 41.88 -40.80
CA SER E 32 -33.47 41.21 -41.07
C SER E 32 -33.26 39.83 -41.70
N ASN E 33 -32.16 39.64 -42.43
CA ASN E 33 -31.86 38.36 -43.04
C ASN E 33 -31.49 37.29 -42.03
N GLY E 34 -31.32 37.66 -40.77
CA GLY E 34 -31.19 36.70 -39.68
C GLY E 34 -29.80 36.60 -39.07
N ASN E 35 -28.79 37.21 -39.67
CA ASN E 35 -27.43 37.11 -39.18
C ASN E 35 -27.07 38.33 -38.34
N ASN E 36 -26.05 38.15 -37.51
CA ASN E 36 -25.43 39.24 -36.78
C ASN E 36 -24.05 39.48 -37.40
N TYR E 37 -23.86 40.66 -37.95
CA TYR E 37 -22.66 40.91 -38.76
C TYR E 37 -21.52 41.39 -37.85
N LEU E 38 -21.04 40.46 -37.04
CA LEU E 38 -19.90 40.67 -36.15
C LEU E 38 -18.78 39.70 -36.49
N ASP E 39 -17.55 40.21 -36.49
CA ASP E 39 -16.36 39.44 -36.79
C ASP E 39 -15.38 39.52 -35.63
N TRP E 40 -14.50 38.52 -35.55
CA TRP E 40 -13.40 38.47 -34.57
C TRP E 40 -12.10 38.25 -35.31
N TYR E 41 -11.06 39.01 -34.96
CA TYR E 41 -9.75 38.91 -35.60
C TYR E 41 -8.67 38.77 -34.55
N LEU E 42 -7.72 37.88 -34.86
CA LEU E 42 -6.58 37.59 -33.99
C LEU E 42 -5.30 38.14 -34.62
N GLN E 43 -4.60 38.97 -33.87
CA GLN E 43 -3.28 39.46 -34.25
C GLN E 43 -2.27 38.82 -33.30
N LYS E 44 -1.59 37.79 -33.78
CA LYS E 44 -0.52 37.15 -33.03
C LYS E 44 0.72 38.02 -33.04
N PRO E 45 1.62 37.84 -32.07
CA PRO E 45 2.82 38.70 -32.00
C PRO E 45 3.62 38.66 -33.29
N GLY E 46 3.97 39.85 -33.79
CA GLY E 46 4.77 40.00 -34.99
C GLY E 46 4.03 39.85 -36.31
N GLN E 47 2.73 39.56 -36.28
CA GLN E 47 1.97 39.29 -37.49
C GLN E 47 0.87 40.33 -37.67
N SER E 48 0.32 40.33 -38.89
CA SER E 48 -0.90 41.06 -39.18
C SER E 48 -2.09 40.36 -38.53
N PRO E 49 -3.23 41.04 -38.43
CA PRO E 49 -4.46 40.35 -37.99
C PRO E 49 -4.84 39.26 -38.98
N GLN E 50 -5.61 38.29 -38.49
CA GLN E 50 -6.16 37.25 -39.35
C GLN E 50 -7.53 36.85 -38.83
N LEU E 51 -8.37 36.36 -39.75
CA LEU E 51 -9.75 36.05 -39.40
C LEU E 51 -9.81 34.86 -38.45
N LEU E 52 -10.53 35.04 -37.35
CA LEU E 52 -10.75 33.97 -36.37
C LEU E 52 -12.18 33.47 -36.43
N ILE E 53 -13.15 34.35 -36.22
CA ILE E 53 -14.57 34.01 -36.26
C ILE E 53 -15.26 34.93 -37.24
N TYR E 54 -16.16 34.38 -38.04
CA TYR E 54 -16.93 35.18 -38.99
C TYR E 54 -18.41 34.93 -38.79
N LEU E 55 -19.20 35.98 -39.01
CA LEU E 55 -20.66 35.94 -38.88
C LEU E 55 -21.08 35.46 -37.50
N ASN E 56 -20.38 35.97 -36.47
CA ASN E 56 -20.67 35.75 -35.06
C ASN E 56 -20.28 34.36 -34.58
N SER E 57 -20.80 33.30 -35.20
CA SER E 57 -20.65 31.96 -34.65
C SER E 57 -19.93 30.98 -35.57
N ASN E 58 -19.36 31.45 -36.67
CA ASN E 58 -18.72 30.57 -37.65
C ASN E 58 -17.21 30.76 -37.60
N ARG E 59 -16.48 29.64 -37.53
CA ARG E 59 -15.03 29.66 -37.40
C ARG E 59 -14.37 29.69 -38.77
N ALA E 60 -13.29 30.45 -38.89
CA ALA E 60 -12.53 30.48 -40.11
C ALA E 60 -11.76 29.17 -40.29
N SER E 61 -11.16 29.00 -41.47
CA SER E 61 -10.46 27.77 -41.79
C SER E 61 -9.25 27.58 -40.89
N GLY E 62 -9.18 26.42 -40.24
CA GLY E 62 -8.07 26.09 -39.37
C GLY E 62 -8.14 26.65 -37.98
N VAL E 63 -9.29 27.15 -37.55
CA VAL E 63 -9.46 27.70 -36.21
C VAL E 63 -9.90 26.56 -35.30
N PRO E 64 -9.11 26.19 -34.29
CA PRO E 64 -9.44 25.02 -33.45
C PRO E 64 -10.82 25.16 -32.80
N ASP E 65 -11.48 24.02 -32.60
CA ASP E 65 -12.87 24.01 -32.14
C ASP E 65 -13.06 24.65 -30.77
N ARG E 66 -11.97 24.86 -30.01
CA ARG E 66 -12.07 25.48 -28.70
C ARG E 66 -12.45 26.96 -28.79
N PHE E 67 -12.17 27.61 -29.92
CA PHE E 67 -12.62 28.96 -30.16
C PHE E 67 -14.10 28.97 -30.51
N SER E 68 -14.87 29.82 -29.84
CA SER E 68 -16.31 29.88 -30.01
C SER E 68 -16.77 31.33 -30.02
N GLY E 69 -17.86 31.59 -30.73
CA GLY E 69 -18.44 32.91 -30.77
C GLY E 69 -19.94 32.84 -30.56
N SER E 70 -20.48 33.90 -29.97
CA SER E 70 -21.89 33.92 -29.59
C SER E 70 -22.35 35.37 -29.45
N GLY E 71 -23.61 35.53 -29.07
CA GLY E 71 -24.21 36.83 -28.87
C GLY E 71 -25.23 37.15 -29.95
N SER E 72 -25.98 38.22 -29.67
CA SER E 72 -26.97 38.74 -30.61
C SER E 72 -27.22 40.21 -30.30
N GLY E 73 -27.75 40.91 -31.30
CA GLY E 73 -28.13 42.30 -31.14
C GLY E 73 -26.96 43.24 -30.95
N THR E 74 -26.73 43.65 -29.71
CA THR E 74 -25.64 44.55 -29.38
C THR E 74 -24.58 43.95 -28.47
N ASP E 75 -24.80 42.73 -27.96
CA ASP E 75 -23.91 42.09 -27.01
C ASP E 75 -23.44 40.76 -27.59
N PHE E 76 -22.13 40.56 -27.64
CA PHE E 76 -21.54 39.36 -28.21
C PHE E 76 -20.35 38.93 -27.36
N THR E 77 -19.93 37.68 -27.55
CA THR E 77 -18.90 37.09 -26.71
C THR E 77 -18.00 36.17 -27.53
N LEU E 78 -16.70 36.24 -27.26
CA LEU E 78 -15.74 35.27 -27.77
C LEU E 78 -15.29 34.38 -26.61
N LYS E 79 -15.28 33.08 -26.83
CA LYS E 79 -14.94 32.12 -25.79
C LYS E 79 -13.85 31.17 -26.26
N ILE E 80 -12.87 30.94 -25.40
CA ILE E 80 -11.87 29.89 -25.60
C ILE E 80 -12.06 28.88 -24.48
N SER E 81 -12.34 27.63 -24.84
CA SER E 81 -12.64 26.63 -23.83
C SER E 81 -11.39 26.26 -23.02
N ARG E 82 -10.30 25.94 -23.70
CA ARG E 82 -9.02 25.64 -23.06
C ARG E 82 -7.98 26.54 -23.70
N VAL E 83 -7.39 27.42 -22.91
CA VAL E 83 -6.44 28.38 -23.44
C VAL E 83 -5.07 27.72 -23.54
N GLU E 84 -4.36 28.01 -24.62
CA GLU E 84 -3.04 27.44 -24.89
C GLU E 84 -2.03 28.56 -25.12
N ALA E 85 -0.75 28.20 -25.08
CA ALA E 85 0.32 29.19 -25.16
C ALA E 85 0.27 29.98 -26.46
N GLU E 86 0.03 29.28 -27.58
CA GLU E 86 0.03 29.92 -28.89
C GLU E 86 -1.19 30.78 -29.13
N ASP E 87 -2.13 30.84 -28.18
CA ASP E 87 -3.28 31.72 -28.31
C ASP E 87 -2.95 33.17 -27.91
N VAL E 88 -1.74 33.44 -27.43
CA VAL E 88 -1.39 34.79 -27.03
C VAL E 88 -1.44 35.71 -28.23
N GLY E 89 -1.96 36.91 -28.01
CA GLY E 89 -2.14 37.86 -29.07
C GLY E 89 -3.17 38.89 -28.68
N VAL E 90 -3.53 39.72 -29.63
CA VAL E 90 -4.54 40.75 -29.43
C VAL E 90 -5.77 40.38 -30.24
N TYR E 91 -6.93 40.37 -29.60
CA TYR E 91 -8.18 39.95 -30.19
C TYR E 91 -9.00 41.18 -30.56
N TYR E 92 -9.39 41.28 -31.84
CA TYR E 92 -10.14 42.42 -32.33
C TYR E 92 -11.55 42.00 -32.72
N CYS E 93 -12.50 42.91 -32.50
CA CYS E 93 -13.91 42.68 -32.75
C CYS E 93 -14.35 43.69 -33.78
N MET E 94 -14.74 43.21 -34.97
CA MET E 94 -15.13 44.10 -36.07
C MET E 94 -16.58 43.84 -36.46
N GLN E 95 -17.35 44.93 -36.61
CA GLN E 95 -18.67 44.86 -37.22
C GLN E 95 -18.58 45.03 -38.73
N ALA E 96 -19.43 44.30 -39.45
CA ALA E 96 -19.47 44.37 -40.91
C ALA E 96 -20.80 44.88 -41.44
N LEU E 97 -21.72 45.29 -40.56
CA LEU E 97 -23.03 45.75 -41.03
C LEU E 97 -22.91 47.04 -41.84
N GLN E 98 -21.98 47.91 -41.48
CA GLN E 98 -21.66 49.08 -42.26
C GLN E 98 -20.19 49.01 -42.66
N THR E 99 -19.66 50.13 -43.15
CA THR E 99 -18.23 50.24 -43.38
C THR E 99 -17.50 49.81 -42.11
N PRO E 100 -16.47 48.97 -42.22
CA PRO E 100 -15.98 48.24 -41.04
C PRO E 100 -15.44 49.16 -39.96
N THR E 101 -16.01 49.04 -38.76
CA THR E 101 -15.44 49.64 -37.56
C THR E 101 -14.96 48.53 -36.64
N PHE E 102 -13.91 48.82 -35.88
CA PHE E 102 -13.25 47.84 -35.03
C PHE E 102 -13.38 48.23 -33.56
N GLY E 103 -13.23 47.24 -32.71
CA GLY E 103 -12.99 47.53 -31.31
C GLY E 103 -11.54 47.87 -31.11
N GLN E 104 -11.22 48.23 -29.87
CA GLN E 104 -9.83 48.28 -29.45
C GLN E 104 -9.33 46.86 -29.19
N GLY E 105 -8.03 46.72 -28.99
CA GLY E 105 -7.48 45.39 -28.80
C GLY E 105 -7.80 44.81 -27.44
N THR E 106 -7.89 43.49 -27.37
CA THR E 106 -7.92 42.75 -26.11
C THR E 106 -6.69 41.86 -26.06
N ARG E 107 -5.73 42.19 -25.19
CA ARG E 107 -4.50 41.43 -25.11
C ARG E 107 -4.72 40.22 -24.20
N LEU E 108 -4.45 39.03 -24.72
CA LEU E 108 -4.52 37.81 -23.95
C LEU E 108 -3.13 37.50 -23.40
N GLU E 109 -3.01 37.52 -22.08
CA GLU E 109 -1.76 37.16 -21.40
C GLU E 109 -1.91 35.79 -20.77
N ILE E 110 -0.86 34.99 -20.84
CA ILE E 110 -0.89 33.61 -20.38
C ILE E 110 -0.31 33.56 -18.97
N LYS E 111 -1.13 33.13 -18.00
CA LYS E 111 -0.72 33.07 -16.61
C LYS E 111 0.16 31.84 -16.40
N ARG E 112 1.42 31.99 -16.80
CA ARG E 112 2.44 30.97 -16.63
C ARG E 112 2.81 30.84 -15.15
N THR E 113 3.48 29.74 -14.81
CA THR E 113 4.13 29.68 -13.51
C THR E 113 5.27 30.69 -13.47
N VAL E 114 5.68 31.05 -12.26
CA VAL E 114 6.74 32.04 -12.08
C VAL E 114 8.04 31.48 -12.63
N ALA E 115 8.77 32.31 -13.38
CA ALA E 115 10.05 31.94 -13.96
C ALA E 115 11.04 33.06 -13.70
N ALA E 116 12.09 32.76 -12.95
CA ALA E 116 13.13 33.73 -12.69
C ALA E 116 13.90 34.03 -13.97
N PRO E 117 14.36 35.27 -14.15
CA PRO E 117 15.18 35.59 -15.31
C PRO E 117 16.59 35.05 -15.15
N SER E 118 17.21 34.77 -16.29
CA SER E 118 18.66 34.62 -16.36
C SER E 118 19.26 35.95 -16.79
N VAL E 119 20.29 36.39 -16.09
CA VAL E 119 20.80 37.76 -16.22
C VAL E 119 22.20 37.71 -16.81
N PHE E 120 22.39 38.39 -17.92
CA PHE E 120 23.68 38.49 -18.60
C PHE E 120 24.00 39.96 -18.83
N ILE E 121 25.30 40.27 -18.91
CA ILE E 121 25.75 41.64 -19.16
C ILE E 121 26.81 41.62 -20.27
N PHE E 122 26.75 42.62 -21.14
CA PHE E 122 27.67 42.74 -22.27
C PHE E 122 28.39 44.08 -22.21
N PRO E 123 29.71 44.10 -22.04
CA PRO E 123 30.44 45.36 -22.14
C PRO E 123 30.46 45.85 -23.57
N PRO E 124 30.63 47.16 -23.80
CA PRO E 124 30.63 47.68 -25.16
C PRO E 124 31.77 47.10 -25.99
N SER E 125 31.49 46.86 -27.26
CA SER E 125 32.49 46.30 -28.16
C SER E 125 33.63 47.28 -28.37
N ASP E 126 34.81 46.74 -28.70
CA ASP E 126 35.93 47.61 -29.04
C ASP E 126 35.64 48.42 -30.29
N GLU E 127 34.75 47.92 -31.15
CA GLU E 127 34.41 48.63 -32.38
C GLU E 127 33.61 49.89 -32.09
N GLN E 128 32.64 49.81 -31.17
CA GLN E 128 31.86 50.98 -30.81
C GLN E 128 32.71 51.99 -30.04
N LEU E 129 33.60 51.53 -29.17
CA LEU E 129 34.47 52.44 -28.44
C LEU E 129 35.40 53.22 -29.36
N LYS E 130 35.68 52.71 -30.56
CA LYS E 130 36.41 53.48 -31.56
C LYS E 130 35.53 54.57 -32.17
N SER E 131 34.22 54.40 -32.14
CA SER E 131 33.31 55.40 -32.69
C SER E 131 32.98 56.51 -31.70
N GLY E 132 33.41 56.38 -30.45
CA GLY E 132 33.20 57.42 -29.44
C GLY E 132 32.00 57.23 -28.55
N THR E 133 31.41 56.05 -28.52
CA THR E 133 30.19 55.79 -27.76
C THR E 133 30.33 54.46 -27.03
N ALA E 134 29.57 54.30 -25.96
CA ALA E 134 29.62 53.10 -25.14
C ALA E 134 28.21 52.68 -24.75
N SER E 135 27.79 51.51 -25.21
CA SER E 135 26.52 50.92 -24.81
C SER E 135 26.80 49.68 -23.97
N VAL E 136 26.27 49.67 -22.75
CA VAL E 136 26.31 48.50 -21.88
C VAL E 136 24.93 47.88 -21.87
N VAL E 137 24.84 46.59 -22.18
CA VAL E 137 23.58 45.90 -22.32
C VAL E 137 23.41 44.93 -21.16
N CYS E 138 22.21 44.86 -20.61
CA CYS E 138 21.87 43.89 -19.58
C CYS E 138 20.65 43.11 -20.03
N LEU E 139 20.82 41.81 -20.20
CA LEU E 139 19.79 40.93 -20.73
C LEU E 139 19.07 40.21 -19.60
N LEU E 140 17.74 40.22 -19.65
CA LEU E 140 16.88 39.47 -18.74
C LEU E 140 16.10 38.48 -19.58
N ASN E 141 16.47 37.22 -19.53
CA ASN E 141 15.95 36.23 -20.47
C ASN E 141 14.90 35.36 -19.82
N ASN E 142 13.76 35.23 -20.49
CA ASN E 142 12.75 34.22 -20.22
C ASN E 142 12.31 34.23 -18.75
N PHE E 143 11.67 35.32 -18.37
CA PHE E 143 11.09 35.45 -17.05
C PHE E 143 9.58 35.64 -17.14
N TYR E 144 8.93 35.53 -16.00
CA TYR E 144 7.50 35.77 -15.85
C TYR E 144 7.17 35.98 -14.38
N PRO E 145 6.40 37.02 -14.02
CA PRO E 145 5.70 37.96 -14.90
C PRO E 145 6.57 39.09 -15.43
N ARG E 146 5.95 40.03 -16.16
CA ARG E 146 6.70 41.09 -16.82
C ARG E 146 7.35 42.05 -15.83
N GLU E 147 6.79 42.18 -14.62
CA GLU E 147 7.28 43.12 -13.63
C GLU E 147 8.72 42.81 -13.23
N ALA E 148 9.68 43.53 -13.82
CA ALA E 148 11.10 43.35 -13.53
C ALA E 148 11.68 44.71 -13.18
N LYS E 149 12.62 44.72 -12.22
CA LYS E 149 13.23 45.94 -11.71
C LYS E 149 14.71 45.86 -11.99
N VAL E 150 15.21 46.77 -12.83
CA VAL E 150 16.59 46.75 -13.28
C VAL E 150 17.22 48.10 -12.96
N GLN E 151 18.29 48.08 -12.16
CA GLN E 151 18.99 49.29 -11.74
C GLN E 151 20.46 49.19 -12.13
N TRP E 152 20.99 50.27 -12.71
CA TRP E 152 22.41 50.35 -13.00
C TRP E 152 23.14 50.93 -11.81
N LYS E 153 24.27 50.32 -11.47
CA LYS E 153 25.15 50.79 -10.40
C LYS E 153 26.55 50.92 -10.96
N VAL E 154 27.02 52.15 -11.11
CA VAL E 154 28.34 52.41 -11.66
C VAL E 154 29.23 52.91 -10.52
N ASP E 155 30.26 52.13 -10.21
CA ASP E 155 31.13 52.40 -9.06
C ASP E 155 30.29 52.53 -7.79
N ASN E 156 29.29 51.65 -7.66
CA ASN E 156 28.34 51.58 -6.55
C ASN E 156 27.36 52.75 -6.51
N ALA E 157 27.38 53.62 -7.51
CA ALA E 157 26.47 54.75 -7.57
C ALA E 157 25.28 54.39 -8.44
N LEU E 158 24.07 54.55 -7.89
CA LEU E 158 22.86 54.33 -8.66
C LEU E 158 22.80 55.31 -9.82
N GLN E 159 22.63 54.79 -11.03
CA GLN E 159 22.57 55.59 -12.25
C GLN E 159 21.13 55.68 -12.72
N SER E 160 20.68 56.91 -13.02
CA SER E 160 19.34 57.14 -13.53
C SER E 160 19.40 58.10 -14.71
N GLY E 161 18.53 57.88 -15.68
CA GLY E 161 18.33 58.84 -16.76
C GLY E 161 19.23 58.68 -17.97
N ASN E 162 20.02 57.63 -18.05
CA ASN E 162 20.79 57.34 -19.26
C ASN E 162 20.60 55.89 -19.69
N SER E 163 19.43 55.32 -19.39
CA SER E 163 19.15 53.94 -19.71
C SER E 163 17.76 53.82 -20.30
N GLN E 164 17.62 52.97 -21.32
CA GLN E 164 16.34 52.69 -21.96
C GLN E 164 16.08 51.19 -21.92
N GLU E 165 14.87 50.81 -21.49
CA GLU E 165 14.50 49.41 -21.49
C GLU E 165 13.67 49.07 -22.74
N SER E 166 13.62 47.78 -23.02
CA SER E 166 12.85 47.26 -24.15
C SER E 166 12.47 45.83 -23.82
N VAL E 167 11.17 45.56 -23.75
CA VAL E 167 10.67 44.25 -23.36
C VAL E 167 9.94 43.62 -24.54
N THR E 168 10.16 42.33 -24.74
CA THR E 168 9.53 41.61 -25.84
C THR E 168 8.08 41.29 -25.50
N GLU E 169 7.38 40.72 -26.47
CA GLU E 169 6.04 40.22 -26.22
C GLU E 169 6.12 38.77 -25.75
N GLN E 170 5.04 38.32 -25.12
CA GLN E 170 5.03 37.00 -24.50
C GLN E 170 5.21 35.93 -25.56
N ASP E 171 6.26 35.12 -25.40
CA ASP E 171 6.54 34.03 -26.32
C ASP E 171 5.32 33.12 -26.47
N SER E 172 5.16 32.57 -27.67
CA SER E 172 4.04 31.67 -27.94
C SER E 172 4.35 30.23 -27.56
N LYS E 173 5.55 29.94 -27.06
CA LYS E 173 5.93 28.60 -26.64
C LYS E 173 6.21 28.56 -25.13
N ASP E 174 7.15 29.38 -24.65
CA ASP E 174 7.44 29.42 -23.21
C ASP E 174 6.40 30.25 -22.44
N SER E 175 5.77 31.21 -23.11
CA SER E 175 4.93 32.21 -22.46
C SER E 175 5.76 33.07 -21.51
N THR E 176 6.99 33.36 -21.91
CA THR E 176 7.90 34.20 -21.12
C THR E 176 8.14 35.54 -21.82
N TYR E 177 8.69 36.47 -21.04
CA TYR E 177 9.14 37.76 -21.54
C TYR E 177 10.65 37.80 -21.54
N SER E 178 11.20 38.76 -22.28
CA SER E 178 12.62 39.07 -22.21
C SER E 178 12.79 40.59 -22.26
N LEU E 179 13.77 41.08 -21.52
CA LEU E 179 13.98 42.50 -21.34
C LEU E 179 15.44 42.83 -21.59
N SER E 180 15.68 44.03 -22.10
CA SER E 180 17.03 44.52 -22.29
C SER E 180 17.11 45.96 -21.78
N SER E 181 18.05 46.22 -20.87
CA SER E 181 18.36 47.57 -20.41
C SER E 181 19.70 47.98 -21.01
N THR E 182 19.69 49.04 -21.82
CA THR E 182 20.88 49.52 -22.49
C THR E 182 21.29 50.86 -21.89
N LEU E 183 22.55 50.94 -21.46
CA LEU E 183 23.12 52.13 -20.82
C LEU E 183 24.09 52.78 -21.79
N THR E 184 23.81 54.01 -22.20
CA THR E 184 24.54 54.67 -23.27
C THR E 184 25.29 55.88 -22.72
N LEU E 185 26.62 55.85 -22.86
CA LEU E 185 27.52 56.92 -22.45
C LEU E 185 28.45 57.25 -23.61
N SER E 186 29.16 58.36 -23.49
CA SER E 186 30.20 58.66 -24.47
C SER E 186 31.46 57.86 -24.14
N LYS E 187 32.44 57.93 -25.05
CA LYS E 187 33.72 57.30 -24.77
C LYS E 187 34.36 57.88 -23.52
N ALA E 188 34.42 59.21 -23.44
CA ALA E 188 35.02 59.88 -22.28
C ALA E 188 34.33 59.45 -20.98
N ASP E 189 33.02 59.65 -20.89
CA ASP E 189 32.29 59.35 -19.67
C ASP E 189 32.40 57.87 -19.29
N TYR E 190 32.51 56.98 -20.27
CA TYR E 190 32.65 55.56 -19.97
C TYR E 190 34.00 55.24 -19.34
N GLU E 191 35.02 56.02 -19.66
CA GLU E 191 36.35 55.81 -19.09
C GLU E 191 36.57 56.56 -17.78
N LYS E 192 35.59 57.36 -17.34
CA LYS E 192 35.64 57.96 -16.02
C LYS E 192 35.04 57.06 -14.95
N HIS E 193 34.86 55.77 -15.25
CA HIS E 193 34.25 54.82 -14.34
C HIS E 193 34.97 53.48 -14.48
N LYS E 194 34.76 52.61 -13.48
CA LYS E 194 35.47 51.32 -13.43
C LYS E 194 34.51 50.14 -13.39
N VAL E 195 33.62 50.08 -12.41
CA VAL E 195 32.75 48.93 -12.19
C VAL E 195 31.35 49.27 -12.72
N TYR E 196 30.91 48.51 -13.73
CA TYR E 196 29.56 48.64 -14.28
C TYR E 196 28.76 47.41 -13.88
N ALA E 197 27.65 47.64 -13.18
CA ALA E 197 26.87 46.56 -12.60
C ALA E 197 25.41 46.73 -12.96
N CYS E 198 24.68 45.63 -12.88
CA CYS E 198 23.27 45.60 -13.26
C CYS E 198 22.54 44.69 -12.27
N GLU E 199 21.68 45.27 -11.45
CA GLU E 199 21.01 44.56 -10.37
C GLU E 199 19.55 44.34 -10.72
N VAL E 200 19.11 43.08 -10.66
CA VAL E 200 17.80 42.67 -11.14
C VAL E 200 16.96 42.19 -9.97
N THR E 201 15.75 42.72 -9.86
CA THR E 201 14.79 42.29 -8.85
C THR E 201 13.58 41.70 -9.57
N HIS E 202 13.15 40.51 -9.14
CA HIS E 202 12.03 39.83 -9.77
C HIS E 202 11.36 38.91 -8.76
N GLN E 203 10.11 38.55 -9.07
CA GLN E 203 9.30 37.76 -8.13
C GLN E 203 9.88 36.37 -7.91
N GLY E 204 10.45 35.77 -8.95
CA GLY E 204 11.05 34.46 -8.85
C GLY E 204 12.44 34.42 -8.26
N LEU E 205 12.91 35.56 -7.77
CA LEU E 205 14.24 35.72 -7.19
C LEU E 205 14.08 35.96 -5.70
N SER E 206 14.81 35.17 -4.89
CA SER E 206 14.77 35.42 -3.45
C SER E 206 15.51 36.70 -3.09
N SER E 207 16.55 37.05 -3.84
CA SER E 207 17.37 38.23 -3.56
C SER E 207 17.89 38.77 -4.88
N PRO E 208 18.17 40.07 -4.96
CA PRO E 208 18.55 40.68 -6.25
C PRO E 208 19.82 40.08 -6.84
N VAL E 209 19.74 39.69 -8.10
CA VAL E 209 20.92 39.24 -8.85
C VAL E 209 21.68 40.44 -9.38
N THR E 210 23.01 40.40 -9.23
CA THR E 210 23.87 41.49 -9.69
C THR E 210 24.99 40.90 -10.53
N LYS E 211 24.93 41.14 -11.84
CA LYS E 211 26.06 40.97 -12.72
C LYS E 211 26.83 42.28 -12.80
N SER E 212 28.13 42.17 -13.10
CA SER E 212 28.97 43.35 -13.15
C SER E 212 30.17 43.04 -14.04
N PHE E 213 31.08 44.01 -14.15
CA PHE E 213 32.33 43.85 -14.89
C PHE E 213 33.17 45.11 -14.73
N ASN E 214 34.48 44.93 -14.62
CA ASN E 214 35.42 46.03 -14.69
C ASN E 214 35.87 46.25 -16.13
N ARG E 215 36.55 47.38 -16.36
CA ARG E 215 37.04 47.72 -17.70
C ARG E 215 38.40 47.07 -17.90
N GLY E 216 38.40 45.82 -18.36
CA GLY E 216 39.63 45.09 -18.59
C GLY E 216 39.68 43.75 -17.88
N ASN F 1 -46.63 47.50 -57.71
CA ASN F 1 -46.74 46.15 -58.25
C ASN F 1 -45.40 45.42 -58.14
N LEU F 2 -45.22 44.68 -57.04
CA LEU F 2 -43.93 44.07 -56.76
C LEU F 2 -43.56 43.07 -57.84
N CYS F 3 -42.30 43.12 -58.28
CA CYS F 3 -41.86 42.22 -59.34
C CYS F 3 -41.75 40.80 -58.81
N PRO F 4 -42.07 39.78 -59.64
CA PRO F 4 -42.20 38.40 -59.16
C PRO F 4 -40.89 37.61 -59.18
N PHE F 5 -39.85 38.16 -58.55
CA PHE F 5 -38.60 37.41 -58.44
C PHE F 5 -38.77 36.18 -57.55
N GLY F 6 -39.69 36.23 -56.60
CA GLY F 6 -39.93 35.06 -55.75
C GLY F 6 -40.28 33.83 -56.55
N GLU F 7 -41.01 34.01 -57.65
CA GLU F 7 -41.36 32.89 -58.51
C GLU F 7 -40.13 32.25 -59.14
N VAL F 8 -39.06 33.02 -59.32
CA VAL F 8 -37.85 32.51 -59.95
C VAL F 8 -36.91 31.89 -58.94
N PHE F 9 -36.60 32.62 -57.86
CA PHE F 9 -35.63 32.14 -56.89
C PHE F 9 -36.18 30.97 -56.08
N ASN F 10 -37.48 31.00 -55.77
CA ASN F 10 -38.10 30.04 -54.88
C ASN F 10 -38.88 28.97 -55.64
N ALA F 11 -38.65 28.85 -56.95
CA ALA F 11 -39.26 27.77 -57.71
C ALA F 11 -38.90 26.42 -57.10
N THR F 12 -39.87 25.52 -57.05
CA THR F 12 -39.65 24.23 -56.41
C THR F 12 -38.75 23.34 -57.27
N ARG F 13 -38.88 23.43 -58.59
CA ARG F 13 -38.05 22.65 -59.51
C ARG F 13 -37.34 23.60 -60.47
N PHE F 14 -36.04 23.39 -60.65
CA PHE F 14 -35.22 24.15 -61.58
C PHE F 14 -34.93 23.32 -62.83
N ALA F 15 -34.40 23.99 -63.85
CA ALA F 15 -34.19 23.38 -65.16
C ALA F 15 -32.73 22.97 -65.34
N SER F 16 -32.52 21.96 -66.18
CA SER F 16 -31.16 21.57 -66.54
C SER F 16 -30.49 22.70 -67.30
N VAL F 17 -29.17 22.83 -67.10
CA VAL F 17 -28.45 23.98 -67.64
C VAL F 17 -28.59 24.06 -69.16
N TYR F 18 -28.59 22.93 -69.85
CA TYR F 18 -28.74 22.97 -71.30
C TYR F 18 -30.11 23.50 -71.70
N ALA F 19 -31.14 23.27 -70.88
CA ALA F 19 -32.49 23.75 -71.16
C ALA F 19 -32.89 24.80 -70.15
N TRP F 20 -32.02 25.81 -69.97
CA TRP F 20 -32.22 26.79 -68.92
C TRP F 20 -33.51 27.58 -69.11
N ASN F 21 -34.11 27.97 -68.00
CA ASN F 21 -35.38 28.69 -68.00
C ASN F 21 -35.14 30.19 -67.97
N ARG F 22 -36.06 30.93 -68.59
CA ARG F 22 -36.03 32.39 -68.62
C ARG F 22 -37.37 32.98 -68.20
N LYS F 23 -37.32 34.01 -67.37
CA LYS F 23 -38.49 34.82 -67.08
C LYS F 23 -38.23 36.24 -67.55
N ARG F 24 -39.11 36.75 -68.42
CA ARG F 24 -39.13 38.16 -68.76
C ARG F 24 -39.90 38.91 -67.68
N ILE F 25 -39.32 40.00 -67.19
CA ILE F 25 -39.91 40.77 -66.10
C ILE F 25 -39.98 42.23 -66.53
N SER F 26 -41.18 42.82 -66.43
CA SER F 26 -41.38 44.20 -66.83
C SER F 26 -42.57 44.77 -66.07
N ASN F 27 -42.76 46.08 -66.20
CA ASN F 27 -43.92 46.79 -65.69
C ASN F 27 -44.17 46.46 -64.21
N CYS F 28 -43.14 46.68 -63.41
CA CYS F 28 -43.20 46.32 -61.99
C CYS F 28 -42.04 47.02 -61.27
N VAL F 29 -42.11 46.98 -59.94
CA VAL F 29 -41.11 47.61 -59.07
C VAL F 29 -40.50 46.54 -58.19
N ALA F 30 -39.19 46.66 -57.96
CA ALA F 30 -38.44 45.64 -57.23
C ALA F 30 -37.52 46.29 -56.22
N ASP F 31 -37.44 45.67 -55.04
CA ASP F 31 -36.44 46.03 -54.03
C ASP F 31 -35.30 45.02 -54.14
N TYR F 32 -34.18 45.46 -54.71
CA TYR F 32 -33.05 44.56 -54.91
C TYR F 32 -32.31 44.26 -53.62
N SER F 33 -32.51 45.07 -52.57
CA SER F 33 -31.85 44.82 -51.29
C SER F 33 -32.20 43.44 -50.76
N VAL F 34 -33.40 42.93 -51.07
CA VAL F 34 -33.78 41.58 -50.69
C VAL F 34 -32.86 40.55 -51.31
N LEU F 35 -32.16 40.90 -52.38
CA LEU F 35 -31.26 39.97 -53.06
C LEU F 35 -29.82 40.12 -52.60
N TYR F 36 -29.22 41.29 -52.80
CA TYR F 36 -27.80 41.43 -52.50
C TYR F 36 -27.51 41.57 -51.00
N ASN F 37 -28.52 41.46 -50.14
CA ASN F 37 -28.31 41.34 -48.71
C ASN F 37 -28.86 40.02 -48.17
N SER F 38 -29.15 39.07 -49.06
CA SER F 38 -29.74 37.80 -48.64
C SER F 38 -28.71 36.95 -47.92
N ALA F 39 -29.16 36.28 -46.86
CA ALA F 39 -28.28 35.42 -46.09
C ALA F 39 -28.06 34.06 -46.73
N SER F 40 -28.73 33.76 -47.84
CA SER F 40 -28.75 32.40 -48.36
C SER F 40 -27.93 32.21 -49.63
N PHE F 41 -27.31 33.26 -50.17
CA PHE F 41 -26.55 33.16 -51.40
C PHE F 41 -25.07 32.94 -51.12
N SER F 42 -24.44 32.07 -51.91
CA SER F 42 -23.02 31.75 -51.78
C SER F 42 -22.16 32.41 -52.85
N THR F 43 -22.75 32.80 -53.98
CA THR F 43 -22.04 33.53 -55.03
C THR F 43 -22.93 34.68 -55.47
N PHE F 44 -22.34 35.89 -55.56
CA PHE F 44 -23.12 37.07 -55.93
C PHE F 44 -22.15 38.08 -56.57
N LYS F 45 -22.06 38.03 -57.90
CA LYS F 45 -21.18 38.91 -58.64
C LYS F 45 -21.96 39.59 -59.75
N CYS F 46 -21.72 40.89 -59.94
CA CYS F 46 -22.45 41.69 -60.91
C CYS F 46 -21.47 42.33 -61.88
N TYR F 47 -21.93 42.56 -63.10
CA TYR F 47 -21.11 43.05 -64.20
C TYR F 47 -21.77 44.26 -64.84
N GLY F 48 -21.00 45.33 -65.04
CA GLY F 48 -21.51 46.52 -65.69
C GLY F 48 -22.44 47.38 -64.85
N VAL F 49 -22.69 47.01 -63.60
CA VAL F 49 -23.56 47.79 -62.72
C VAL F 49 -23.17 47.48 -61.28
N SER F 50 -23.18 48.51 -60.43
CA SER F 50 -22.94 48.20 -59.02
C SER F 50 -24.25 47.81 -58.36
N PRO F 51 -24.30 46.67 -57.67
CA PRO F 51 -25.59 46.16 -57.17
C PRO F 51 -26.30 47.13 -56.24
N THR F 52 -25.62 48.08 -55.63
CA THR F 52 -26.27 48.98 -54.70
C THR F 52 -26.83 50.23 -55.37
N LYS F 53 -26.48 50.48 -56.63
CA LYS F 53 -27.17 51.49 -57.40
C LYS F 53 -28.49 50.99 -57.96
N LEU F 54 -28.65 49.66 -58.09
CA LEU F 54 -29.81 49.07 -58.75
C LEU F 54 -31.12 49.70 -58.28
N ASN F 55 -31.28 49.88 -56.97
CA ASN F 55 -32.51 50.46 -56.44
C ASN F 55 -32.72 51.91 -56.88
N ASP F 56 -31.74 52.51 -57.57
CA ASP F 56 -31.84 53.88 -58.05
C ASP F 56 -32.00 54.00 -59.56
N LEU F 57 -31.90 52.90 -60.30
CA LEU F 57 -32.03 52.93 -61.75
C LEU F 57 -33.32 52.28 -62.22
N CYS F 58 -33.60 52.48 -63.50
CA CYS F 58 -34.76 51.93 -64.18
C CYS F 58 -34.30 51.28 -65.47
N PHE F 59 -34.93 50.16 -65.82
CA PHE F 59 -34.60 49.42 -67.02
C PHE F 59 -35.85 49.14 -67.81
N THR F 60 -35.68 48.94 -69.12
CA THR F 60 -36.84 48.61 -69.96
C THR F 60 -37.28 47.17 -69.77
N ASN F 61 -36.36 46.28 -69.38
CA ASN F 61 -36.68 44.87 -69.22
C ASN F 61 -35.64 44.21 -68.35
N VAL F 62 -36.08 43.17 -67.62
CA VAL F 62 -35.20 42.34 -66.80
C VAL F 62 -35.43 40.89 -67.15
N TYR F 63 -34.34 40.15 -67.35
CA TYR F 63 -34.39 38.72 -67.65
C TYR F 63 -33.79 37.93 -66.50
N ALA F 64 -34.48 36.88 -66.07
CA ALA F 64 -34.01 36.00 -65.00
C ALA F 64 -33.81 34.60 -65.57
N ASP F 65 -32.56 34.20 -65.75
CA ASP F 65 -32.21 32.87 -66.25
C ASP F 65 -31.84 31.99 -65.05
N SER F 66 -32.54 30.87 -64.89
CA SER F 66 -32.32 29.99 -63.75
C SER F 66 -32.05 28.56 -64.21
N PHE F 67 -31.11 27.90 -63.54
CA PHE F 67 -30.72 26.52 -63.85
C PHE F 67 -29.82 26.01 -62.74
N VAL F 68 -29.62 24.69 -62.73
CA VAL F 68 -28.80 23.99 -61.75
C VAL F 68 -27.55 23.46 -62.44
N ILE F 69 -26.39 23.67 -61.82
CA ILE F 69 -25.12 23.11 -62.28
C ILE F 69 -24.31 22.66 -61.07
N ARG F 70 -23.10 22.18 -61.34
CA ARG F 70 -22.18 21.70 -60.33
C ARG F 70 -21.55 22.87 -59.58
N GLY F 71 -21.08 22.58 -58.36
CA GLY F 71 -20.41 23.61 -57.57
C GLY F 71 -19.15 24.14 -58.25
N ASP F 72 -18.34 23.25 -58.84
CA ASP F 72 -17.11 23.71 -59.48
C ASP F 72 -17.41 24.59 -60.69
N GLU F 73 -18.53 24.34 -61.38
CA GLU F 73 -18.81 25.00 -62.64
C GLU F 73 -19.51 26.34 -62.48
N VAL F 74 -19.79 26.78 -61.25
CA VAL F 74 -20.39 28.10 -61.08
C VAL F 74 -19.42 29.17 -61.53
N ARG F 75 -18.11 28.92 -61.40
CA ARG F 75 -17.13 29.88 -61.90
C ARG F 75 -17.21 30.05 -63.41
N GLN F 76 -17.89 29.15 -64.11
CA GLN F 76 -18.00 29.23 -65.55
C GLN F 76 -19.12 30.16 -66.02
N ILE F 77 -20.04 30.53 -65.13
CA ILE F 77 -21.12 31.45 -65.49
C ILE F 77 -20.60 32.87 -65.39
N ALA F 78 -19.73 33.26 -66.31
CA ALA F 78 -19.10 34.57 -66.31
C ALA F 78 -18.68 34.92 -67.72
N PRO F 79 -18.56 36.21 -68.05
CA PRO F 79 -18.17 36.58 -69.42
C PRO F 79 -16.77 36.10 -69.76
N GLY F 80 -16.58 35.71 -71.01
CA GLY F 80 -15.27 35.33 -71.50
C GLY F 80 -14.72 34.06 -70.89
N GLN F 81 -15.59 33.13 -70.51
CA GLN F 81 -15.15 31.91 -69.87
C GLN F 81 -15.16 30.73 -70.83
N THR F 82 -14.36 29.72 -70.48
CA THR F 82 -14.24 28.49 -71.25
C THR F 82 -14.57 27.30 -70.35
N GLY F 83 -15.02 26.22 -70.99
CA GLY F 83 -15.48 25.05 -70.26
C GLY F 83 -16.74 24.48 -70.87
N LYS F 84 -17.10 23.25 -70.51
CA LYS F 84 -18.24 22.58 -71.14
C LYS F 84 -19.55 23.29 -70.85
N ILE F 85 -19.70 23.89 -69.66
CA ILE F 85 -20.91 24.66 -69.38
C ILE F 85 -20.90 25.97 -70.15
N ALA F 86 -19.79 26.71 -70.08
CA ALA F 86 -19.70 28.00 -70.74
C ALA F 86 -19.84 27.86 -72.26
N ASP F 87 -19.28 26.80 -72.82
CA ASP F 87 -19.20 26.69 -74.28
C ASP F 87 -20.38 25.94 -74.89
N TYR F 88 -20.96 24.98 -74.18
CA TYR F 88 -22.01 24.16 -74.76
C TYR F 88 -23.38 24.34 -74.10
N ASN F 89 -23.48 25.09 -73.00
CA ASN F 89 -24.74 25.15 -72.26
C ASN F 89 -25.24 26.57 -72.06
N TYR F 90 -24.42 27.44 -71.48
CA TYR F 90 -24.85 28.80 -71.15
C TYR F 90 -23.66 29.74 -71.30
N LYS F 91 -23.68 30.57 -72.35
CA LYS F 91 -22.61 31.53 -72.62
C LYS F 91 -23.07 32.94 -72.27
N LEU F 92 -22.16 33.73 -71.71
CA LEU F 92 -22.42 35.13 -71.43
C LEU F 92 -21.62 36.01 -72.38
N PRO F 93 -22.23 37.08 -72.90
CA PRO F 93 -21.49 37.98 -73.79
C PRO F 93 -20.47 38.81 -73.03
N ASP F 94 -19.39 39.18 -73.73
CA ASP F 94 -18.31 39.92 -73.08
C ASP F 94 -18.81 41.24 -72.50
N ASP F 95 -19.85 41.83 -73.10
CA ASP F 95 -20.44 43.09 -72.64
C ASP F 95 -21.63 42.87 -71.73
N PHE F 96 -21.57 41.84 -70.88
CA PHE F 96 -22.72 41.47 -70.06
C PHE F 96 -22.97 42.49 -68.97
N THR F 97 -24.24 42.83 -68.77
CA THR F 97 -24.66 43.78 -67.74
C THR F 97 -25.74 43.10 -66.90
N GLY F 98 -25.34 42.59 -65.74
CA GLY F 98 -26.26 41.88 -64.87
C GLY F 98 -25.52 41.18 -63.74
N CYS F 99 -26.25 40.31 -63.04
CA CYS F 99 -25.72 39.66 -61.85
C CYS F 99 -25.87 38.15 -61.93
N VAL F 100 -24.87 37.45 -61.41
CA VAL F 100 -24.87 35.99 -61.30
C VAL F 100 -25.03 35.64 -59.82
N ILE F 101 -26.07 34.87 -59.50
CA ILE F 101 -26.35 34.48 -58.13
C ILE F 101 -26.37 32.96 -58.06
N ALA F 102 -25.77 32.41 -57.00
CA ALA F 102 -25.73 30.98 -56.81
C ALA F 102 -25.86 30.64 -55.33
N TRP F 103 -26.53 29.52 -55.05
CA TRP F 103 -26.57 28.99 -53.70
C TRP F 103 -26.59 27.46 -53.77
N ASN F 104 -26.13 26.83 -52.69
CA ASN F 104 -26.03 25.38 -52.64
C ASN F 104 -27.41 24.75 -52.45
N SER F 105 -27.73 23.79 -53.32
CA SER F 105 -29.04 23.14 -53.30
C SER F 105 -28.92 21.64 -53.05
N ASN F 106 -27.94 21.23 -52.24
CA ASN F 106 -27.79 19.83 -51.92
C ASN F 106 -29.02 19.27 -51.21
N ASN F 107 -29.57 20.03 -50.26
CA ASN F 107 -30.72 19.58 -49.48
C ASN F 107 -31.94 19.31 -50.34
N LEU F 108 -31.96 19.78 -51.59
CA LEU F 108 -33.14 19.66 -52.44
C LEU F 108 -32.90 18.79 -53.66
N ASP F 109 -31.86 19.07 -54.45
CA ASP F 109 -31.67 18.45 -55.74
C ASP F 109 -30.79 17.21 -55.71
N SER F 110 -30.41 16.72 -54.54
CA SER F 110 -29.58 15.53 -54.42
C SER F 110 -30.36 14.42 -53.75
N LYS F 111 -30.36 13.24 -54.37
CA LYS F 111 -31.18 12.11 -53.93
C LYS F 111 -30.28 10.96 -53.52
N VAL F 112 -30.77 10.14 -52.58
CA VAL F 112 -30.03 8.98 -52.13
C VAL F 112 -29.92 7.99 -53.29
N GLY F 113 -28.69 7.59 -53.61
CA GLY F 113 -28.45 6.72 -54.76
C GLY F 113 -28.23 7.43 -56.06
N GLY F 114 -28.28 8.77 -56.08
CA GLY F 114 -28.05 9.52 -57.28
C GLY F 114 -29.31 10.12 -57.90
N ASN F 115 -29.31 11.43 -58.08
CA ASN F 115 -30.35 12.13 -58.84
C ASN F 115 -29.81 12.38 -60.24
N TYR F 116 -30.49 11.83 -61.25
CA TYR F 116 -30.04 11.91 -62.62
C TYR F 116 -30.99 12.72 -63.51
N ASN F 117 -31.86 13.53 -62.89
CA ASN F 117 -32.77 14.37 -63.66
C ASN F 117 -32.01 15.47 -64.39
N TYR F 118 -31.10 16.14 -63.68
CA TYR F 118 -30.38 17.27 -64.26
C TYR F 118 -29.34 16.79 -65.26
N LEU F 119 -29.35 17.39 -66.44
CA LEU F 119 -28.44 17.02 -67.52
C LEU F 119 -27.59 18.22 -67.92
N TYR F 120 -26.61 17.95 -68.78
CA TYR F 120 -25.76 18.99 -69.33
C TYR F 120 -25.16 18.50 -70.64
N ARG F 121 -25.09 19.39 -71.62
CA ARG F 121 -24.54 19.04 -72.92
C ARG F 121 -23.02 18.93 -72.84
N LEU F 122 -22.48 17.81 -73.34
CA LEU F 122 -21.03 17.56 -73.28
C LEU F 122 -20.37 17.55 -74.65
N PHE F 123 -21.13 17.47 -75.74
CA PHE F 123 -20.55 17.46 -77.08
C PHE F 123 -21.30 18.44 -77.98
N ARG F 124 -20.53 19.21 -78.75
CA ARG F 124 -21.10 20.14 -79.72
C ARG F 124 -20.03 20.46 -80.75
N LYS F 125 -20.46 20.57 -82.01
CA LYS F 125 -19.51 20.83 -83.09
C LYS F 125 -18.89 22.21 -82.98
N SER F 126 -19.56 23.17 -82.34
CA SER F 126 -19.01 24.50 -82.13
C SER F 126 -19.60 25.08 -80.86
N ASN F 127 -19.06 26.23 -80.45
CA ASN F 127 -19.48 26.86 -79.20
C ASN F 127 -20.87 27.47 -79.34
N LEU F 128 -21.53 27.63 -78.19
CA LEU F 128 -22.80 28.31 -78.14
C LEU F 128 -22.63 29.81 -78.41
N LYS F 129 -23.69 30.43 -78.93
CA LYS F 129 -23.77 31.88 -78.99
C LYS F 129 -24.24 32.43 -77.66
N PRO F 130 -23.95 33.69 -77.35
CA PRO F 130 -24.42 34.27 -76.08
C PRO F 130 -25.93 34.23 -75.96
N PHE F 131 -26.40 33.78 -74.79
CA PHE F 131 -27.83 33.62 -74.51
C PHE F 131 -28.53 32.70 -75.50
N GLU F 132 -27.82 31.68 -75.99
CA GLU F 132 -28.42 30.67 -76.86
C GLU F 132 -28.79 29.44 -76.04
N ARG F 133 -29.90 28.81 -76.42
CA ARG F 133 -30.36 27.57 -75.81
C ARG F 133 -30.42 26.51 -76.91
N ASP F 134 -29.58 25.47 -76.77
CA ASP F 134 -29.55 24.35 -77.70
C ASP F 134 -30.12 23.14 -76.99
N ILE F 135 -31.28 22.67 -77.46
CA ILE F 135 -31.94 21.53 -76.85
C ILE F 135 -32.05 20.35 -77.82
N SER F 136 -31.20 20.31 -78.84
CA SER F 136 -31.19 19.17 -79.74
C SER F 136 -30.60 17.95 -79.02
N THR F 137 -31.11 16.77 -79.37
CA THR F 137 -30.53 15.51 -78.95
C THR F 137 -29.86 14.79 -80.11
N GLU F 138 -29.39 15.55 -81.09
CA GLU F 138 -28.80 14.96 -82.29
C GLU F 138 -27.48 14.26 -81.96
N ILE F 139 -27.35 13.02 -82.43
CA ILE F 139 -26.16 12.22 -82.12
C ILE F 139 -24.91 12.93 -82.62
N TYR F 140 -23.93 13.09 -81.73
CA TYR F 140 -22.69 13.75 -82.07
C TYR F 140 -21.76 12.79 -82.79
N GLN F 141 -21.14 13.27 -83.88
CA GLN F 141 -20.23 12.47 -84.68
C GLN F 141 -18.80 12.82 -84.32
N ALA F 142 -18.20 12.05 -83.41
CA ALA F 142 -16.81 12.24 -83.03
C ALA F 142 -15.83 11.50 -83.93
N GLY F 143 -16.33 10.68 -84.86
CA GLY F 143 -15.45 9.93 -85.73
C GLY F 143 -15.64 10.26 -87.19
N SER F 144 -14.99 9.48 -88.06
CA SER F 144 -15.08 9.74 -89.49
C SER F 144 -16.32 9.13 -90.12
N THR F 145 -16.75 7.97 -89.64
CA THR F 145 -17.93 7.33 -90.20
C THR F 145 -19.19 8.09 -89.79
N PRO F 146 -20.15 8.26 -90.70
CA PRO F 146 -21.39 8.95 -90.34
C PRO F 146 -22.13 8.22 -89.23
N CYS F 147 -23.09 8.90 -88.62
CA CYS F 147 -23.78 8.37 -87.46
C CYS F 147 -25.15 7.81 -87.77
N ASN F 148 -25.87 8.38 -88.74
CA ASN F 148 -27.18 7.89 -89.16
C ASN F 148 -28.18 7.87 -87.99
N GLY F 149 -27.95 8.73 -87.00
CA GLY F 149 -28.86 8.82 -85.87
C GLY F 149 -28.89 7.64 -84.94
N VAL F 150 -27.83 6.83 -84.91
CA VAL F 150 -27.74 5.70 -83.98
C VAL F 150 -26.57 5.94 -83.03
N GLU F 151 -26.82 5.73 -81.74
CA GLU F 151 -25.84 5.99 -80.71
C GLU F 151 -24.96 4.74 -80.57
N GLY F 152 -23.69 4.87 -80.92
CA GLY F 152 -22.76 3.75 -80.92
C GLY F 152 -21.34 4.20 -80.71
N PHE F 153 -20.40 3.43 -81.28
CA PHE F 153 -18.98 3.73 -81.13
C PHE F 153 -18.64 4.98 -81.93
N ASN F 154 -18.07 5.98 -81.26
CA ASN F 154 -17.74 7.27 -81.84
C ASN F 154 -18.97 8.03 -82.32
N CYS F 155 -20.16 7.62 -81.88
CA CYS F 155 -21.42 8.29 -82.18
C CYS F 155 -22.12 8.53 -80.85
N TYR F 156 -21.90 9.70 -80.27
CA TYR F 156 -22.23 9.97 -78.87
C TYR F 156 -23.59 10.65 -78.73
N PHE F 157 -24.31 10.29 -77.68
CA PHE F 157 -25.45 11.06 -77.22
C PHE F 157 -24.94 12.34 -76.58
N PRO F 158 -25.37 13.52 -77.02
CA PRO F 158 -24.70 14.76 -76.59
C PRO F 158 -25.00 15.17 -75.16
N LEU F 159 -25.99 14.58 -74.51
CA LEU F 159 -26.41 14.99 -73.17
C LEU F 159 -25.98 13.96 -72.14
N GLN F 160 -25.19 14.40 -71.17
CA GLN F 160 -24.73 13.57 -70.06
C GLN F 160 -25.47 13.97 -68.79
N SER F 161 -25.41 13.10 -67.78
CA SER F 161 -26.18 13.26 -66.56
C SER F 161 -25.28 13.69 -65.40
N TYR F 162 -25.88 14.43 -64.48
CA TYR F 162 -25.21 14.81 -63.24
C TYR F 162 -25.47 13.76 -62.18
N GLY F 163 -24.41 13.32 -61.51
CA GLY F 163 -24.55 12.41 -60.39
C GLY F 163 -24.68 13.18 -59.08
N PHE F 164 -25.91 13.57 -58.75
CA PHE F 164 -26.16 14.45 -57.60
C PHE F 164 -26.56 13.60 -56.40
N GLN F 165 -25.59 13.30 -55.55
CA GLN F 165 -25.85 12.57 -54.31
C GLN F 165 -25.58 13.46 -53.11
N PRO F 166 -26.19 13.16 -51.96
CA PRO F 166 -25.97 14.01 -50.78
C PRO F 166 -24.54 13.98 -50.26
N THR F 167 -23.75 12.96 -50.60
CA THR F 167 -22.49 12.71 -49.92
C THR F 167 -21.26 13.16 -50.71
N ASN F 168 -21.42 13.74 -51.89
CA ASN F 168 -20.28 14.21 -52.65
C ASN F 168 -19.61 15.39 -51.94
N GLY F 169 -18.49 15.83 -52.49
CA GLY F 169 -17.88 17.05 -52.02
C GLY F 169 -18.69 18.26 -52.42
N VAL F 170 -18.44 19.38 -51.72
CA VAL F 170 -19.17 20.60 -52.02
C VAL F 170 -18.98 21.01 -53.47
N GLY F 171 -17.89 20.55 -54.10
CA GLY F 171 -17.70 20.78 -55.51
C GLY F 171 -18.77 20.08 -56.32
N TYR F 172 -18.88 18.76 -56.16
CA TYR F 172 -19.81 17.98 -56.97
C TYR F 172 -21.25 18.09 -56.50
N GLN F 173 -21.53 18.95 -55.50
CA GLN F 173 -22.90 19.16 -55.03
C GLN F 173 -23.66 20.08 -55.98
N PRO F 174 -24.98 19.94 -56.07
CA PRO F 174 -25.75 20.81 -56.97
C PRO F 174 -25.87 22.23 -56.45
N TYR F 175 -25.94 23.17 -57.39
CA TYR F 175 -26.09 24.59 -57.09
C TYR F 175 -27.15 25.18 -57.99
N ARG F 176 -28.14 25.84 -57.39
CA ARG F 176 -29.12 26.60 -58.15
C ARG F 176 -28.53 27.97 -58.48
N VAL F 177 -28.75 28.41 -59.72
CA VAL F 177 -28.13 29.61 -60.25
C VAL F 177 -29.19 30.44 -60.95
N VAL F 178 -29.26 31.73 -60.63
CA VAL F 178 -30.10 32.69 -61.33
C VAL F 178 -29.20 33.80 -61.86
N VAL F 179 -29.43 34.19 -63.11
CA VAL F 179 -28.63 35.22 -63.77
C VAL F 179 -29.57 36.35 -64.18
N LEU F 180 -29.45 37.48 -63.51
CA LEU F 180 -30.27 38.65 -63.79
C LEU F 180 -29.61 39.48 -64.87
N SER F 181 -30.39 39.83 -65.90
CA SER F 181 -29.93 40.67 -66.99
C SER F 181 -30.74 41.95 -67.01
N PHE F 182 -30.08 43.07 -67.29
CA PHE F 182 -30.70 44.40 -67.22
C PHE F 182 -30.60 45.09 -68.57
N GLU F 183 -31.73 45.16 -69.27
CA GLU F 183 -31.79 45.72 -70.61
C GLU F 183 -32.36 47.13 -70.55
N LEU F 184 -31.59 48.10 -71.04
CA LEU F 184 -32.04 49.47 -71.20
C LEU F 184 -32.04 49.77 -72.69
N LEU F 185 -33.24 49.81 -73.28
CA LEU F 185 -33.42 50.12 -74.68
C LEU F 185 -33.97 51.53 -74.83
N HIS F 186 -34.36 51.88 -76.05
CA HIS F 186 -34.90 53.22 -76.33
C HIS F 186 -36.43 53.17 -76.29
N ALA F 187 -36.93 52.91 -75.08
CA ALA F 187 -38.35 52.76 -74.79
C ALA F 187 -38.63 53.42 -73.45
N PRO F 188 -39.87 53.43 -72.96
CA PRO F 188 -40.09 53.74 -71.55
C PRO F 188 -39.56 52.61 -70.67
N ALA F 189 -38.91 53.01 -69.57
CA ALA F 189 -38.32 52.06 -68.64
C ALA F 189 -39.37 51.69 -67.59
N THR F 190 -39.68 50.39 -67.49
CA THR F 190 -40.81 49.95 -66.70
C THR F 190 -40.45 49.03 -65.55
N VAL F 191 -39.17 48.78 -65.29
CA VAL F 191 -38.73 48.04 -64.11
C VAL F 191 -37.81 48.95 -63.31
N CYS F 192 -38.23 49.29 -62.09
CA CYS F 192 -37.56 50.31 -61.30
C CYS F 192 -37.46 49.87 -59.86
N GLY F 193 -36.57 50.54 -59.12
CA GLY F 193 -36.50 50.38 -57.68
C GLY F 193 -37.54 51.23 -56.98
N PRO F 194 -37.52 51.19 -55.66
CA PRO F 194 -38.49 51.94 -54.87
C PRO F 194 -38.13 53.43 -54.81
N ASP F 195 -39.01 54.20 -54.17
CA ASP F 195 -38.83 55.64 -54.03
C ASP F 195 -37.57 55.98 -53.24
N GLU G 1 4.88 -31.25 33.01
CA GLU G 1 5.80 -30.73 34.01
C GLU G 1 6.41 -31.85 34.84
N VAL G 2 7.73 -32.01 34.74
CA VAL G 2 8.43 -33.05 35.49
C VAL G 2 8.27 -32.80 36.98
N GLN G 3 7.92 -33.84 37.72
CA GLN G 3 7.74 -33.73 39.16
C GLN G 3 8.20 -35.02 39.82
N LEU G 4 9.27 -34.95 40.61
CA LEU G 4 9.81 -36.09 41.34
C LEU G 4 9.65 -35.81 42.83
N VAL G 5 8.68 -36.47 43.47
CA VAL G 5 8.40 -36.26 44.88
C VAL G 5 8.87 -37.50 45.64
N GLU G 6 9.64 -37.29 46.70
CA GLU G 6 10.19 -38.38 47.49
C GLU G 6 9.50 -38.45 48.85
N SER G 7 9.63 -39.61 49.48
CA SER G 7 9.14 -39.84 50.83
C SER G 7 9.83 -41.08 51.36
N GLY G 8 9.49 -41.45 52.60
CA GLY G 8 10.11 -42.57 53.24
C GLY G 8 11.37 -42.24 54.01
N GLY G 9 11.76 -40.96 54.06
CA GLY G 9 12.87 -40.55 54.88
C GLY G 9 12.37 -40.16 56.26
N ALA G 10 13.02 -40.69 57.29
CA ALA G 10 12.58 -40.47 58.66
C ALA G 10 13.77 -40.73 59.60
N LEU G 11 13.53 -40.53 60.89
CA LEU G 11 14.54 -40.79 61.91
C LEU G 11 14.52 -42.29 62.24
N VAL G 12 15.61 -42.97 61.93
CA VAL G 12 15.69 -44.41 62.11
C VAL G 12 16.88 -44.73 63.02
N GLN G 13 16.74 -45.81 63.78
CA GLN G 13 17.80 -46.27 64.68
C GLN G 13 18.91 -46.94 63.89
N PRO G 14 20.15 -46.93 64.40
CA PRO G 14 21.25 -47.51 63.63
C PRO G 14 21.14 -49.03 63.55
N GLY G 15 21.35 -49.54 62.34
CA GLY G 15 21.17 -50.95 62.06
C GLY G 15 19.79 -51.32 61.58
N ARG G 16 18.81 -50.43 61.68
CA ARG G 16 17.46 -50.70 61.25
C ARG G 16 17.32 -50.39 59.75
N SER G 17 16.10 -50.50 59.23
CA SER G 17 15.85 -50.46 57.81
C SER G 17 14.74 -49.48 57.48
N LEU G 18 14.79 -48.90 56.29
CA LEU G 18 13.80 -47.95 55.82
C LEU G 18 13.68 -48.05 54.31
N ARG G 19 12.46 -47.88 53.79
CA ARG G 19 12.19 -47.97 52.36
C ARG G 19 11.89 -46.59 51.79
N LEU G 20 12.85 -46.03 51.06
CA LEU G 20 12.66 -44.74 50.41
C LEU G 20 11.83 -44.92 49.13
N SER G 21 10.98 -43.94 48.86
CA SER G 21 10.10 -44.00 47.70
C SER G 21 10.13 -42.67 46.96
N CYS G 22 9.74 -42.73 45.69
CA CYS G 22 9.74 -41.56 44.80
C CYS G 22 8.67 -41.76 43.75
N ALA G 23 7.85 -40.73 43.54
CA ALA G 23 6.74 -40.78 42.59
C ALA G 23 7.00 -39.79 41.46
N ALA G 24 6.90 -40.27 40.22
CA ALA G 24 7.24 -39.49 39.04
C ALA G 24 5.98 -38.94 38.37
N SER G 25 6.14 -37.75 37.78
CA SER G 25 5.07 -37.09 37.03
C SER G 25 5.70 -36.34 35.87
N GLY G 26 4.90 -36.15 34.82
CA GLY G 26 5.27 -35.24 33.75
C GLY G 26 6.39 -35.69 32.82
N PHE G 27 6.57 -37.01 32.66
CA PHE G 27 7.48 -37.55 31.66
C PHE G 27 7.32 -39.06 31.64
N THR G 28 7.79 -39.69 30.58
CA THR G 28 7.57 -41.13 30.48
C THR G 28 8.64 -41.81 31.33
N PHE G 29 8.25 -42.19 32.54
CA PHE G 29 9.15 -42.88 33.46
C PHE G 29 9.73 -44.14 32.79
N ASP G 30 8.89 -44.90 32.10
CA ASP G 30 9.33 -46.17 31.54
C ASP G 30 10.48 -46.02 30.54
N ASP G 31 10.74 -44.82 30.03
CA ASP G 31 11.72 -44.64 28.96
C ASP G 31 13.08 -44.15 29.44
N TYR G 32 13.29 -44.02 30.76
CA TYR G 32 14.54 -43.47 31.25
C TYR G 32 15.05 -44.26 32.44
N ALA G 33 16.37 -44.23 32.60
CA ALA G 33 17.02 -44.76 33.79
C ALA G 33 16.88 -43.76 34.94
N MET G 34 16.99 -44.28 36.16
CA MET G 34 16.81 -43.48 37.36
C MET G 34 17.98 -43.73 38.32
N HIS G 35 18.20 -42.76 39.20
CA HIS G 35 19.29 -42.84 40.16
C HIS G 35 18.81 -42.36 41.53
N TRP G 36 19.62 -42.67 42.54
CA TRP G 36 19.48 -42.12 43.88
C TRP G 36 20.80 -41.46 44.25
N VAL G 37 20.75 -40.18 44.62
CA VAL G 37 21.95 -39.43 44.99
C VAL G 37 21.72 -38.82 46.37
N ARG G 38 22.73 -38.93 47.24
CA ARG G 38 22.61 -38.42 48.59
C ARG G 38 23.60 -37.30 48.83
N GLN G 39 23.27 -36.45 49.81
CA GLN G 39 24.09 -35.31 50.20
C GLN G 39 24.08 -35.22 51.72
N ALA G 40 25.20 -35.58 52.34
CA ALA G 40 25.34 -35.45 53.78
C ALA G 40 25.14 -33.99 54.20
N PRO G 41 24.61 -33.75 55.40
CA PRO G 41 24.37 -32.36 55.84
C PRO G 41 25.66 -31.55 55.81
N GLY G 42 25.63 -30.44 55.07
CA GLY G 42 26.78 -29.57 54.94
C GLY G 42 27.93 -30.15 54.13
N LYS G 43 27.71 -31.23 53.39
CA LYS G 43 28.74 -31.84 52.57
C LYS G 43 28.28 -31.91 51.12
N GLY G 44 29.17 -32.38 50.25
CA GLY G 44 28.90 -32.48 48.83
C GLY G 44 27.94 -33.58 48.45
N LEU G 45 28.04 -34.06 47.22
CA LEU G 45 27.09 -35.02 46.68
C LEU G 45 27.78 -36.35 46.41
N GLU G 46 27.01 -37.44 46.49
CA GLU G 46 27.57 -38.78 46.39
C GLU G 46 26.53 -39.71 45.77
N TRP G 47 26.93 -40.39 44.70
CA TRP G 47 26.02 -41.30 44.01
C TRP G 47 25.77 -42.55 44.83
N VAL G 48 24.51 -42.96 44.94
CA VAL G 48 24.10 -44.08 45.77
C VAL G 48 23.74 -45.31 44.93
N SER G 49 22.70 -45.20 44.09
CA SER G 49 22.30 -46.31 43.25
C SER G 49 21.68 -45.81 41.96
N GLY G 50 21.55 -46.73 41.00
CA GLY G 50 21.02 -46.41 39.69
C GLY G 50 20.46 -47.66 39.04
N ILE G 51 19.45 -47.48 38.20
CA ILE G 51 18.68 -48.58 37.65
C ILE G 51 18.31 -48.26 36.21
N ASP G 52 18.20 -49.30 35.39
CA ASP G 52 17.80 -49.18 34.00
C ASP G 52 16.28 -49.07 33.89
N TRP G 53 15.83 -48.73 32.67
CA TRP G 53 14.40 -48.55 32.44
C TRP G 53 13.62 -49.82 32.73
N ASN G 54 14.17 -50.97 32.36
CA ASN G 54 13.48 -52.24 32.53
C ASN G 54 13.87 -52.94 33.82
N SER G 55 14.82 -52.37 34.58
CA SER G 55 15.46 -52.92 35.79
C SER G 55 16.48 -54.00 35.45
N GLY G 56 16.85 -54.17 34.17
CA GLY G 56 17.76 -55.22 33.75
C GLY G 56 19.22 -54.97 34.02
N SER G 57 19.60 -53.78 34.45
CA SER G 57 20.98 -53.46 34.79
C SER G 57 20.99 -52.54 35.99
N ILE G 58 21.60 -52.99 37.09
CA ILE G 58 21.62 -52.25 38.34
C ILE G 58 23.08 -52.02 38.74
N GLY G 59 23.35 -50.84 39.29
CA GLY G 59 24.66 -50.55 39.85
C GLY G 59 24.55 -49.94 41.22
N TYR G 60 25.56 -50.19 42.04
CA TYR G 60 25.65 -49.60 43.37
C TYR G 60 27.03 -48.99 43.55
N ALA G 61 27.09 -47.99 44.43
CA ALA G 61 28.36 -47.41 44.81
C ALA G 61 29.10 -48.36 45.75
N ASP G 62 30.42 -48.17 45.84
CA ASP G 62 31.25 -49.12 46.57
C ASP G 62 30.83 -49.22 48.03
N SER G 63 30.34 -48.13 48.61
CA SER G 63 30.05 -48.04 50.04
C SER G 63 28.62 -48.47 50.38
N VAL G 64 27.89 -49.09 49.45
CA VAL G 64 26.50 -49.43 49.71
C VAL G 64 26.16 -50.79 49.12
N LYS G 65 27.11 -51.42 48.43
CA LYS G 65 26.86 -52.72 47.83
C LYS G 65 26.53 -53.76 48.90
N GLY G 66 25.57 -54.63 48.59
CA GLY G 66 25.07 -55.60 49.54
C GLY G 66 24.27 -55.03 50.69
N ARG G 67 24.29 -53.72 50.88
CA ARG G 67 23.56 -53.06 51.96
C ARG G 67 22.28 -52.38 51.47
N PHE G 68 22.33 -51.71 50.31
CA PHE G 68 21.18 -51.05 49.73
C PHE G 68 20.66 -51.86 48.55
N THR G 69 19.37 -51.71 48.25
CA THR G 69 18.74 -52.38 47.12
C THR G 69 17.78 -51.40 46.44
N ILE G 70 17.89 -51.29 45.12
CA ILE G 70 17.11 -50.34 44.33
C ILE G 70 16.16 -51.12 43.44
N SER G 71 14.94 -50.59 43.28
CA SER G 71 13.94 -51.21 42.41
C SER G 71 12.97 -50.15 41.93
N ARG G 72 12.32 -50.43 40.82
CA ARG G 72 11.33 -49.53 40.24
C ARG G 72 10.09 -50.33 39.85
N ASP G 73 8.94 -49.67 39.93
CA ASP G 73 7.65 -50.25 39.56
C ASP G 73 7.09 -49.39 38.43
N ASN G 74 7.37 -49.78 37.19
CA ASN G 74 7.00 -48.98 36.04
C ASN G 74 5.49 -48.80 35.91
N ALA G 75 4.70 -49.62 36.61
CA ALA G 75 3.25 -49.48 36.55
C ALA G 75 2.76 -48.32 37.41
N LYS G 76 3.30 -48.17 38.63
CA LYS G 76 2.92 -47.10 39.53
C LYS G 76 3.77 -45.85 39.35
N ASN G 77 4.67 -45.85 38.38
CA ASN G 77 5.60 -44.75 38.15
C ASN G 77 6.33 -44.37 39.43
N SER G 78 7.01 -45.36 40.02
CA SER G 78 7.67 -45.20 41.30
C SER G 78 9.09 -45.76 41.28
N LEU G 79 9.96 -45.13 42.07
CA LEU G 79 11.31 -45.63 42.36
C LEU G 79 11.40 -45.93 43.85
N TYR G 80 12.16 -46.98 44.19
CA TYR G 80 12.33 -47.40 45.56
C TYR G 80 13.80 -47.67 45.86
N LEU G 81 14.17 -47.49 47.12
CA LEU G 81 15.54 -47.76 47.58
C LEU G 81 15.46 -48.27 49.02
N GLN G 82 15.38 -49.60 49.16
CA GLN G 82 15.44 -50.23 50.46
C GLN G 82 16.84 -50.07 51.04
N VAL G 83 16.95 -49.40 52.19
CA VAL G 83 18.22 -49.19 52.86
C VAL G 83 18.18 -49.96 54.17
N ASN G 84 19.11 -50.91 54.32
CA ASN G 84 19.20 -51.77 55.49
C ASN G 84 20.49 -51.48 56.25
N SER G 85 20.46 -51.77 57.55
CA SER G 85 21.60 -51.58 58.43
C SER G 85 22.29 -50.24 58.19
N LEU G 86 21.65 -49.16 58.62
CA LEU G 86 22.15 -47.82 58.30
C LEU G 86 23.22 -47.40 59.30
N ARG G 87 24.34 -46.91 58.78
CA ARG G 87 25.43 -46.40 59.59
C ARG G 87 25.24 -44.91 59.83
N ALA G 88 26.14 -44.31 60.62
CA ALA G 88 26.07 -42.88 60.87
C ALA G 88 26.25 -42.08 59.59
N GLU G 89 27.23 -42.46 58.77
CA GLU G 89 27.50 -41.78 57.51
C GLU G 89 26.33 -41.85 56.55
N ASP G 90 25.33 -42.70 56.81
CA ASP G 90 24.16 -42.82 55.96
C ASP G 90 23.17 -41.67 56.16
N THR G 91 23.35 -40.85 57.18
CA THR G 91 22.46 -39.71 57.42
C THR G 91 22.67 -38.67 56.33
N ALA G 92 21.65 -38.47 55.49
CA ALA G 92 21.76 -37.52 54.39
C ALA G 92 20.38 -37.26 53.81
N LEU G 93 20.31 -36.27 52.93
CA LEU G 93 19.18 -36.08 52.04
C LEU G 93 19.36 -36.98 50.83
N TYR G 94 18.30 -37.66 50.42
CA TYR G 94 18.38 -38.65 49.33
C TYR G 94 17.54 -38.16 48.15
N TYR G 95 18.19 -37.90 47.03
CA TYR G 95 17.57 -37.28 45.86
C TYR G 95 17.23 -38.32 44.80
N CYS G 96 15.94 -38.38 44.45
CA CYS G 96 15.50 -39.04 43.22
C CYS G 96 16.04 -38.27 42.02
N VAL G 97 16.69 -38.96 41.09
CA VAL G 97 17.32 -38.29 39.95
C VAL G 97 16.89 -38.96 38.65
N LYS G 98 16.65 -38.15 37.62
CA LYS G 98 16.23 -38.61 36.30
C LYS G 98 17.43 -38.60 35.35
N ASP G 99 17.61 -39.69 34.63
CA ASP G 99 18.69 -39.85 33.66
C ASP G 99 18.14 -39.67 32.26
N SER G 100 18.91 -38.99 31.40
CA SER G 100 18.48 -38.76 30.03
C SER G 100 18.58 -40.00 29.14
N ARG G 101 19.31 -41.03 29.57
CA ARG G 101 19.43 -42.26 28.81
C ARG G 101 18.47 -43.32 29.34
N ALA G 102 18.18 -44.31 28.49
CA ALA G 102 17.39 -45.45 28.92
C ALA G 102 18.19 -46.42 29.78
N HIS G 103 19.51 -46.49 29.57
CA HIS G 103 20.40 -47.40 30.29
C HIS G 103 21.50 -46.58 30.94
N TYR G 104 21.65 -46.71 32.25
CA TYR G 104 22.63 -45.88 32.96
C TYR G 104 24.05 -46.21 32.53
N ASP G 105 24.32 -47.46 32.17
CA ASP G 105 25.69 -47.91 31.96
C ASP G 105 26.16 -47.75 30.52
N ILE G 106 25.34 -47.15 29.65
CA ILE G 106 25.75 -46.88 28.29
C ILE G 106 26.05 -45.40 28.15
N LEU G 107 26.76 -45.07 27.08
CA LEU G 107 27.31 -43.73 26.90
C LEU G 107 26.59 -42.92 25.83
N ALA G 108 25.92 -43.56 24.89
CA ALA G 108 25.24 -42.85 23.83
C ALA G 108 23.95 -42.21 24.36
N THR G 109 23.49 -41.18 23.63
CA THR G 109 22.23 -40.50 23.91
C THR G 109 22.21 -39.82 25.27
N TYR G 110 23.35 -39.31 25.72
CA TYR G 110 23.47 -38.69 27.04
C TYR G 110 23.30 -37.18 26.92
N VAL G 111 22.31 -36.65 27.63
CA VAL G 111 22.03 -35.22 27.70
C VAL G 111 22.23 -34.67 29.10
N GLY G 112 22.56 -35.53 30.07
CA GLY G 112 22.76 -35.13 31.44
C GLY G 112 21.67 -35.66 32.34
N PHE G 113 21.77 -35.31 33.62
CA PHE G 113 20.75 -35.65 34.60
C PHE G 113 19.74 -34.51 34.61
N ASP G 114 18.61 -34.70 33.92
CA ASP G 114 17.74 -33.57 33.58
C ASP G 114 17.02 -33.02 34.81
N TYR G 115 16.50 -33.88 35.67
CA TYR G 115 15.68 -33.43 36.79
C TYR G 115 16.09 -34.10 38.08
N TRP G 116 16.04 -33.34 39.17
CA TRP G 116 16.30 -33.82 40.52
C TRP G 116 15.14 -33.44 41.41
N GLY G 117 14.59 -34.42 42.12
CA GLY G 117 13.60 -34.13 43.14
C GLY G 117 14.20 -33.43 44.33
N GLN G 118 13.33 -32.97 45.23
CA GLN G 118 13.78 -32.20 46.38
C GLN G 118 14.35 -33.07 47.50
N GLY G 119 14.17 -34.38 47.44
CA GLY G 119 14.77 -35.29 48.40
C GLY G 119 13.92 -35.52 49.64
N THR G 120 14.33 -36.52 50.41
CA THR G 120 13.75 -36.80 51.72
C THR G 120 14.89 -37.11 52.68
N LEU G 121 14.72 -36.73 53.95
CA LEU G 121 15.81 -36.69 54.91
C LEU G 121 15.84 -37.93 55.77
N VAL G 122 16.92 -38.70 55.67
CA VAL G 122 17.18 -39.84 56.52
C VAL G 122 18.19 -39.40 57.58
N THR G 123 17.81 -39.54 58.85
CA THR G 123 18.70 -39.23 59.97
C THR G 123 18.78 -40.45 60.87
N VAL G 124 19.98 -40.96 61.05
CA VAL G 124 20.20 -42.15 61.87
C VAL G 124 20.66 -41.70 63.26
N SER G 125 19.97 -42.17 64.29
CA SER G 125 20.23 -41.75 65.66
C SER G 125 19.37 -42.57 66.60
N SER G 126 19.89 -42.78 67.82
CA SER G 126 19.16 -43.47 68.86
C SER G 126 18.17 -42.57 69.59
N ALA G 127 18.23 -41.26 69.35
CA ALA G 127 17.40 -40.32 70.08
C ALA G 127 15.92 -40.49 69.73
N SER G 128 15.07 -39.94 70.59
CA SER G 128 13.63 -40.02 70.44
C SER G 128 13.09 -38.73 69.84
N THR G 129 12.06 -38.86 69.01
CA THR G 129 11.45 -37.70 68.38
C THR G 129 10.82 -36.79 69.44
N LYS G 130 10.97 -35.49 69.26
CA LYS G 130 10.45 -34.50 70.19
C LYS G 130 9.66 -33.46 69.41
N GLY G 131 8.44 -33.17 69.88
CA GLY G 131 7.65 -32.07 69.37
C GLY G 131 8.12 -30.73 69.87
N PRO G 132 8.16 -29.74 68.97
CA PRO G 132 8.63 -28.40 69.33
C PRO G 132 7.55 -27.55 69.99
N SER G 133 8.01 -26.50 70.67
CA SER G 133 7.15 -25.50 71.28
C SER G 133 7.41 -24.16 70.60
N VAL G 134 6.36 -23.55 70.08
CA VAL G 134 6.45 -22.30 69.33
C VAL G 134 6.04 -21.15 70.25
N PHE G 135 6.94 -20.19 70.41
CA PHE G 135 6.72 -19.03 71.24
C PHE G 135 6.79 -17.77 70.39
N PRO G 136 5.89 -16.81 70.60
CA PRO G 136 5.83 -15.65 69.72
C PRO G 136 6.87 -14.59 70.09
N LEU G 137 7.56 -14.10 69.06
CA LEU G 137 8.48 -12.98 69.20
C LEU G 137 7.70 -11.73 68.86
N ALA G 138 7.24 -11.01 69.89
CA ALA G 138 6.31 -9.90 69.67
C ALA G 138 7.06 -8.65 69.21
N PRO G 139 6.57 -7.96 68.18
CA PRO G 139 7.24 -6.74 67.71
C PRO G 139 7.11 -5.60 68.72
N SER G 140 8.09 -4.71 68.71
CA SER G 140 8.12 -3.57 69.61
C SER G 140 6.96 -2.59 69.32
N GLY G 147 10.36 3.26 59.70
CA GLY G 147 9.08 2.83 59.16
C GLY G 147 9.00 1.33 58.95
N THR G 148 9.96 0.61 59.53
CA THR G 148 10.03 -0.84 59.40
C THR G 148 9.95 -1.48 60.79
N ALA G 149 9.12 -2.52 60.90
CA ALA G 149 8.97 -3.28 62.13
C ALA G 149 9.17 -4.76 61.82
N ALA G 150 9.59 -5.51 62.84
CA ALA G 150 9.87 -6.93 62.67
C ALA G 150 9.23 -7.74 63.78
N LEU G 151 8.66 -8.88 63.40
CA LEU G 151 8.09 -9.84 64.33
C LEU G 151 8.56 -11.25 63.94
N GLY G 152 8.38 -12.19 64.85
CA GLY G 152 8.91 -13.52 64.58
C GLY G 152 8.28 -14.60 65.43
N CYS G 153 8.69 -15.82 65.11
CA CYS G 153 8.29 -17.02 65.83
C CYS G 153 9.54 -17.81 66.19
N LEU G 154 9.59 -18.31 67.43
CA LEU G 154 10.71 -19.13 67.90
C LEU G 154 10.26 -20.57 68.02
N VAL G 155 10.91 -21.46 67.27
CA VAL G 155 10.67 -22.90 67.34
C VAL G 155 11.83 -23.53 68.10
N LYS G 156 11.50 -24.27 69.16
CA LYS G 156 12.52 -24.79 70.07
C LYS G 156 12.16 -26.21 70.50
N ASP G 157 13.19 -26.99 70.83
CA ASP G 157 13.03 -28.30 71.46
C ASP G 157 12.36 -29.30 70.52
N TYR G 158 13.02 -29.53 69.38
CA TYR G 158 12.64 -30.60 68.47
C TYR G 158 13.91 -31.29 68.00
N PHE G 159 13.81 -32.61 67.78
CA PHE G 159 15.01 -33.35 67.40
C PHE G 159 15.14 -33.66 65.91
N PRO G 160 14.10 -34.16 65.23
CA PRO G 160 14.34 -34.73 63.90
C PRO G 160 14.78 -33.73 62.84
N GLU G 161 14.25 -32.49 62.87
CA GLU G 161 14.65 -31.30 62.09
C GLU G 161 13.90 -31.00 60.79
N PRO G 162 12.98 -31.85 60.29
CA PRO G 162 12.27 -31.36 59.09
C PRO G 162 11.04 -30.51 59.44
N VAL G 163 11.29 -29.25 59.77
CA VAL G 163 10.23 -28.31 60.14
C VAL G 163 10.06 -27.29 59.02
N THR G 164 8.80 -26.89 58.78
CA THR G 164 8.47 -25.93 57.75
C THR G 164 7.67 -24.80 58.40
N VAL G 165 8.16 -23.58 58.26
CA VAL G 165 7.48 -22.40 58.79
C VAL G 165 6.98 -21.56 57.63
N SER G 166 5.70 -21.22 57.65
CA SER G 166 5.08 -20.33 56.69
C SER G 166 4.38 -19.19 57.44
N TRP G 167 4.02 -18.15 56.70
CA TRP G 167 3.49 -16.93 57.31
C TRP G 167 2.16 -16.57 56.66
N ASN G 168 1.10 -16.51 57.49
CA ASN G 168 -0.27 -16.24 57.03
C ASN G 168 -0.72 -17.29 56.01
N SER G 169 -0.40 -18.56 56.29
CA SER G 169 -0.74 -19.71 55.44
C SER G 169 -0.23 -19.50 54.01
N GLY G 170 1.02 -19.06 53.89
CA GLY G 170 1.66 -18.85 52.62
C GLY G 170 1.34 -17.54 51.93
N ALA G 171 0.45 -16.72 52.51
CA ALA G 171 0.07 -15.46 51.87
C ALA G 171 1.19 -14.43 51.93
N LEU G 172 2.08 -14.53 52.93
CA LEU G 172 3.19 -13.60 53.10
C LEU G 172 4.48 -14.36 52.83
N THR G 173 5.06 -14.13 51.65
CA THR G 173 6.34 -14.73 51.27
C THR G 173 7.43 -13.69 51.15
N SER G 174 7.16 -12.43 51.49
CA SER G 174 8.10 -11.33 51.25
C SER G 174 8.65 -10.84 52.57
N GLY G 175 9.98 -10.67 52.63
CA GLY G 175 10.62 -10.26 53.85
C GLY G 175 10.76 -11.34 54.90
N VAL G 176 10.43 -12.58 54.56
CA VAL G 176 10.54 -13.69 55.51
C VAL G 176 11.98 -14.14 55.60
N HIS G 177 12.36 -14.64 56.77
CA HIS G 177 13.66 -15.26 56.99
C HIS G 177 13.46 -16.38 58.00
N THR G 178 13.44 -17.62 57.51
CA THR G 178 13.48 -18.79 58.38
C THR G 178 14.95 -19.19 58.51
N PHE G 179 15.50 -19.03 59.71
CA PHE G 179 16.90 -19.30 59.93
C PHE G 179 17.15 -20.80 60.00
N PRO G 180 18.36 -21.24 59.64
CA PRO G 180 18.70 -22.66 59.80
C PRO G 180 18.56 -23.09 61.25
N ALA G 181 18.24 -24.36 61.45
CA ALA G 181 18.20 -24.91 62.79
C ALA G 181 19.62 -24.99 63.35
N VAL G 182 19.74 -24.78 64.66
CA VAL G 182 21.01 -24.91 65.36
C VAL G 182 20.85 -26.01 66.40
N LEU G 183 21.86 -26.87 66.49
CA LEU G 183 21.83 -27.98 67.44
C LEU G 183 22.21 -27.47 68.81
N GLN G 184 21.26 -27.50 69.75
CA GLN G 184 21.50 -26.99 71.09
C GLN G 184 22.34 -27.98 71.90
N SER G 185 22.83 -27.50 73.04
CA SER G 185 23.56 -28.37 73.95
C SER G 185 22.71 -29.52 74.47
N SER G 186 21.39 -29.39 74.41
CA SER G 186 20.45 -30.41 74.87
C SER G 186 20.23 -31.51 73.85
N GLY G 187 20.98 -31.51 72.74
CA GLY G 187 20.75 -32.48 71.69
C GLY G 187 19.50 -32.25 70.88
N LEU G 188 18.82 -31.12 71.08
CA LEU G 188 17.61 -30.77 70.35
C LEU G 188 17.88 -29.57 69.45
N TYR G 189 16.94 -29.30 68.55
CA TYR G 189 17.11 -28.22 67.59
C TYR G 189 16.26 -27.00 67.98
N SER G 190 16.58 -25.88 67.35
CA SER G 190 15.85 -24.64 67.54
C SER G 190 16.10 -23.73 66.35
N LEU G 191 15.08 -22.96 65.99
CA LEU G 191 15.21 -21.99 64.91
C LEU G 191 14.23 -20.84 65.13
N SER G 192 14.52 -19.72 64.49
CA SER G 192 13.63 -18.56 64.50
C SER G 192 13.21 -18.24 63.07
N SER G 193 12.02 -17.66 62.94
CA SER G 193 11.50 -17.20 61.66
C SER G 193 10.99 -15.78 61.86
N VAL G 194 11.56 -14.82 61.12
CA VAL G 194 11.25 -13.41 61.27
C VAL G 194 10.81 -12.82 59.94
N VAL G 195 10.03 -11.74 60.00
CA VAL G 195 9.55 -11.02 58.82
C VAL G 195 9.52 -9.52 59.11
N THR G 196 9.82 -8.72 58.07
CA THR G 196 9.82 -7.28 58.13
C THR G 196 8.54 -6.78 57.50
N VAL G 197 7.87 -5.90 58.22
CA VAL G 197 6.52 -5.41 57.83
C VAL G 197 6.53 -3.91 58.02
N PRO G 198 5.50 -3.15 57.54
CA PRO G 198 5.49 -1.72 57.85
C PRO G 198 5.19 -1.32 59.28
N SER G 199 5.54 -0.07 59.63
CA SER G 199 5.17 0.38 60.98
C SER G 199 3.68 0.55 61.05
N SER G 200 3.03 0.87 59.94
CA SER G 200 1.60 1.15 59.97
C SER G 200 0.71 -0.09 59.92
N SER G 201 1.23 -1.25 59.49
CA SER G 201 0.37 -2.43 59.47
C SER G 201 0.24 -3.09 60.84
N LEU G 202 0.98 -2.63 61.83
CA LEU G 202 0.79 -3.13 63.18
C LEU G 202 -0.63 -2.79 63.62
N GLY G 203 -1.25 -3.73 64.33
CA GLY G 203 -2.60 -3.52 64.80
C GLY G 203 -3.66 -3.86 63.77
N THR G 204 -3.59 -3.24 62.60
CA THR G 204 -4.60 -3.49 61.58
C THR G 204 -4.45 -4.89 60.98
N GLN G 205 -3.23 -5.32 60.72
CA GLN G 205 -2.97 -6.62 60.11
C GLN G 205 -2.76 -7.69 61.18
N THR G 206 -3.20 -8.90 60.86
CA THR G 206 -3.05 -10.05 61.73
C THR G 206 -1.97 -10.96 61.17
N TYR G 207 -1.00 -11.30 62.01
CA TYR G 207 0.18 -12.06 61.60
C TYR G 207 0.20 -13.39 62.34
N ILE G 208 0.22 -14.49 61.58
CA ILE G 208 0.20 -15.84 62.12
C ILE G 208 1.27 -16.65 61.43
N CYS G 209 2.10 -17.33 62.22
CA CYS G 209 3.13 -18.23 61.69
C CYS G 209 2.66 -19.67 61.78
N ASN G 210 2.96 -20.44 60.75
CA ASN G 210 2.51 -21.83 60.64
C ASN G 210 3.73 -22.74 60.70
N VAL G 211 3.77 -23.60 61.71
CA VAL G 211 4.88 -24.53 61.91
C VAL G 211 4.34 -25.95 61.80
N ASN G 212 4.93 -26.73 60.89
CA ASN G 212 4.57 -28.13 60.68
C ASN G 212 5.79 -29.00 60.93
N HIS G 213 5.61 -30.07 61.71
CA HIS G 213 6.68 -30.99 62.05
C HIS G 213 6.15 -32.41 61.88
N LYS G 214 6.53 -33.05 60.78
CA LYS G 214 5.97 -34.35 60.41
C LYS G 214 6.34 -35.49 61.36
N PRO G 215 7.60 -35.61 61.80
CA PRO G 215 7.92 -36.71 62.73
C PRO G 215 7.18 -36.64 64.06
N SER G 216 6.89 -35.44 64.56
CA SER G 216 6.15 -35.30 65.80
C SER G 216 4.65 -35.09 65.59
N ASN G 217 4.21 -34.94 64.33
CA ASN G 217 2.80 -34.71 63.99
C ASN G 217 2.24 -33.50 64.75
N THR G 218 3.04 -32.44 64.84
CA THR G 218 2.63 -31.21 65.49
C THR G 218 2.44 -30.13 64.44
N LYS G 219 1.20 -29.67 64.28
CA LYS G 219 0.85 -28.56 63.41
C LYS G 219 0.36 -27.44 64.31
N VAL G 220 1.17 -26.41 64.49
CA VAL G 220 0.90 -25.35 65.45
C VAL G 220 0.79 -24.02 64.70
N ASP G 221 -0.37 -23.38 64.85
CA ASP G 221 -0.54 -21.99 64.45
C ASP G 221 -0.31 -21.10 65.68
N LYS G 222 0.34 -19.96 65.46
CA LYS G 222 0.55 -19.00 66.54
C LYS G 222 0.39 -17.59 66.00
N ARG G 223 -0.51 -16.83 66.63
CA ARG G 223 -0.70 -15.43 66.29
C ARG G 223 0.28 -14.57 67.08
N VAL G 224 0.89 -13.61 66.40
CA VAL G 224 1.92 -12.76 66.99
C VAL G 224 1.30 -11.38 67.22
N GLU G 225 0.88 -11.10 68.46
CA GLU G 225 0.27 -9.83 68.82
C GLU G 225 1.34 -8.80 69.18
N PRO G 226 1.29 -7.61 68.59
CA PRO G 226 2.23 -6.56 69.00
C PRO G 226 2.05 -6.20 70.46
N LYS G 227 3.17 -5.92 71.14
CA LYS G 227 3.18 -5.62 72.56
C LYS G 227 2.43 -4.34 72.89
N ILE H 2 37.79 -42.96 40.66
CA ILE H 2 38.13 -41.68 40.04
C ILE H 2 37.79 -40.53 40.98
N VAL H 3 38.71 -39.56 41.08
CA VAL H 3 38.63 -38.48 42.06
C VAL H 3 38.43 -37.16 41.32
N MET H 4 37.47 -36.37 41.79
CA MET H 4 37.11 -35.09 41.20
C MET H 4 37.54 -33.95 42.11
N THR H 5 38.29 -32.98 41.56
CA THR H 5 38.78 -31.85 42.33
C THR H 5 38.39 -30.54 41.65
N GLN H 6 38.06 -29.53 42.47
CA GLN H 6 37.71 -28.19 42.02
C GLN H 6 38.65 -27.21 42.67
N PHE H 7 39.45 -26.48 41.86
CA PHE H 7 40.50 -25.66 42.44
C PHE H 7 39.96 -24.49 43.25
N PRO H 8 39.03 -23.66 42.75
CA PRO H 8 38.40 -22.68 43.65
C PRO H 8 37.33 -23.37 44.49
N LEU H 9 37.40 -23.18 45.81
CA LEU H 9 36.38 -23.70 46.71
C LEU H 9 35.39 -22.63 47.13
N SER H 10 35.85 -21.37 47.18
CA SER H 10 34.99 -20.21 47.38
C SER H 10 35.37 -19.16 46.34
N LEU H 11 34.40 -18.34 45.94
CA LEU H 11 34.60 -17.39 44.85
C LEU H 11 33.74 -16.15 45.05
N PRO H 12 34.30 -15.07 45.60
CA PRO H 12 33.58 -13.79 45.61
C PRO H 12 33.76 -13.05 44.29
N VAL H 13 32.65 -12.52 43.79
CA VAL H 13 32.59 -11.88 42.48
C VAL H 13 31.68 -10.66 42.55
N THR H 14 32.15 -9.52 42.03
CA THR H 14 31.28 -8.34 41.94
C THR H 14 30.30 -8.51 40.77
N PRO H 15 29.05 -8.06 40.93
CA PRO H 15 28.04 -8.27 39.87
C PRO H 15 28.40 -7.61 38.54
N GLY H 16 28.77 -8.42 37.55
CA GLY H 16 29.07 -7.89 36.23
C GLY H 16 30.35 -8.45 35.63
N GLU H 17 31.38 -8.61 36.45
CA GLU H 17 32.64 -9.15 35.98
C GLU H 17 32.56 -10.68 35.84
N PRO H 18 33.38 -11.27 34.96
CA PRO H 18 33.24 -12.70 34.65
C PRO H 18 33.96 -13.60 35.66
N ALA H 19 33.23 -14.54 36.23
CA ALA H 19 33.79 -15.55 37.14
C ALA H 19 34.14 -16.83 36.39
N SER H 20 35.06 -17.61 36.97
CA SER H 20 35.45 -18.87 36.37
C SER H 20 35.80 -19.88 37.46
N ILE H 21 35.53 -21.16 37.17
CA ILE H 21 35.82 -22.26 38.08
C ILE H 21 36.56 -23.34 37.31
N SER H 22 37.63 -23.86 37.89
CA SER H 22 38.42 -24.92 37.26
C SER H 22 38.08 -26.27 37.89
N CYS H 23 38.20 -27.32 37.07
CA CYS H 23 37.94 -28.69 37.51
C CYS H 23 38.98 -29.62 36.90
N ARG H 24 39.56 -30.48 37.74
CA ARG H 24 40.60 -31.39 37.32
C ARG H 24 40.20 -32.83 37.61
N SER H 25 40.78 -33.77 36.87
CA SER H 25 40.40 -35.17 36.97
C SER H 25 41.63 -36.05 37.20
N SER H 26 41.43 -37.11 37.95
CA SER H 26 42.46 -38.14 38.15
C SER H 26 42.62 -39.05 36.94
N GLN H 27 41.92 -38.77 35.85
CA GLN H 27 41.97 -39.56 34.62
C GLN H 27 41.30 -38.76 33.52
N SER H 28 41.67 -39.06 32.28
CA SER H 28 41.23 -38.29 31.10
C SER H 28 39.77 -38.59 30.74
N LEU H 29 38.92 -37.57 30.83
CA LEU H 29 37.50 -37.71 30.50
C LEU H 29 37.21 -37.73 29.01
N LEU H 30 38.23 -37.55 28.15
CA LEU H 30 38.02 -37.62 26.72
C LEU H 30 37.79 -39.07 26.28
N HIS H 31 36.84 -39.26 25.37
CA HIS H 31 36.50 -40.57 24.86
C HIS H 31 36.68 -40.57 23.34
N SER H 32 36.87 -41.77 22.78
CA SER H 32 37.16 -41.94 21.35
C SER H 32 36.05 -41.42 20.43
N ASN H 33 34.84 -41.21 20.93
CA ASN H 33 33.73 -40.72 20.10
C ASN H 33 33.81 -39.21 19.86
N GLY H 34 34.78 -38.54 20.46
CA GLY H 34 34.97 -37.12 20.25
C GLY H 34 34.21 -36.24 21.22
N ASN H 35 34.03 -36.67 22.46
CA ASN H 35 33.31 -35.86 23.44
C ASN H 35 33.94 -36.01 24.81
N ASN H 36 33.90 -34.91 25.57
CA ASN H 36 34.39 -34.86 26.94
C ASN H 36 33.19 -35.00 27.87
N TYR H 37 33.22 -36.00 28.73
CA TYR H 37 32.03 -36.34 29.52
C TYR H 37 32.09 -35.70 30.91
N LEU H 38 32.17 -34.37 30.91
CA LEU H 38 32.05 -33.58 32.12
C LEU H 38 30.71 -32.86 32.13
N ASP H 39 30.12 -32.77 33.32
CA ASP H 39 28.89 -32.02 33.55
C ASP H 39 29.14 -31.04 34.69
N TRP H 40 28.31 -29.99 34.74
CA TRP H 40 28.31 -29.00 35.80
C TRP H 40 26.89 -28.86 36.33
N TYR H 41 26.73 -28.85 37.65
CA TYR H 41 25.41 -28.75 38.26
C TYR H 41 25.37 -27.59 39.25
N LEU H 42 24.20 -26.99 39.39
CA LEU H 42 24.00 -25.84 40.27
C LEU H 42 23.03 -26.20 41.39
N GLN H 43 23.47 -26.03 42.63
CA GLN H 43 22.62 -26.15 43.80
C GLN H 43 22.33 -24.75 44.32
N LYS H 44 21.11 -24.26 44.08
CA LYS H 44 20.66 -22.97 44.58
C LYS H 44 20.23 -23.09 46.04
N PRO H 45 20.38 -22.02 46.82
CA PRO H 45 20.06 -22.10 48.25
C PRO H 45 18.64 -22.60 48.51
N GLY H 46 18.53 -23.59 49.40
CA GLY H 46 17.26 -24.18 49.74
C GLY H 46 16.74 -25.21 48.76
N GLN H 47 17.49 -25.52 47.71
CA GLN H 47 17.02 -26.39 46.65
C GLN H 47 18.05 -27.48 46.36
N SER H 48 17.58 -28.52 45.68
CA SER H 48 18.43 -29.61 45.24
C SER H 48 19.19 -29.22 43.97
N PRO H 49 20.31 -29.87 43.68
CA PRO H 49 21.07 -29.52 42.47
C PRO H 49 20.22 -29.69 41.21
N GLN H 50 20.59 -28.93 40.17
CA GLN H 50 19.95 -29.05 38.88
C GLN H 50 20.99 -28.90 37.78
N LEU H 51 20.73 -29.55 36.65
CA LEU H 51 21.70 -29.58 35.57
C LEU H 51 21.97 -28.18 35.03
N LEU H 52 23.24 -27.82 34.97
CA LEU H 52 23.65 -26.53 34.41
C LEU H 52 24.24 -26.74 33.00
N ILE H 53 25.42 -27.33 32.94
CA ILE H 53 26.11 -27.61 31.68
C ILE H 53 26.23 -29.12 31.54
N TYR H 54 26.05 -29.63 30.31
CA TYR H 54 26.26 -31.04 30.04
C TYR H 54 27.21 -31.21 28.86
N LEU H 55 28.00 -32.29 28.93
CA LEU H 55 29.01 -32.64 27.93
C LEU H 55 30.12 -31.61 27.84
N ASN H 56 30.16 -30.67 28.80
CA ASN H 56 31.20 -29.66 28.98
C ASN H 56 31.07 -28.53 27.96
N SER H 57 30.24 -28.72 26.93
CA SER H 57 30.07 -27.67 25.92
C SER H 57 28.62 -27.24 25.70
N ASN H 58 27.65 -27.89 26.34
CA ASN H 58 26.24 -27.60 26.08
C ASN H 58 25.52 -27.32 27.39
N ARG H 59 24.51 -26.45 27.33
CA ARG H 59 23.72 -26.08 28.49
C ARG H 59 22.36 -26.77 28.45
N ALA H 60 21.78 -26.92 29.64
CA ALA H 60 20.45 -27.50 29.76
C ALA H 60 19.40 -26.43 29.39
N SER H 61 18.14 -26.85 29.41
CA SER H 61 17.06 -25.92 29.14
C SER H 61 17.04 -24.81 30.17
N GLY H 62 16.79 -23.59 29.71
CA GLY H 62 16.65 -22.44 30.58
C GLY H 62 17.94 -21.88 31.12
N VAL H 63 19.09 -22.39 30.70
CA VAL H 63 20.38 -21.87 31.15
C VAL H 63 20.74 -20.66 30.31
N PRO H 64 20.95 -19.49 30.90
CA PRO H 64 21.33 -18.32 30.11
C PRO H 64 22.67 -18.52 29.41
N ASP H 65 22.86 -17.80 28.30
CA ASP H 65 24.07 -17.93 27.51
C ASP H 65 25.31 -17.35 28.20
N ARG H 66 25.17 -16.80 29.40
CA ARG H 66 26.34 -16.34 30.15
C ARG H 66 27.23 -17.52 30.55
N PHE H 67 26.62 -18.64 30.91
CA PHE H 67 27.39 -19.82 31.29
C PHE H 67 27.99 -20.49 30.06
N SER H 68 29.22 -20.99 30.21
CA SER H 68 29.92 -21.64 29.11
C SER H 68 30.94 -22.60 29.68
N GLY H 69 31.23 -23.65 28.92
CA GLY H 69 32.16 -24.68 29.35
C GLY H 69 33.30 -24.84 28.36
N SER H 70 34.47 -25.20 28.88
CA SER H 70 35.66 -25.35 28.07
C SER H 70 36.55 -26.43 28.67
N GLY H 71 37.54 -26.85 27.89
CA GLY H 71 38.56 -27.76 28.35
C GLY H 71 38.51 -29.10 27.61
N SER H 72 39.57 -29.87 27.83
CA SER H 72 39.68 -31.22 27.28
C SER H 72 40.51 -32.07 28.22
N GLY H 73 40.37 -33.39 28.07
CA GLY H 73 41.14 -34.33 28.86
C GLY H 73 40.87 -34.25 30.35
N THR H 74 41.85 -33.78 31.12
CA THR H 74 41.73 -33.71 32.56
C THR H 74 41.58 -32.30 33.10
N ASP H 75 41.58 -31.28 32.23
CA ASP H 75 41.57 -29.88 32.65
C ASP H 75 40.37 -29.19 32.01
N PHE H 76 39.48 -28.66 32.86
CA PHE H 76 38.25 -28.03 32.40
C PHE H 76 38.01 -26.76 33.19
N THR H 77 37.24 -25.85 32.60
CA THR H 77 36.89 -24.58 33.23
C THR H 77 35.43 -24.25 32.94
N LEU H 78 34.77 -23.63 33.92
CA LEU H 78 33.41 -23.13 33.78
C LEU H 78 33.43 -21.62 33.93
N LYS H 79 32.90 -20.91 32.93
CA LYS H 79 32.95 -19.45 32.88
C LYS H 79 31.54 -18.85 32.93
N ILE H 80 31.42 -17.75 33.66
CA ILE H 80 30.20 -16.93 33.66
C ILE H 80 30.60 -15.54 33.18
N SER H 81 29.99 -15.09 32.08
CA SER H 81 30.38 -13.79 31.51
C SER H 81 29.89 -12.64 32.37
N ARG H 82 28.60 -12.64 32.73
CA ARG H 82 28.01 -11.63 33.60
C ARG H 82 27.41 -12.34 34.81
N VAL H 83 27.92 -12.01 36.00
CA VAL H 83 27.42 -12.60 37.23
C VAL H 83 26.22 -11.80 37.71
N GLU H 84 25.14 -12.50 38.06
CA GLU H 84 23.93 -11.88 38.55
C GLU H 84 23.64 -12.36 39.96
N ALA H 85 22.60 -11.78 40.56
CA ALA H 85 22.26 -12.09 41.95
C ALA H 85 21.62 -13.46 42.11
N GLU H 86 21.21 -14.12 41.02
CA GLU H 86 20.61 -15.43 41.10
C GLU H 86 21.62 -16.56 40.91
N ASP H 87 22.89 -16.23 40.66
CA ASP H 87 23.93 -17.22 40.54
C ASP H 87 24.51 -17.66 41.87
N VAL H 88 23.93 -17.21 42.99
CA VAL H 88 24.34 -17.69 44.29
C VAL H 88 24.06 -19.18 44.39
N GLY H 89 25.04 -19.93 44.86
CA GLY H 89 24.84 -21.35 45.07
C GLY H 89 26.16 -22.07 45.06
N VAL H 90 26.05 -23.40 45.21
CA VAL H 90 27.19 -24.29 45.17
C VAL H 90 27.25 -24.91 43.78
N TYR H 91 28.41 -24.79 43.13
CA TYR H 91 28.62 -25.31 41.78
C TYR H 91 29.36 -26.63 41.86
N TYR H 92 28.81 -27.66 41.22
CA TYR H 92 29.34 -29.01 41.33
C TYR H 92 29.88 -29.50 39.99
N CYS H 93 30.80 -30.46 40.09
CA CYS H 93 31.50 -31.05 38.96
C CYS H 93 31.28 -32.55 39.01
N MET H 94 30.73 -33.12 37.93
CA MET H 94 30.48 -34.55 37.86
C MET H 94 30.95 -35.13 36.54
N GLN H 95 31.75 -36.20 36.60
CA GLN H 95 32.12 -36.96 35.42
C GLN H 95 31.07 -38.05 35.16
N ALA H 96 30.93 -38.40 33.87
CA ALA H 96 29.96 -39.41 33.45
C ALA H 96 30.57 -40.56 32.68
N LEU H 97 31.89 -40.52 32.43
CA LEU H 97 32.53 -41.63 31.71
C LEU H 97 32.47 -42.92 32.52
N GLN H 98 32.64 -42.81 33.83
CA GLN H 98 32.52 -43.92 34.77
C GLN H 98 31.26 -43.71 35.62
N THR H 99 31.01 -44.62 36.55
CA THR H 99 30.08 -44.36 37.63
C THR H 99 30.34 -42.96 38.19
N PRO H 100 29.33 -42.11 38.30
CA PRO H 100 29.58 -40.68 38.53
C PRO H 100 30.18 -40.42 39.91
N THR H 101 31.31 -39.71 39.91
CA THR H 101 31.92 -39.18 41.11
C THR H 101 31.84 -37.66 41.04
N PHE H 102 31.45 -37.06 42.15
CA PHE H 102 31.26 -35.62 42.22
C PHE H 102 32.55 -34.92 42.59
N GLY H 103 32.67 -33.66 42.19
CA GLY H 103 33.65 -32.78 42.78
C GLY H 103 33.14 -32.16 44.05
N GLN H 104 34.06 -31.64 44.86
CA GLN H 104 33.64 -30.88 46.02
C GLN H 104 33.06 -29.54 45.56
N GLY H 105 32.00 -29.10 46.22
CA GLY H 105 31.29 -27.93 45.79
C GLY H 105 32.11 -26.65 45.88
N THR H 106 31.61 -25.63 45.17
CA THR H 106 32.21 -24.29 45.18
C THR H 106 31.13 -23.27 45.46
N ARG H 107 31.21 -22.62 46.62
CA ARG H 107 30.29 -21.53 46.93
C ARG H 107 30.63 -20.30 46.10
N LEU H 108 29.60 -19.66 45.56
CA LEU H 108 29.74 -18.41 44.82
C LEU H 108 29.16 -17.29 45.67
N GLU H 109 29.99 -16.32 46.03
CA GLU H 109 29.59 -15.17 46.82
C GLU H 109 29.56 -13.93 45.94
N ILE H 110 28.55 -13.09 46.15
CA ILE H 110 28.42 -11.83 45.43
C ILE H 110 28.98 -10.70 46.29
N LYS H 111 29.84 -9.88 45.70
CA LYS H 111 30.40 -8.72 46.38
C LYS H 111 29.45 -7.53 46.22
N ARG H 112 28.34 -7.61 46.96
CA ARG H 112 27.36 -6.54 47.03
C ARG H 112 27.98 -5.29 47.65
N THR H 113 27.29 -4.16 47.49
CA THR H 113 27.68 -2.96 48.22
C THR H 113 27.45 -3.17 49.71
N VAL H 114 28.29 -2.52 50.52
CA VAL H 114 28.19 -2.69 51.97
C VAL H 114 26.82 -2.22 52.45
N ALA H 115 26.20 -3.02 53.31
CA ALA H 115 24.86 -2.75 53.80
C ALA H 115 24.85 -2.88 55.31
N ALA H 116 24.34 -1.85 55.98
CA ALA H 116 24.28 -1.86 57.44
C ALA H 116 23.19 -2.81 57.92
N PRO H 117 23.41 -3.48 59.05
CA PRO H 117 22.37 -4.36 59.60
C PRO H 117 21.27 -3.56 60.27
N SER H 118 20.04 -4.05 60.12
CA SER H 118 18.91 -3.55 60.89
C SER H 118 18.80 -4.43 62.14
N VAL H 119 19.09 -3.84 63.31
CA VAL H 119 19.22 -4.61 64.54
C VAL H 119 17.92 -4.51 65.31
N PHE H 120 17.47 -5.63 65.88
CA PHE H 120 16.23 -5.70 66.64
C PHE H 120 16.47 -6.56 67.88
N ILE H 121 15.85 -6.18 68.99
CA ILE H 121 15.94 -6.96 70.22
C ILE H 121 14.60 -7.59 70.52
N PHE H 122 14.63 -8.77 71.14
CA PHE H 122 13.41 -9.50 71.39
C PHE H 122 13.43 -10.11 72.80
N PRO H 123 12.50 -9.72 73.65
CA PRO H 123 12.41 -10.33 74.99
C PRO H 123 11.70 -11.66 74.92
N PRO H 124 11.85 -12.50 75.93
CA PRO H 124 11.09 -13.76 75.96
C PRO H 124 9.60 -13.48 76.12
N SER H 125 8.79 -14.38 75.56
CA SER H 125 7.36 -14.31 75.72
C SER H 125 6.95 -14.75 77.11
N ASP H 126 5.75 -14.35 77.53
CA ASP H 126 5.20 -14.83 78.78
C ASP H 126 4.81 -16.30 78.69
N GLU H 127 4.60 -16.82 77.49
CA GLU H 127 4.31 -18.24 77.34
C GLU H 127 5.55 -19.08 77.61
N GLN H 128 6.72 -18.60 77.20
CA GLN H 128 7.93 -19.39 77.36
C GLN H 128 8.42 -19.39 78.81
N LEU H 129 8.53 -18.21 79.43
CA LEU H 129 9.06 -18.17 80.79
C LEU H 129 8.17 -18.91 81.78
N LYS H 130 6.89 -19.09 81.45
CA LYS H 130 6.02 -19.94 82.28
C LYS H 130 6.52 -21.37 82.28
N SER H 131 6.98 -21.87 81.13
CA SER H 131 7.50 -23.24 81.06
C SER H 131 8.73 -23.43 81.93
N GLY H 132 9.55 -22.38 82.09
CA GLY H 132 10.71 -22.46 82.95
C GLY H 132 12.03 -22.15 82.25
N THR H 133 11.95 -21.55 81.07
CA THR H 133 13.13 -21.21 80.28
C THR H 133 12.85 -19.92 79.55
N ALA H 134 13.85 -19.04 79.49
CA ALA H 134 13.72 -17.73 78.86
C ALA H 134 14.78 -17.59 77.77
N SER H 135 14.34 -17.18 76.57
CA SER H 135 15.21 -16.98 75.44
C SER H 135 15.14 -15.54 74.96
N VAL H 136 16.29 -14.94 74.68
CA VAL H 136 16.38 -13.58 74.18
C VAL H 136 17.05 -13.62 72.81
N VAL H 137 16.41 -13.03 71.81
CA VAL H 137 16.87 -13.10 70.42
C VAL H 137 17.32 -11.72 69.97
N CYS H 138 18.44 -11.66 69.26
CA CYS H 138 18.91 -10.45 68.60
C CYS H 138 18.95 -10.73 67.10
N LEU H 139 18.37 -9.83 66.31
CA LEU H 139 18.18 -10.02 64.89
C LEU H 139 19.01 -9.02 64.10
N LEU H 140 19.84 -9.51 63.19
CA LEU H 140 20.62 -8.70 62.26
C LEU H 140 20.09 -8.97 60.87
N ASN H 141 19.38 -8.00 60.29
CA ASN H 141 18.59 -8.23 59.08
C ASN H 141 19.20 -7.48 57.90
N ASN H 142 19.33 -8.19 56.77
CA ASN H 142 19.78 -7.64 55.48
C ASN H 142 21.08 -6.85 55.62
N PHE H 143 22.15 -7.59 55.91
CA PHE H 143 23.47 -6.97 56.02
C PHE H 143 24.47 -7.73 55.17
N TYR H 144 25.45 -7.00 54.65
CA TYR H 144 26.59 -7.53 53.91
C TYR H 144 27.76 -6.57 54.13
N PRO H 145 28.99 -7.06 54.36
CA PRO H 145 29.51 -8.44 54.36
C PRO H 145 29.02 -9.34 55.49
N ARG H 146 29.38 -10.62 55.39
CA ARG H 146 28.90 -11.61 56.34
C ARG H 146 29.53 -11.43 57.71
N GLU H 147 30.80 -11.05 57.75
CA GLU H 147 31.49 -10.88 59.02
C GLU H 147 30.79 -9.83 59.88
N ALA H 148 30.35 -10.24 61.07
CA ALA H 148 29.65 -9.35 61.98
C ALA H 148 29.87 -9.84 63.40
N LYS H 149 29.97 -8.90 64.33
CA LYS H 149 30.30 -9.19 65.73
C LYS H 149 29.15 -8.73 66.59
N VAL H 150 28.51 -9.67 67.28
CA VAL H 150 27.39 -9.37 68.16
C VAL H 150 27.75 -9.82 69.56
N GLN H 151 27.60 -8.92 70.53
CA GLN H 151 27.99 -9.16 71.91
C GLN H 151 26.77 -8.97 72.79
N TRP H 152 26.54 -9.93 73.69
CA TRP H 152 25.49 -9.82 74.68
C TRP H 152 26.05 -9.12 75.92
N LYS H 153 25.39 -8.06 76.34
CA LYS H 153 25.78 -7.31 77.53
C LYS H 153 24.61 -7.32 78.51
N VAL H 154 24.78 -8.03 79.63
CA VAL H 154 23.78 -8.10 80.67
C VAL H 154 24.26 -7.23 81.83
N ASP H 155 23.54 -6.12 82.06
CA ASP H 155 23.92 -5.10 83.05
C ASP H 155 25.39 -4.70 82.89
N ASN H 156 25.75 -4.36 81.65
CA ASN H 156 27.08 -3.92 81.27
C ASN H 156 28.15 -4.97 81.49
N ALA H 157 27.76 -6.24 81.61
CA ALA H 157 28.70 -7.34 81.76
C ALA H 157 28.69 -8.17 80.48
N LEU H 158 29.86 -8.33 79.87
CA LEU H 158 29.96 -9.18 78.67
C LEU H 158 29.68 -10.62 79.06
N GLN H 159 28.71 -11.23 78.39
CA GLN H 159 28.29 -12.59 78.71
C GLN H 159 28.60 -13.51 77.54
N SER H 160 29.38 -14.56 77.80
CA SER H 160 29.76 -15.54 76.80
C SER H 160 29.32 -16.93 77.23
N GLY H 161 29.06 -17.80 76.26
CA GLY H 161 28.82 -19.19 76.53
C GLY H 161 27.38 -19.60 76.74
N ASN H 162 26.43 -18.75 76.36
CA ASN H 162 25.02 -19.15 76.37
C ASN H 162 24.27 -18.58 75.17
N SER H 163 24.99 -18.25 74.10
CA SER H 163 24.42 -17.71 72.89
C SER H 163 24.78 -18.58 71.71
N GLN H 164 23.82 -18.77 70.81
CA GLN H 164 24.02 -19.49 69.56
C GLN H 164 23.62 -18.58 68.41
N GLU H 165 24.38 -18.65 67.31
CA GLU H 165 24.11 -17.84 66.14
C GLU H 165 23.61 -18.69 64.98
N SER H 166 22.68 -18.14 64.21
CA SER H 166 22.20 -18.76 62.99
C SER H 166 22.26 -17.72 61.88
N VAL H 167 22.75 -18.12 60.71
CA VAL H 167 23.00 -17.19 59.60
C VAL H 167 22.34 -17.73 58.35
N THR H 168 21.63 -16.85 57.63
CA THR H 168 20.98 -17.20 56.38
C THR H 168 22.00 -17.38 55.26
N GLU H 169 21.70 -18.28 54.32
CA GLU H 169 22.62 -18.63 53.24
C GLU H 169 22.53 -17.63 52.08
N GLN H 170 22.73 -16.35 52.40
CA GLN H 170 22.68 -15.27 51.42
C GLN H 170 21.30 -15.18 50.78
N ASP H 171 21.02 -14.10 50.07
CA ASP H 171 19.78 -13.94 49.34
C ASP H 171 20.04 -13.93 47.84
N SER H 172 19.06 -14.43 47.09
CA SER H 172 19.15 -14.43 45.64
C SER H 172 18.67 -13.13 45.01
N LYS H 173 17.95 -12.30 45.77
CA LYS H 173 17.53 -10.98 45.31
C LYS H 173 18.37 -9.87 45.93
N ASP H 174 18.44 -9.85 47.26
CA ASP H 174 19.21 -8.83 47.97
C ASP H 174 20.71 -9.05 47.86
N SER H 175 21.13 -10.32 47.80
CA SER H 175 22.54 -10.71 47.97
C SER H 175 23.04 -10.35 49.36
N THR H 176 22.15 -10.36 50.35
CA THR H 176 22.46 -10.06 51.73
C THR H 176 22.38 -11.29 52.60
N TYR H 177 22.82 -11.14 53.85
CA TYR H 177 22.73 -12.15 54.89
C TYR H 177 21.79 -11.69 55.98
N SER H 178 21.56 -12.58 56.94
CA SER H 178 20.82 -12.23 58.15
C SER H 178 21.25 -13.17 59.26
N LEU H 179 21.30 -12.63 60.48
CA LEU H 179 21.84 -13.34 61.63
C LEU H 179 20.85 -13.28 62.79
N SER H 180 20.78 -14.37 63.54
CA SER H 180 20.01 -14.43 64.78
C SER H 180 20.88 -15.04 65.86
N SER H 181 21.17 -14.26 66.89
CA SER H 181 21.91 -14.73 68.05
C SER H 181 20.91 -14.92 69.20
N THR H 182 20.80 -16.14 69.68
CA THR H 182 19.79 -16.50 70.68
C THR H 182 20.46 -16.80 72.02
N LEU H 183 20.10 -16.02 73.03
CA LEU H 183 20.60 -16.17 74.40
C LEU H 183 19.56 -16.91 75.21
N THR H 184 19.93 -18.06 75.77
CA THR H 184 18.97 -18.93 76.44
C THR H 184 19.39 -19.14 77.89
N LEU H 185 18.50 -18.78 78.82
CA LEU H 185 18.71 -18.93 80.25
C LEU H 185 17.54 -19.71 80.84
N SER H 186 17.68 -20.11 82.10
CA SER H 186 16.52 -20.60 82.83
C SER H 186 15.73 -19.41 83.37
N LYS H 187 14.51 -19.68 83.86
CA LYS H 187 13.67 -18.61 84.37
C LYS H 187 14.35 -17.87 85.51
N ALA H 188 14.89 -18.61 86.48
CA ALA H 188 15.52 -17.99 87.65
C ALA H 188 16.76 -17.18 87.26
N ASP H 189 17.60 -17.74 86.39
CA ASP H 189 18.76 -16.99 85.91
C ASP H 189 18.33 -15.74 85.16
N TYR H 190 17.22 -15.82 84.43
CA TYR H 190 16.73 -14.67 83.68
C TYR H 190 16.27 -13.55 84.60
N GLU H 191 15.57 -13.89 85.68
CA GLU H 191 15.08 -12.86 86.60
C GLU H 191 16.12 -12.46 87.65
N LYS H 192 17.38 -12.82 87.45
CA LYS H 192 18.45 -12.30 88.30
C LYS H 192 18.96 -10.94 87.81
N HIS H 193 18.62 -10.54 86.60
CA HIS H 193 19.13 -9.32 85.98
C HIS H 193 17.98 -8.48 85.48
N LYS H 194 18.29 -7.23 85.08
CA LYS H 194 17.26 -6.29 84.64
C LYS H 194 17.46 -5.82 83.21
N VAL H 195 18.68 -5.46 82.81
CA VAL H 195 18.93 -4.85 81.51
C VAL H 195 19.61 -5.87 80.61
N TYR H 196 18.97 -6.19 79.49
CA TYR H 196 19.54 -7.05 78.45
C TYR H 196 19.79 -6.20 77.20
N ALA H 197 21.03 -6.24 76.70
CA ALA H 197 21.41 -5.45 75.54
C ALA H 197 22.25 -6.30 74.59
N CYS H 198 22.12 -6.02 73.31
CA CYS H 198 22.87 -6.70 72.25
C CYS H 198 23.59 -5.65 71.43
N GLU H 199 24.92 -5.72 71.40
CA GLU H 199 25.75 -4.70 70.80
C GLU H 199 26.41 -5.27 69.55
N VAL H 200 26.15 -4.64 68.41
CA VAL H 200 26.55 -5.14 67.10
C VAL H 200 27.57 -4.19 66.49
N THR H 201 28.71 -4.74 66.07
CA THR H 201 29.71 -3.98 65.34
C THR H 201 29.88 -4.61 63.97
N HIS H 202 29.69 -3.81 62.91
CA HIS H 202 29.77 -4.28 61.54
C HIS H 202 30.46 -3.20 60.71
N GLN H 203 31.03 -3.64 59.58
CA GLN H 203 31.74 -2.71 58.70
C GLN H 203 30.83 -1.58 58.22
N GLY H 204 29.63 -1.92 57.76
CA GLY H 204 28.67 -0.94 57.29
C GLY H 204 28.15 0.01 58.35
N LEU H 205 28.64 -0.10 59.58
CA LEU H 205 28.19 0.72 60.69
C LEU H 205 29.25 1.76 61.04
N SER H 206 28.81 3.00 61.25
CA SER H 206 29.73 4.03 61.74
C SER H 206 30.16 3.73 63.17
N SER H 207 29.19 3.42 64.02
CA SER H 207 29.43 3.12 65.43
C SER H 207 28.74 1.81 65.81
N PRO H 208 29.25 1.11 66.82
CA PRO H 208 28.56 -0.09 67.31
C PRO H 208 27.15 0.23 67.82
N VAL H 209 26.16 -0.47 67.26
CA VAL H 209 24.77 -0.22 67.57
C VAL H 209 24.34 -1.16 68.70
N THR H 210 23.67 -0.60 69.70
CA THR H 210 23.16 -1.36 70.84
C THR H 210 21.66 -1.14 70.95
N LYS H 211 20.93 -2.23 71.18
CA LYS H 211 19.50 -2.15 71.52
C LYS H 211 19.24 -3.04 72.73
N SER H 212 18.51 -2.50 73.70
CA SER H 212 18.36 -3.12 75.01
C SER H 212 16.89 -3.14 75.40
N PHE H 213 16.64 -3.63 76.61
CA PHE H 213 15.32 -3.57 77.24
C PHE H 213 15.47 -3.94 78.71
N ASN H 214 14.56 -3.41 79.54
CA ASN H 214 14.44 -3.81 80.93
C ASN H 214 13.24 -4.73 81.09
N ARG H 215 13.29 -5.58 82.13
CA ARG H 215 12.17 -6.45 82.44
C ARG H 215 11.09 -5.63 83.14
N GLY H 216 9.95 -5.46 82.48
CA GLY H 216 8.86 -4.68 83.03
C GLY H 216 8.56 -3.42 82.23
N ASN I 1 36.43 -62.30 11.33
CA ASN I 1 35.48 -61.68 10.43
C ASN I 1 34.54 -60.73 11.19
N LEU I 2 34.52 -59.46 10.79
CA LEU I 2 33.75 -58.43 11.46
C LEU I 2 32.33 -58.36 10.91
N CYS I 3 31.40 -57.88 11.74
CA CYS I 3 30.00 -57.76 11.34
C CYS I 3 29.79 -56.41 10.67
N PRO I 4 29.38 -56.37 9.39
CA PRO I 4 29.31 -55.09 8.67
C PRO I 4 28.17 -54.21 9.14
N PHE I 5 28.28 -53.67 10.36
CA PHE I 5 27.27 -52.74 10.83
C PHE I 5 27.37 -51.40 10.11
N GLY I 6 28.57 -51.03 9.66
CA GLY I 6 28.72 -49.79 8.92
C GLY I 6 27.91 -49.75 7.64
N GLU I 7 27.72 -50.90 7.00
CA GLU I 7 26.91 -50.97 5.79
C GLU I 7 25.46 -50.61 6.07
N VAL I 8 25.00 -50.81 7.31
CA VAL I 8 23.61 -50.52 7.69
C VAL I 8 23.50 -49.09 8.19
N PHE I 9 24.30 -48.73 9.19
CA PHE I 9 24.15 -47.42 9.82
C PHE I 9 24.61 -46.30 8.90
N ASN I 10 25.78 -46.46 8.28
CA ASN I 10 26.33 -45.44 7.40
C ASN I 10 25.89 -45.61 5.95
N ALA I 11 24.82 -46.37 5.70
CA ALA I 11 24.29 -46.49 4.34
C ALA I 11 23.85 -45.12 3.84
N THR I 12 24.14 -44.85 2.57
CA THR I 12 23.86 -43.53 2.03
C THR I 12 22.38 -43.32 1.77
N ARG I 13 21.68 -44.34 1.27
CA ARG I 13 20.24 -44.30 1.07
C ARG I 13 19.54 -45.24 2.04
N PHE I 14 18.40 -44.79 2.57
CA PHE I 14 17.57 -45.58 3.46
C PHE I 14 16.20 -45.78 2.83
N ALA I 15 15.51 -46.82 3.27
CA ALA I 15 14.22 -47.17 2.71
C ALA I 15 13.09 -46.52 3.49
N SER I 16 11.95 -46.32 2.82
CA SER I 16 10.76 -45.84 3.50
C SER I 16 10.28 -46.87 4.51
N VAL I 17 9.46 -46.41 5.46
CA VAL I 17 9.09 -47.26 6.59
C VAL I 17 8.18 -48.40 6.14
N TYR I 18 7.32 -48.17 5.15
CA TYR I 18 6.44 -49.25 4.68
C TYR I 18 7.22 -50.37 4.02
N ALA I 19 8.30 -50.05 3.30
CA ALA I 19 9.15 -51.05 2.69
C ALA I 19 10.53 -51.07 3.35
N TRP I 20 10.57 -51.35 4.65
CA TRP I 20 11.82 -51.26 5.40
C TRP I 20 12.80 -52.34 4.98
N ASN I 21 14.09 -51.98 5.02
CA ASN I 21 15.17 -52.89 4.64
C ASN I 21 15.53 -53.81 5.80
N ARG I 22 15.82 -55.07 5.47
CA ARG I 22 16.26 -56.06 6.46
C ARG I 22 17.63 -56.57 6.06
N LYS I 23 18.55 -56.61 7.03
CA LYS I 23 19.90 -57.10 6.82
C LYS I 23 20.14 -58.28 7.76
N ARG I 24 20.59 -59.40 7.20
CA ARG I 24 20.90 -60.58 7.98
C ARG I 24 22.37 -60.59 8.37
N ILE I 25 22.65 -60.80 9.64
CA ILE I 25 24.00 -60.79 10.18
C ILE I 25 24.29 -62.19 10.72
N SER I 26 25.32 -62.82 10.17
CA SER I 26 25.68 -64.17 10.58
C SER I 26 27.18 -64.39 10.34
N ASN I 27 27.77 -65.29 11.13
CA ASN I 27 29.15 -65.73 10.95
C ASN I 27 30.14 -64.57 11.06
N CYS I 28 30.02 -63.81 12.14
CA CYS I 28 30.95 -62.72 12.37
C CYS I 28 30.96 -62.39 13.87
N VAL I 29 31.85 -61.47 14.24
CA VAL I 29 31.96 -60.97 15.59
C VAL I 29 31.84 -59.45 15.54
N ALA I 30 31.21 -58.86 16.56
CA ALA I 30 30.92 -57.43 16.53
C ALA I 30 31.20 -56.81 17.89
N ASP I 31 31.87 -55.66 17.88
CA ASP I 31 32.05 -54.85 19.08
C ASP I 31 30.88 -53.89 19.16
N TYR I 32 29.89 -54.24 19.98
CA TYR I 32 28.73 -53.37 20.13
C TYR I 32 29.10 -52.03 20.77
N SER I 33 30.26 -51.94 21.41
CA SER I 33 30.68 -50.69 22.06
C SER I 33 30.69 -49.51 21.09
N VAL I 34 30.86 -49.78 19.80
CA VAL I 34 30.73 -48.74 18.79
C VAL I 34 29.31 -48.18 18.74
N LEU I 35 28.33 -48.94 19.24
CA LEU I 35 26.91 -48.54 19.14
C LEU I 35 26.47 -47.79 20.39
N TYR I 36 26.38 -48.48 21.52
CA TYR I 36 25.80 -47.89 22.72
C TYR I 36 26.75 -46.91 23.42
N ASN I 37 27.91 -46.61 22.83
CA ASN I 37 28.78 -45.55 23.31
C ASN I 37 29.03 -44.49 22.23
N SER I 38 28.16 -44.41 21.24
CA SER I 38 28.38 -43.56 20.08
C SER I 38 27.92 -42.13 20.34
N ALA I 39 28.64 -41.19 19.72
CA ALA I 39 28.36 -39.76 19.88
C ALA I 39 27.41 -39.22 18.81
N SER I 40 26.61 -40.08 18.18
CA SER I 40 25.76 -39.65 17.09
C SER I 40 24.32 -40.13 17.19
N PHE I 41 23.96 -40.85 18.25
CA PHE I 41 22.61 -41.38 18.40
C PHE I 41 21.80 -40.54 19.37
N SER I 42 20.51 -40.38 19.07
CA SER I 42 19.59 -39.62 19.90
C SER I 42 18.63 -40.49 20.69
N THR I 43 18.43 -41.74 20.28
CA THR I 43 17.64 -42.70 21.03
C THR I 43 18.39 -44.02 21.02
N PHE I 44 18.47 -44.66 22.18
CA PHE I 44 19.11 -45.98 22.29
C PHE I 44 18.45 -46.70 23.46
N LYS I 45 17.52 -47.58 23.14
CA LYS I 45 16.77 -48.31 24.16
C LYS I 45 16.73 -49.78 23.75
N CYS I 46 16.96 -50.67 24.72
CA CYS I 46 17.05 -52.09 24.46
C CYS I 46 16.03 -52.84 25.31
N TYR I 47 15.34 -53.78 24.67
CA TYR I 47 14.32 -54.59 25.33
C TYR I 47 14.84 -56.02 25.44
N GLY I 48 14.60 -56.63 26.60
CA GLY I 48 15.04 -58.00 26.82
C GLY I 48 16.40 -58.08 27.47
N VAL I 49 17.46 -57.71 26.76
CA VAL I 49 18.82 -57.87 27.24
C VAL I 49 19.46 -56.50 27.41
N SER I 50 20.22 -56.35 28.49
CA SER I 50 20.96 -55.11 28.73
C SER I 50 22.07 -54.94 27.69
N PRO I 51 22.26 -53.72 27.15
CA PRO I 51 23.17 -53.55 26.00
C PRO I 51 24.64 -53.75 26.33
N THR I 52 25.02 -53.75 27.61
CA THR I 52 26.41 -54.00 27.97
C THR I 52 26.74 -55.49 27.98
N LYS I 53 25.74 -56.35 28.16
CA LYS I 53 25.96 -57.80 28.13
C LYS I 53 26.07 -58.35 26.72
N LEU I 54 25.71 -57.56 25.70
CA LEU I 54 25.75 -58.04 24.32
C LEU I 54 27.14 -58.52 23.93
N ASN I 55 28.19 -57.88 24.44
CA ASN I 55 29.55 -58.23 24.08
C ASN I 55 29.98 -59.59 24.64
N ASP I 56 29.25 -60.14 25.61
CA ASP I 56 29.61 -61.42 26.21
C ASP I 56 28.58 -62.51 25.92
N LEU I 57 27.66 -62.28 24.99
CA LEU I 57 26.63 -63.24 24.63
C LEU I 57 26.81 -63.68 23.19
N CYS I 58 26.22 -64.82 22.87
CA CYS I 58 26.18 -65.32 21.51
C CYS I 58 24.74 -65.41 21.05
N PHE I 59 24.54 -65.23 19.75
CA PHE I 59 23.23 -65.33 19.14
C PHE I 59 23.35 -66.08 17.83
N THR I 60 22.26 -66.72 17.42
CA THR I 60 22.30 -67.50 16.19
C THR I 60 22.16 -66.59 14.96
N ASN I 61 21.23 -65.64 14.98
CA ASN I 61 21.05 -64.69 13.89
C ASN I 61 20.85 -63.30 14.46
N VAL I 62 21.25 -62.29 13.69
CA VAL I 62 21.01 -60.88 14.04
C VAL I 62 20.35 -60.21 12.84
N TYR I 63 19.35 -59.38 13.10
CA TYR I 63 18.58 -58.71 12.06
C TYR I 63 18.64 -57.20 12.28
N ALA I 64 19.07 -56.47 11.25
CA ALA I 64 19.15 -55.01 11.29
C ALA I 64 18.05 -54.43 10.41
N ASP I 65 17.06 -53.79 11.03
CA ASP I 65 15.90 -53.24 10.35
C ASP I 65 16.05 -51.72 10.28
N SER I 66 16.24 -51.19 9.08
CA SER I 66 16.54 -49.78 8.89
C SER I 66 15.48 -49.11 8.02
N PHE I 67 15.10 -47.89 8.38
CA PHE I 67 14.16 -47.07 7.60
C PHE I 67 14.20 -45.64 8.16
N VAL I 68 13.29 -44.80 7.66
CA VAL I 68 13.20 -43.39 8.02
C VAL I 68 11.76 -43.09 8.42
N ILE I 69 11.59 -42.46 9.59
CA ILE I 69 10.29 -41.96 10.04
C ILE I 69 10.47 -40.57 10.62
N ARG I 70 9.37 -40.01 11.10
CA ARG I 70 9.33 -38.67 11.66
C ARG I 70 9.62 -38.70 13.16
N GLY I 71 10.09 -37.57 13.70
CA GLY I 71 10.45 -37.52 15.11
C GLY I 71 9.33 -37.89 16.05
N ASP I 72 8.12 -37.40 15.78
CA ASP I 72 6.98 -37.72 16.64
C ASP I 72 6.69 -39.22 16.71
N GLU I 73 7.09 -39.97 15.70
CA GLU I 73 6.76 -41.40 15.61
C GLU I 73 7.88 -42.31 16.08
N VAL I 74 9.03 -41.77 16.50
CA VAL I 74 10.08 -42.63 17.04
C VAL I 74 9.60 -43.33 18.30
N ARG I 75 8.73 -42.68 19.08
CA ARG I 75 8.17 -43.33 20.26
C ARG I 75 7.31 -44.53 19.89
N GLN I 76 6.80 -44.58 18.65
CA GLN I 76 6.01 -45.72 18.22
C GLN I 76 6.85 -46.97 17.94
N ILE I 77 8.17 -46.84 17.89
CA ILE I 77 9.04 -47.99 17.60
C ILE I 77 9.37 -48.62 18.95
N ALA I 78 8.38 -49.35 19.48
CA ALA I 78 8.47 -50.04 20.77
C ALA I 78 7.31 -51.01 20.88
N PRO I 79 7.44 -52.07 21.67
CA PRO I 79 6.30 -52.97 21.88
C PRO I 79 5.11 -52.25 22.47
N GLY I 80 3.92 -52.75 22.14
CA GLY I 80 2.69 -52.27 22.74
C GLY I 80 2.26 -50.89 22.33
N GLN I 81 2.90 -50.28 21.33
CA GLN I 81 2.58 -48.93 20.93
C GLN I 81 1.54 -48.91 19.81
N THR I 82 0.72 -47.86 19.81
CA THR I 82 -0.33 -47.69 18.82
C THR I 82 -0.11 -46.37 18.06
N GLY I 83 -0.59 -46.34 16.82
CA GLY I 83 -0.34 -45.23 15.92
C GLY I 83 -0.15 -45.72 14.50
N LYS I 84 -0.12 -44.81 13.52
CA LYS I 84 -0.08 -45.23 12.13
C LYS I 84 1.20 -46.00 11.81
N ILE I 85 2.32 -45.64 12.45
CA ILE I 85 3.57 -46.33 12.16
C ILE I 85 3.61 -47.68 12.84
N ALA I 86 3.16 -47.76 14.09
CA ALA I 86 3.17 -49.04 14.80
C ALA I 86 2.09 -49.98 14.30
N ASP I 87 0.97 -49.44 13.80
CA ASP I 87 -0.15 -50.28 13.41
C ASP I 87 -0.14 -50.63 11.92
N TYR I 88 0.44 -49.79 11.08
CA TYR I 88 0.37 -49.99 9.64
C TYR I 88 1.72 -50.13 8.94
N ASN I 89 2.84 -49.99 9.66
CA ASN I 89 4.13 -49.92 8.98
C ASN I 89 5.19 -50.83 9.61
N TYR I 90 5.43 -50.70 10.91
CA TYR I 90 6.43 -51.51 11.61
C TYR I 90 5.92 -51.84 13.01
N LYS I 91 5.61 -53.11 13.25
CA LYS I 91 5.07 -53.57 14.52
C LYS I 91 6.08 -54.48 15.21
N LEU I 92 6.30 -54.24 16.50
CA LEU I 92 7.22 -55.03 17.31
C LEU I 92 6.43 -55.90 18.27
N PRO I 93 6.80 -57.17 18.41
CA PRO I 93 6.09 -58.04 19.35
C PRO I 93 6.38 -57.68 20.80
N ASP I 94 5.42 -58.00 21.67
CA ASP I 94 5.58 -57.70 23.10
C ASP I 94 6.80 -58.37 23.67
N ASP I 95 7.10 -59.59 23.24
CA ASP I 95 8.30 -60.32 23.66
C ASP I 95 9.54 -59.93 22.86
N PHE I 96 9.71 -58.63 22.61
CA PHE I 96 10.84 -58.16 21.82
C PHE I 96 12.13 -58.27 22.61
N THR I 97 13.17 -58.83 21.98
CA THR I 97 14.52 -58.86 22.55
C THR I 97 15.45 -58.22 21.53
N GLY I 98 15.51 -56.89 21.56
CA GLY I 98 16.40 -56.18 20.67
C GLY I 98 16.64 -54.76 21.15
N CYS I 99 17.23 -53.96 20.26
CA CYS I 99 17.56 -52.57 20.55
C CYS I 99 17.05 -51.68 19.42
N VAL I 100 16.28 -50.66 19.77
CA VAL I 100 15.84 -49.64 18.83
C VAL I 100 16.80 -48.46 18.93
N ILE I 101 17.35 -48.04 17.80
CA ILE I 101 18.32 -46.96 17.74
C ILE I 101 17.87 -45.99 16.65
N ALA I 102 17.98 -44.70 16.93
CA ALA I 102 17.55 -43.69 15.98
C ALA I 102 18.38 -42.42 16.19
N TRP I 103 18.56 -41.68 15.11
CA TRP I 103 19.28 -40.41 15.17
C TRP I 103 18.70 -39.46 14.14
N ASN I 104 18.83 -38.16 14.42
CA ASN I 104 18.33 -37.14 13.51
C ASN I 104 19.10 -37.18 12.19
N SER I 105 18.37 -37.05 11.09
CA SER I 105 18.96 -37.04 9.75
C SER I 105 18.41 -35.91 8.91
N ASN I 106 18.12 -34.77 9.54
CA ASN I 106 17.48 -33.67 8.81
C ASN I 106 18.42 -33.05 7.78
N ASN I 107 19.73 -33.02 8.06
CA ASN I 107 20.65 -32.34 7.16
C ASN I 107 20.72 -33.04 5.79
N LEU I 108 20.65 -34.37 5.78
CA LEU I 108 20.82 -35.11 4.53
C LEU I 108 19.53 -35.69 3.96
N ASP I 109 18.46 -35.78 4.76
CA ASP I 109 17.20 -36.37 4.29
C ASP I 109 16.09 -35.34 4.13
N SER I 110 16.39 -34.04 4.20
CA SER I 110 15.41 -33.00 3.98
C SER I 110 15.97 -31.96 3.02
N LYS I 111 15.10 -31.42 2.17
CA LYS I 111 15.51 -30.50 1.13
C LYS I 111 14.53 -29.31 1.10
N VAL I 112 14.96 -28.22 0.48
CA VAL I 112 14.19 -26.97 0.50
C VAL I 112 12.97 -27.08 -0.40
N GLY I 113 11.79 -26.80 0.18
CA GLY I 113 10.53 -26.97 -0.52
C GLY I 113 9.83 -28.29 -0.27
N GLY I 114 10.51 -29.26 0.35
CA GLY I 114 9.87 -30.49 0.76
C GLY I 114 10.37 -31.75 0.07
N ASN I 115 11.19 -32.54 0.76
CA ASN I 115 11.54 -33.87 0.27
C ASN I 115 10.34 -34.80 0.44
N TYR I 116 9.87 -35.38 -0.67
CA TYR I 116 8.68 -36.21 -0.66
C TYR I 116 8.97 -37.66 -1.06
N ASN I 117 10.24 -38.08 -1.03
CA ASN I 117 10.58 -39.42 -1.50
C ASN I 117 10.33 -40.49 -0.45
N TYR I 118 10.19 -40.12 0.83
CA TYR I 118 9.90 -41.08 1.88
C TYR I 118 8.39 -41.19 2.09
N LEU I 119 7.92 -42.43 2.24
CA LEU I 119 6.49 -42.72 2.26
C LEU I 119 6.13 -43.49 3.53
N TYR I 120 4.83 -43.53 3.81
CA TYR I 120 4.30 -44.31 4.92
C TYR I 120 2.86 -44.70 4.58
N ARG I 121 2.35 -45.69 5.30
CA ARG I 121 1.02 -46.23 5.03
C ARG I 121 0.00 -45.55 5.94
N LEU I 122 -0.99 -44.89 5.33
CA LEU I 122 -2.05 -44.19 6.03
C LEU I 122 -3.33 -45.03 6.18
N PHE I 123 -3.54 -46.01 5.30
CA PHE I 123 -4.78 -46.79 5.29
C PHE I 123 -4.48 -48.28 5.26
N ARG I 124 -5.24 -49.03 6.07
CA ARG I 124 -5.13 -50.49 6.06
C ARG I 124 -6.38 -51.09 6.67
N LYS I 125 -6.82 -52.22 6.10
CA LYS I 125 -8.00 -52.90 6.60
C LYS I 125 -7.77 -53.57 7.95
N SER I 126 -6.51 -53.90 8.27
CA SER I 126 -6.20 -54.65 9.49
C SER I 126 -4.82 -54.23 9.99
N ASN I 127 -4.59 -54.43 11.28
CA ASN I 127 -3.32 -54.04 11.88
C ASN I 127 -2.20 -54.99 11.46
N LEU I 128 -0.99 -54.45 11.37
CA LEU I 128 0.16 -55.20 10.89
C LEU I 128 0.64 -56.20 11.94
N LYS I 129 0.93 -57.43 11.51
CA LYS I 129 1.49 -58.41 12.43
C LYS I 129 2.95 -58.05 12.74
N PRO I 130 3.48 -58.58 13.84
CA PRO I 130 4.87 -58.23 14.22
C PRO I 130 5.86 -58.68 13.15
N PHE I 131 6.79 -57.77 12.82
CA PHE I 131 7.82 -58.01 11.81
C PHE I 131 7.23 -58.25 10.42
N GLU I 132 6.07 -57.65 10.16
CA GLU I 132 5.44 -57.73 8.85
C GLU I 132 5.88 -56.55 7.98
N ARG I 133 5.89 -56.78 6.67
CA ARG I 133 6.33 -55.78 5.70
C ARG I 133 5.37 -55.84 4.53
N ASP I 134 4.44 -54.88 4.48
CA ASP I 134 3.40 -54.82 3.47
C ASP I 134 3.77 -53.74 2.45
N ILE I 135 3.92 -54.13 1.19
CA ILE I 135 4.28 -53.21 0.13
C ILE I 135 3.19 -53.15 -0.95
N SER I 136 1.99 -53.61 -0.64
CA SER I 136 0.90 -53.59 -1.62
C SER I 136 0.45 -52.16 -1.88
N THR I 137 0.16 -51.87 -3.15
CA THR I 137 -0.37 -50.57 -3.57
C THR I 137 -1.85 -50.66 -3.91
N GLU I 138 -2.56 -51.62 -3.31
CA GLU I 138 -3.96 -51.83 -3.62
C GLU I 138 -4.81 -50.69 -3.05
N ILE I 139 -5.73 -50.17 -3.86
CA ILE I 139 -6.51 -49.01 -3.47
C ILE I 139 -7.37 -49.35 -2.26
N TYR I 140 -7.20 -48.58 -1.19
CA TYR I 140 -7.96 -48.83 0.04
C TYR I 140 -9.42 -48.43 -0.17
N GLN I 141 -10.32 -49.22 0.39
CA GLN I 141 -11.77 -49.03 0.22
C GLN I 141 -12.36 -48.48 1.51
N ALA I 142 -12.32 -47.15 1.65
CA ALA I 142 -12.84 -46.50 2.84
C ALA I 142 -14.37 -46.48 2.87
N GLY I 143 -15.03 -46.72 1.73
CA GLY I 143 -16.46 -46.64 1.64
C GLY I 143 -17.14 -47.99 1.44
N SER I 144 -18.46 -47.92 1.27
CA SER I 144 -19.25 -49.12 1.03
C SER I 144 -19.12 -49.60 -0.42
N THR I 145 -18.86 -48.70 -1.34
CA THR I 145 -18.67 -49.09 -2.73
C THR I 145 -17.24 -49.59 -2.95
N PRO I 146 -17.06 -50.60 -3.79
CA PRO I 146 -15.71 -51.10 -4.09
C PRO I 146 -14.97 -50.14 -5.02
N CYS I 147 -13.68 -50.40 -5.18
CA CYS I 147 -12.78 -49.50 -5.89
C CYS I 147 -12.32 -50.03 -7.24
N ASN I 148 -12.09 -51.34 -7.36
CA ASN I 148 -11.64 -51.96 -8.61
C ASN I 148 -10.34 -51.34 -9.11
N GLY I 149 -9.46 -50.99 -8.18
CA GLY I 149 -8.19 -50.39 -8.52
C GLY I 149 -8.24 -48.96 -9.01
N VAL I 150 -9.42 -48.34 -8.99
CA VAL I 150 -9.61 -46.97 -9.48
C VAL I 150 -9.63 -46.04 -8.28
N GLU I 151 -8.64 -45.15 -8.20
CA GLU I 151 -8.58 -44.18 -7.12
C GLU I 151 -9.66 -43.13 -7.34
N GLY I 152 -10.61 -43.03 -6.41
CA GLY I 152 -11.70 -42.09 -6.55
C GLY I 152 -12.32 -41.65 -5.23
N PHE I 153 -13.65 -41.57 -5.21
CA PHE I 153 -14.36 -41.15 -4.01
C PHE I 153 -14.47 -42.30 -3.02
N ASN I 154 -14.01 -42.08 -1.79
CA ASN I 154 -13.87 -43.14 -0.78
C ASN I 154 -12.96 -44.26 -1.28
N CYS I 155 -11.98 -43.91 -2.11
CA CYS I 155 -11.05 -44.88 -2.71
C CYS I 155 -9.68 -44.20 -2.73
N TYR I 156 -8.89 -44.43 -1.68
CA TYR I 156 -7.66 -43.69 -1.44
C TYR I 156 -6.44 -44.55 -1.71
N PHE I 157 -5.43 -43.95 -2.34
CA PHE I 157 -4.13 -44.57 -2.44
C PHE I 157 -3.56 -44.76 -1.04
N PRO I 158 -3.12 -45.97 -0.67
CA PRO I 158 -2.82 -46.24 0.74
C PRO I 158 -1.52 -45.64 1.24
N LEU I 159 -0.72 -45.03 0.39
CA LEU I 159 0.58 -44.49 0.80
C LEU I 159 0.56 -42.96 0.72
N GLN I 160 1.13 -42.34 1.76
CA GLN I 160 1.24 -40.90 1.86
C GLN I 160 2.70 -40.52 2.07
N SER I 161 3.16 -39.50 1.36
CA SER I 161 4.56 -39.11 1.45
C SER I 161 4.80 -38.21 2.66
N TYR I 162 6.02 -38.24 3.16
CA TYR I 162 6.39 -37.39 4.28
C TYR I 162 6.72 -36.00 3.79
N GLY I 163 6.33 -35.00 4.59
CA GLY I 163 6.77 -33.64 4.34
C GLY I 163 8.01 -33.32 5.15
N PHE I 164 9.16 -33.26 4.49
CA PHE I 164 10.45 -33.06 5.16
C PHE I 164 11.04 -31.73 4.71
N GLN I 165 10.79 -30.71 5.47
CA GLN I 165 11.40 -29.41 5.34
C GLN I 165 12.66 -29.34 6.20
N PRO I 166 13.68 -28.58 5.79
CA PRO I 166 14.78 -28.32 6.71
C PRO I 166 14.36 -27.46 7.88
N THR I 167 13.39 -26.57 7.67
CA THR I 167 12.91 -25.63 8.68
C THR I 167 11.87 -26.24 9.62
N ASN I 168 11.39 -27.45 9.35
CA ASN I 168 10.40 -28.10 10.19
C ASN I 168 10.86 -28.15 11.63
N GLY I 169 9.90 -28.22 12.55
CA GLY I 169 10.23 -28.48 13.94
C GLY I 169 10.90 -29.82 14.10
N VAL I 170 11.66 -29.96 15.20
CA VAL I 170 12.41 -31.19 15.42
C VAL I 170 11.48 -32.39 15.46
N GLY I 171 10.22 -32.17 15.83
CA GLY I 171 9.26 -33.25 15.81
C GLY I 171 8.90 -33.71 14.40
N TYR I 172 8.91 -32.78 13.44
CA TYR I 172 8.61 -33.08 12.05
C TYR I 172 9.85 -33.29 11.21
N GLN I 173 11.03 -33.41 11.84
CA GLN I 173 12.25 -33.65 11.07
C GLN I 173 12.45 -35.15 10.85
N PRO I 174 13.11 -35.53 9.76
CA PRO I 174 13.32 -36.97 9.50
C PRO I 174 14.39 -37.55 10.41
N TYR I 175 14.10 -38.75 10.92
CA TYR I 175 15.04 -39.51 11.73
C TYR I 175 15.27 -40.87 11.08
N ARG I 176 16.52 -41.34 11.12
CA ARG I 176 16.85 -42.67 10.65
C ARG I 176 16.81 -43.64 11.83
N VAL I 177 16.18 -44.79 11.64
CA VAL I 177 15.98 -45.77 12.69
C VAL I 177 16.59 -47.10 12.28
N VAL I 178 17.25 -47.76 13.22
CA VAL I 178 17.79 -49.12 13.04
C VAL I 178 17.35 -49.95 14.23
N VAL I 179 16.69 -51.08 13.97
CA VAL I 179 16.19 -51.98 15.01
C VAL I 179 16.99 -53.28 14.93
N LEU I 180 17.77 -53.55 15.96
CA LEU I 180 18.55 -54.79 16.06
C LEU I 180 17.69 -55.86 16.71
N SER I 181 17.56 -57.00 16.03
CA SER I 181 16.88 -58.16 16.58
C SER I 181 17.90 -59.27 16.82
N PHE I 182 17.76 -59.97 17.95
CA PHE I 182 18.71 -61.01 18.34
C PHE I 182 17.97 -62.34 18.41
N GLU I 183 18.31 -63.25 17.51
CA GLU I 183 17.65 -64.54 17.41
C GLU I 183 18.50 -65.61 18.08
N LEU I 184 17.92 -66.32 19.03
CA LEU I 184 18.57 -67.43 19.74
C LEU I 184 17.77 -68.70 19.50
N LEU I 185 18.06 -69.36 18.38
CA LEU I 185 17.37 -70.59 18.02
C LEU I 185 18.17 -71.80 18.48
N HIS I 186 17.61 -72.99 18.21
CA HIS I 186 18.28 -74.25 18.51
C HIS I 186 19.25 -74.66 17.41
N ALA I 187 20.03 -73.69 16.93
CA ALA I 187 21.10 -73.87 15.97
C ALA I 187 22.39 -73.31 16.57
N PRO I 188 23.56 -73.73 16.07
CA PRO I 188 24.82 -73.20 16.60
C PRO I 188 24.89 -71.68 16.45
N ALA I 189 24.94 -70.99 17.59
CA ALA I 189 25.02 -69.54 17.58
C ALA I 189 26.31 -69.08 16.91
N THR I 190 26.17 -68.22 15.92
CA THR I 190 27.29 -67.86 15.05
C THR I 190 27.54 -66.35 14.99
N VAL I 191 26.84 -65.56 15.81
CA VAL I 191 27.10 -64.14 15.97
C VAL I 191 27.41 -63.91 17.43
N CYS I 192 28.61 -63.43 17.73
CA CYS I 192 29.06 -63.28 19.10
C CYS I 192 29.85 -61.98 19.24
N GLY I 193 30.31 -61.73 20.46
CA GLY I 193 31.18 -60.60 20.74
C GLY I 193 32.60 -61.07 20.99
N PRO I 194 33.53 -60.13 21.14
CA PRO I 194 34.93 -60.51 21.29
C PRO I 194 35.22 -61.11 22.67
N ASP I 195 36.36 -61.79 22.75
CA ASP I 195 36.76 -62.47 23.98
C ASP I 195 38.24 -62.23 24.28
N GLU J 1 5.39 3.56 56.64
CA GLU J 1 4.77 3.25 55.37
C GLU J 1 3.89 4.39 54.86
N VAL J 2 4.48 5.24 54.03
CA VAL J 2 3.74 6.37 53.46
C VAL J 2 2.68 5.84 52.51
N GLN J 3 1.43 6.20 52.76
CA GLN J 3 0.32 5.80 51.92
C GLN J 3 -0.48 7.02 51.49
N LEU J 4 -0.72 7.14 50.18
CA LEU J 4 -1.54 8.21 49.60
C LEU J 4 -2.65 7.55 48.79
N VAL J 5 -3.75 7.24 49.45
CA VAL J 5 -4.87 6.55 48.82
C VAL J 5 -5.83 7.59 48.25
N GLU J 6 -6.07 7.51 46.94
CA GLU J 6 -7.02 8.38 46.27
C GLU J 6 -8.35 7.67 46.07
N SER J 7 -9.39 8.47 45.82
CA SER J 7 -10.73 7.96 45.57
C SER J 7 -11.57 9.10 45.01
N GLY J 8 -12.71 8.74 44.42
CA GLY J 8 -13.69 9.70 43.96
C GLY J 8 -13.81 9.80 42.45
N GLY J 9 -12.76 9.42 41.71
CA GLY J 9 -12.86 9.46 40.27
C GLY J 9 -13.92 8.48 39.77
N ALA J 10 -14.67 8.91 38.76
CA ALA J 10 -15.78 8.12 38.23
C ALA J 10 -16.17 8.68 36.88
N LEU J 11 -17.24 8.11 36.32
CA LEU J 11 -17.79 8.58 35.06
C LEU J 11 -18.65 9.81 35.31
N VAL J 12 -18.33 10.89 34.60
CA VAL J 12 -18.98 12.18 34.81
C VAL J 12 -19.33 12.78 33.46
N GLN J 13 -20.50 13.43 33.40
CA GLN J 13 -20.94 14.09 32.18
C GLN J 13 -20.19 15.42 32.00
N PRO J 14 -20.03 15.87 30.75
CA PRO J 14 -19.29 17.12 30.52
C PRO J 14 -20.03 18.32 31.09
N GLY J 15 -19.27 19.17 31.78
CA GLY J 15 -19.83 20.32 32.46
C GLY J 15 -20.30 20.06 33.87
N ARG J 16 -20.36 18.80 34.29
CA ARG J 16 -20.76 18.46 35.65
C ARG J 16 -19.53 18.49 36.56
N SER J 17 -19.68 18.02 37.79
CA SER J 17 -18.66 18.19 38.81
C SER J 17 -18.40 16.88 39.54
N LEU J 18 -17.26 16.85 40.23
CA LEU J 18 -16.92 15.75 41.12
C LEU J 18 -15.99 16.31 42.21
N ARG J 19 -15.66 15.46 43.17
CA ARG J 19 -14.73 15.82 44.24
C ARG J 19 -13.74 14.68 44.43
N LEU J 20 -12.46 14.97 44.24
CA LEU J 20 -11.42 13.97 44.40
C LEU J 20 -10.86 14.04 45.81
N SER J 21 -10.70 12.89 46.44
CA SER J 21 -10.19 12.80 47.80
C SER J 21 -8.90 12.00 47.81
N CYS J 22 -8.08 12.26 48.83
CA CYS J 22 -6.81 11.56 49.02
C CYS J 22 -6.57 11.42 50.51
N ALA J 23 -6.41 10.18 50.98
CA ALA J 23 -6.17 9.90 52.39
C ALA J 23 -4.68 9.63 52.58
N ALA J 24 -4.06 10.37 53.49
CA ALA J 24 -2.63 10.25 53.73
C ALA J 24 -2.36 9.49 55.02
N SER J 25 -1.29 8.70 55.00
CA SER J 25 -0.82 8.01 56.20
C SER J 25 0.67 7.72 56.02
N GLY J 26 1.31 7.37 57.13
CA GLY J 26 2.73 7.03 57.10
C GLY J 26 3.69 8.20 57.16
N PHE J 27 3.21 9.38 57.50
CA PHE J 27 4.04 10.57 57.62
C PHE J 27 3.17 11.67 58.23
N THR J 28 3.81 12.56 58.97
CA THR J 28 3.06 13.65 59.59
C THR J 28 2.58 14.59 58.50
N PHE J 29 1.25 14.65 58.33
CA PHE J 29 0.64 15.47 57.29
C PHE J 29 1.12 16.91 57.33
N ASP J 30 1.07 17.52 58.52
CA ASP J 30 1.13 18.98 58.68
C ASP J 30 2.45 19.60 58.25
N ASP J 31 3.46 18.82 57.86
CA ASP J 31 4.78 19.38 57.57
C ASP J 31 5.06 19.55 56.09
N TYR J 32 4.19 19.06 55.21
CA TYR J 32 4.53 18.98 53.80
C TYR J 32 3.44 19.58 52.94
N ALA J 33 3.87 20.32 51.92
CA ALA J 33 2.97 20.80 50.90
C ALA J 33 2.49 19.63 50.04
N MET J 34 1.31 19.80 49.45
CA MET J 34 0.65 18.74 48.71
C MET J 34 0.40 19.18 47.27
N HIS J 35 0.38 18.20 46.36
CA HIS J 35 0.21 18.47 44.94
C HIS J 35 -0.75 17.47 44.32
N TRP J 36 -1.35 17.88 43.21
CA TRP J 36 -2.05 16.98 42.30
C TRP J 36 -1.37 17.03 40.95
N VAL J 37 -1.23 15.88 40.30
CA VAL J 37 -0.60 15.77 38.99
C VAL J 37 -1.41 14.78 38.15
N ARG J 38 -1.92 15.21 36.99
CA ARG J 38 -2.70 14.30 36.18
C ARG J 38 -1.83 13.62 35.14
N GLN J 39 -2.44 12.66 34.45
CA GLN J 39 -1.81 11.98 33.33
C GLN J 39 -2.94 11.49 32.43
N ALA J 40 -3.02 12.05 31.21
CA ALA J 40 -4.03 11.60 30.28
C ALA J 40 -3.67 10.21 29.75
N PRO J 41 -4.68 9.36 29.48
CA PRO J 41 -4.42 7.95 29.17
C PRO J 41 -3.43 7.75 28.02
N GLY J 42 -2.28 7.16 28.32
CA GLY J 42 -1.24 6.93 27.34
C GLY J 42 -0.35 8.12 27.06
N LYS J 43 -0.52 9.23 27.77
CA LYS J 43 0.24 10.45 27.53
C LYS J 43 1.07 10.79 28.77
N GLY J 44 1.66 11.98 28.77
CA GLY J 44 2.58 12.38 29.82
C GLY J 44 1.88 12.90 31.06
N LEU J 45 2.68 13.48 31.95
CA LEU J 45 2.21 13.99 33.24
C LEU J 45 2.06 15.50 33.19
N GLU J 46 1.05 16.01 33.90
CA GLU J 46 0.79 17.44 33.93
C GLU J 46 0.43 17.86 35.35
N TRP J 47 1.22 18.77 35.91
CA TRP J 47 0.93 19.31 37.24
C TRP J 47 -0.38 20.09 37.21
N VAL J 48 -1.21 19.85 38.23
CA VAL J 48 -2.55 20.45 38.31
C VAL J 48 -2.60 21.56 39.35
N SER J 49 -2.28 21.24 40.60
CA SER J 49 -2.50 22.17 41.70
C SER J 49 -1.52 21.88 42.82
N GLY J 50 -1.34 22.87 43.68
CA GLY J 50 -0.46 22.74 44.82
C GLY J 50 -1.02 23.54 45.98
N ILE J 51 -0.73 23.09 47.19
CA ILE J 51 -1.26 23.72 48.39
C ILE J 51 -0.19 23.63 49.47
N ASP J 52 -0.15 24.63 50.34
CA ASP J 52 0.84 24.63 51.39
C ASP J 52 0.37 23.79 52.58
N TRP J 53 1.28 23.62 53.54
CA TRP J 53 0.96 22.84 54.72
C TRP J 53 -0.15 23.48 55.54
N ASN J 54 -0.16 24.82 55.61
CA ASN J 54 -1.17 25.58 56.34
C ASN J 54 -2.27 26.09 55.42
N SER J 55 -2.30 25.63 54.18
CA SER J 55 -3.16 26.16 53.11
C SER J 55 -2.82 27.60 52.76
N GLY J 56 -1.60 28.04 53.10
CA GLY J 56 -1.19 29.42 52.94
C GLY J 56 -1.11 29.90 51.51
N SER J 57 -0.14 29.40 50.75
CA SER J 57 -0.04 29.71 49.33
C SER J 57 -0.64 28.58 48.52
N ILE J 58 -1.31 28.95 47.42
CA ILE J 58 -2.05 28.03 46.57
C ILE J 58 -1.51 28.18 45.16
N GLY J 59 -1.44 27.07 44.43
CA GLY J 59 -0.97 27.09 43.06
C GLY J 59 -1.90 26.37 42.11
N TYR J 60 -2.12 26.99 40.94
CA TYR J 60 -2.84 26.36 39.86
C TYR J 60 -2.07 26.53 38.56
N ALA J 61 -2.38 25.68 37.58
CA ALA J 61 -1.76 25.75 36.27
C ALA J 61 -2.68 26.47 35.29
N ASP J 62 -2.08 27.10 34.28
CA ASP J 62 -2.84 27.96 33.37
C ASP J 62 -4.00 27.21 32.74
N SER J 63 -3.82 25.92 32.45
CA SER J 63 -4.89 25.12 31.86
C SER J 63 -6.03 24.87 32.82
N VAL J 64 -5.84 25.08 34.12
CA VAL J 64 -6.83 24.71 35.12
C VAL J 64 -7.22 25.87 36.02
N LYS J 65 -6.65 27.06 35.84
CA LYS J 65 -6.95 28.19 36.69
C LYS J 65 -8.43 28.56 36.64
N GLY J 66 -8.97 28.97 37.78
CA GLY J 66 -10.36 29.38 37.86
C GLY J 66 -11.38 28.28 37.69
N ARG J 67 -10.95 27.03 37.58
CA ARG J 67 -11.85 25.92 37.34
C ARG J 67 -11.77 24.82 38.37
N PHE J 68 -10.62 24.62 39.03
CA PHE J 68 -10.47 23.63 40.07
C PHE J 68 -10.26 24.30 41.42
N THR J 69 -10.50 23.54 42.49
CA THR J 69 -10.42 24.07 43.85
C THR J 69 -9.72 23.06 44.73
N ILE J 70 -8.48 23.39 45.12
CA ILE J 70 -7.65 22.56 45.97
C ILE J 70 -7.92 22.92 47.44
N SER J 71 -7.90 21.91 48.30
CA SER J 71 -8.09 22.12 49.73
C SER J 71 -7.57 20.90 50.48
N ARG J 72 -7.42 21.06 51.79
CA ARG J 72 -6.90 20.01 52.67
C ARG J 72 -7.46 20.21 54.06
N ASP J 73 -7.62 19.10 54.77
CA ASP J 73 -8.09 19.09 56.15
C ASP J 73 -7.02 18.37 56.97
N ASN J 74 -6.09 19.16 57.55
CA ASN J 74 -4.99 18.56 58.27
C ASN J 74 -5.45 17.72 59.45
N ALA J 75 -6.64 18.02 59.98
CA ALA J 75 -7.21 17.19 61.04
C ALA J 75 -7.58 15.81 60.52
N LYS J 76 -8.25 15.75 59.37
CA LYS J 76 -8.75 14.50 58.81
C LYS J 76 -7.70 13.77 57.97
N ASN J 77 -6.48 14.30 57.89
CA ASN J 77 -5.40 13.67 57.13
C ASN J 77 -5.78 13.50 55.65
N SER J 78 -6.45 14.50 55.07
CA SER J 78 -7.02 14.37 53.73
C SER J 78 -6.60 15.52 52.82
N LEU J 79 -6.67 15.24 51.52
CA LEU J 79 -6.49 16.21 50.44
C LEU J 79 -7.72 16.17 49.54
N TYR J 80 -8.14 17.33 49.04
CA TYR J 80 -9.37 17.42 48.27
C TYR J 80 -9.13 18.20 46.99
N LEU J 81 -9.77 17.77 45.91
CA LEU J 81 -9.76 18.50 44.64
C LEU J 81 -11.18 18.46 44.09
N GLN J 82 -11.90 19.56 44.26
CA GLN J 82 -13.25 19.71 43.70
C GLN J 82 -13.09 20.07 42.23
N VAL J 83 -13.35 19.11 41.36
CA VAL J 83 -13.24 19.31 39.92
C VAL J 83 -14.58 19.84 39.39
N ASN J 84 -14.52 20.92 38.62
CA ASN J 84 -15.71 21.62 38.15
C ASN J 84 -15.61 21.87 36.65
N SER J 85 -16.79 21.92 36.02
CA SER J 85 -16.94 22.19 34.58
C SER J 85 -15.93 21.41 33.75
N LEU J 86 -16.01 20.09 33.86
CA LEU J 86 -15.02 19.21 33.27
C LEU J 86 -15.13 19.18 31.75
N ARG J 87 -13.98 19.01 31.10
CA ARG J 87 -13.87 18.94 29.64
C ARG J 87 -13.32 17.57 29.25
N ALA J 88 -13.10 17.41 27.93
CA ALA J 88 -12.64 16.13 27.41
C ALA J 88 -11.24 15.79 27.92
N GLU J 89 -10.30 16.73 27.79
CA GLU J 89 -8.93 16.50 28.20
C GLU J 89 -8.75 16.46 29.71
N ASP J 90 -9.81 16.76 30.47
CA ASP J 90 -9.77 16.52 31.91
C ASP J 90 -9.84 15.04 32.25
N THR J 91 -10.34 14.22 31.31
CA THR J 91 -10.31 12.77 31.47
C THR J 91 -8.86 12.33 31.62
N ALA J 92 -8.49 11.90 32.81
CA ALA J 92 -7.12 11.51 33.09
C ALA J 92 -7.08 10.74 34.40
N LEU J 93 -5.89 10.27 34.75
CA LEU J 93 -5.61 9.67 36.05
C LEU J 93 -4.97 10.76 36.91
N TYR J 94 -5.52 10.99 38.09
CA TYR J 94 -5.13 12.12 38.91
C TYR J 94 -4.35 11.64 40.12
N TYR J 95 -3.09 12.06 40.22
CA TYR J 95 -2.16 11.58 41.24
C TYR J 95 -2.10 12.56 42.41
N CYS J 96 -2.30 12.03 43.62
CA CYS J 96 -2.01 12.73 44.85
C CYS J 96 -0.52 12.60 45.15
N VAL J 97 0.20 13.71 45.20
CA VAL J 97 1.66 13.69 45.25
C VAL J 97 2.13 14.40 46.52
N LYS J 98 3.11 13.79 47.19
CA LYS J 98 3.66 14.30 48.43
C LYS J 98 4.91 15.13 48.11
N ASP J 99 5.00 16.31 48.71
CA ASP J 99 6.15 17.20 48.53
C ASP J 99 7.08 17.09 49.73
N SER J 100 8.39 17.16 49.45
CA SER J 100 9.40 17.07 50.50
C SER J 100 9.52 18.34 51.34
N ARG J 101 8.86 19.43 50.97
CA ARG J 101 8.99 20.70 51.69
C ARG J 101 7.63 21.16 52.20
N ALA J 102 7.68 22.16 53.10
CA ALA J 102 6.46 22.66 53.74
C ALA J 102 5.72 23.65 52.85
N HIS J 103 6.40 24.33 51.94
CA HIS J 103 5.74 25.24 51.03
C HIS J 103 6.20 24.98 49.60
N TYR J 104 5.26 25.05 48.65
CA TYR J 104 5.56 24.64 47.28
C TYR J 104 6.40 25.68 46.54
N ASP J 105 6.24 26.96 46.85
CA ASP J 105 6.87 28.02 46.09
C ASP J 105 8.21 28.46 46.68
N ILE J 106 8.81 27.67 47.56
CA ILE J 106 10.13 27.98 48.10
C ILE J 106 11.08 26.89 47.66
N LEU J 107 12.35 27.26 47.52
CA LEU J 107 13.36 26.36 46.97
C LEU J 107 14.24 25.72 48.03
N ALA J 108 14.06 26.09 49.30
CA ALA J 108 14.86 25.49 50.35
C ALA J 108 14.24 24.17 50.81
N THR J 109 15.09 23.33 51.41
CA THR J 109 14.68 22.05 51.97
C THR J 109 13.90 21.20 50.95
N TYR J 110 14.45 21.11 49.75
CA TYR J 110 13.83 20.36 48.67
C TYR J 110 14.52 19.01 48.52
N VAL J 111 13.77 17.94 48.71
CA VAL J 111 14.25 16.60 48.40
C VAL J 111 13.53 16.02 47.17
N GLY J 112 12.35 16.48 46.85
CA GLY J 112 11.68 16.09 45.63
C GLY J 112 10.21 15.84 45.91
N PHE J 113 9.56 15.17 44.96
CA PHE J 113 8.18 14.73 45.15
C PHE J 113 8.27 13.30 45.68
N ASP J 114 8.40 13.19 47.00
CA ASP J 114 8.82 11.95 47.66
C ASP J 114 7.96 10.76 47.28
N TYR J 115 6.66 10.86 47.51
CA TYR J 115 5.73 9.75 47.29
C TYR J 115 4.65 10.16 46.30
N TRP J 116 4.25 9.20 45.45
CA TRP J 116 3.13 9.37 44.54
C TRP J 116 2.08 8.31 44.83
N GLY J 117 0.83 8.74 44.94
CA GLY J 117 -0.28 7.80 45.01
C GLY J 117 -0.51 7.10 43.69
N GLN J 118 -1.38 6.09 43.72
CA GLN J 118 -1.63 5.29 42.53
C GLN J 118 -2.60 5.94 41.57
N GLY J 119 -3.35 6.95 42.01
CA GLY J 119 -4.18 7.73 41.11
C GLY J 119 -5.65 7.31 41.16
N THR J 120 -6.50 8.20 40.62
CA THR J 120 -7.93 7.96 40.49
C THR J 120 -8.36 8.44 39.12
N LEU J 121 -9.29 7.72 38.51
CA LEU J 121 -9.63 7.91 37.10
C LEU J 121 -10.97 8.65 36.98
N VAL J 122 -10.93 9.86 36.44
CA VAL J 122 -12.13 10.59 36.07
C VAL J 122 -12.30 10.50 34.56
N THR J 123 -13.51 10.15 34.12
CA THR J 123 -13.79 9.91 32.72
C THR J 123 -14.94 10.83 32.31
N VAL J 124 -14.64 11.79 31.44
CA VAL J 124 -15.60 12.82 31.05
C VAL J 124 -16.19 12.40 29.71
N SER J 125 -17.34 11.73 29.77
CA SER J 125 -18.07 11.32 28.58
C SER J 125 -19.55 11.29 28.90
N SER J 126 -20.37 11.41 27.84
CA SER J 126 -21.81 11.35 28.01
C SER J 126 -22.35 9.93 28.11
N ALA J 127 -21.52 8.92 27.85
CA ALA J 127 -21.99 7.54 27.80
C ALA J 127 -22.43 7.07 29.18
N SER J 128 -23.24 6.01 29.17
CA SER J 128 -23.76 5.40 30.39
C SER J 128 -22.92 4.18 30.76
N THR J 129 -22.86 3.90 32.05
CA THR J 129 -22.09 2.76 32.54
C THR J 129 -22.75 1.46 32.09
N LYS J 130 -21.92 0.49 31.70
CA LYS J 130 -22.41 -0.82 31.28
C LYS J 130 -21.66 -1.90 32.05
N GLY J 131 -22.40 -2.91 32.48
CA GLY J 131 -21.83 -4.02 33.22
C GLY J 131 -21.18 -5.03 32.29
N PRO J 132 -20.03 -5.56 32.70
CA PRO J 132 -19.27 -6.45 31.82
C PRO J 132 -19.79 -7.87 31.86
N SER J 133 -19.90 -8.47 30.68
CA SER J 133 -20.12 -9.90 30.56
C SER J 133 -18.77 -10.60 30.58
N VAL J 134 -18.69 -11.70 31.33
CA VAL J 134 -17.44 -12.44 31.48
C VAL J 134 -17.65 -13.86 30.96
N PHE J 135 -16.78 -14.27 30.05
CA PHE J 135 -16.82 -15.58 29.42
C PHE J 135 -15.53 -16.34 29.67
N PRO J 136 -15.58 -17.67 29.70
CA PRO J 136 -14.35 -18.45 29.90
C PRO J 136 -13.65 -18.79 28.59
N LEU J 137 -12.31 -18.72 28.64
CA LEU J 137 -11.45 -19.18 27.56
C LEU J 137 -10.78 -20.46 28.05
N ALA J 138 -11.37 -21.61 27.70
CA ALA J 138 -10.97 -22.91 28.23
C ALA J 138 -9.87 -23.53 27.38
N PRO J 139 -9.01 -24.36 27.99
CA PRO J 139 -7.96 -25.04 27.22
C PRO J 139 -8.42 -26.37 26.66
N SER J 140 -7.63 -26.87 25.70
CA SER J 140 -7.96 -28.10 25.01
C SER J 140 -6.70 -28.86 24.58
N GLY J 147 5.46 -27.37 27.22
CA GLY J 147 4.48 -28.38 27.56
C GLY J 147 3.34 -27.84 28.40
N THR J 148 3.34 -26.53 28.62
CA THR J 148 2.30 -25.90 29.42
C THR J 148 1.03 -25.73 28.60
N ALA J 149 -0.08 -25.44 29.30
CA ALA J 149 -1.37 -25.12 28.70
C ALA J 149 -1.79 -23.73 29.14
N ALA J 150 -2.80 -23.19 28.46
CA ALA J 150 -3.22 -21.82 28.70
C ALA J 150 -4.75 -21.73 28.78
N LEU J 151 -5.22 -20.85 29.66
CA LEU J 151 -6.65 -20.58 29.80
C LEU J 151 -6.82 -19.16 30.33
N GLY J 152 -8.00 -18.60 30.11
CA GLY J 152 -8.22 -17.23 30.54
C GLY J 152 -9.68 -16.85 30.62
N CYS J 153 -9.89 -15.56 30.86
CA CYS J 153 -11.22 -14.97 30.99
C CYS J 153 -11.34 -13.80 30.02
N LEU J 154 -12.51 -13.67 29.41
CA LEU J 154 -12.80 -12.57 28.50
C LEU J 154 -13.86 -11.67 29.12
N VAL J 155 -13.48 -10.43 29.41
CA VAL J 155 -14.35 -9.44 30.01
C VAL J 155 -14.80 -8.49 28.91
N LYS J 156 -16.08 -8.56 28.55
CA LYS J 156 -16.60 -7.88 27.37
C LYS J 156 -17.71 -6.89 27.73
N ASP J 157 -17.72 -5.76 27.01
CA ASP J 157 -18.83 -4.80 27.00
C ASP J 157 -18.99 -4.12 28.36
N TYR J 158 -17.99 -3.31 28.69
CA TYR J 158 -18.04 -2.42 29.84
C TYR J 158 -17.54 -1.05 29.39
N PHE J 159 -18.19 0.01 29.86
CA PHE J 159 -17.77 1.31 29.35
C PHE J 159 -16.74 2.02 30.22
N PRO J 160 -16.96 2.17 31.54
CA PRO J 160 -16.13 3.11 32.31
C PRO J 160 -14.62 2.87 32.26
N GLU J 161 -14.16 1.60 32.39
CA GLU J 161 -12.80 1.07 32.17
C GLU J 161 -12.01 0.66 33.42
N PRO J 162 -12.25 1.21 34.62
CA PRO J 162 -11.52 0.65 35.78
C PRO J 162 -11.97 -0.76 36.10
N VAL J 163 -11.14 -1.76 35.75
CA VAL J 163 -11.49 -3.16 35.95
C VAL J 163 -10.32 -3.89 36.61
N THR J 164 -10.63 -4.84 37.48
CA THR J 164 -9.65 -5.65 38.18
C THR J 164 -9.91 -7.11 37.86
N VAL J 165 -8.89 -7.82 37.40
CA VAL J 165 -8.99 -9.23 37.05
C VAL J 165 -7.88 -9.95 37.82
N SER J 166 -8.23 -10.51 38.98
CA SER J 166 -7.33 -11.35 39.74
C SER J 166 -7.58 -12.82 39.43
N TRP J 167 -6.67 -13.67 39.88
CA TRP J 167 -6.75 -15.10 39.63
C TRP J 167 -6.63 -15.87 40.94
N ASN J 168 -7.59 -16.75 41.19
CA ASN J 168 -7.64 -17.57 42.41
C ASN J 168 -7.60 -16.69 43.66
N SER J 169 -8.31 -15.56 43.61
CA SER J 169 -8.41 -14.62 44.73
C SER J 169 -7.03 -14.16 45.20
N GLY J 170 -6.18 -13.80 44.24
CA GLY J 170 -4.84 -13.34 44.53
C GLY J 170 -3.81 -14.42 44.73
N ALA J 171 -4.22 -15.69 44.89
CA ALA J 171 -3.26 -16.76 45.14
C ALA J 171 -2.38 -17.01 43.92
N LEU J 172 -2.98 -17.06 42.74
CA LEU J 172 -2.24 -17.29 41.50
C LEU J 172 -1.75 -15.97 40.94
N THR J 173 -0.44 -15.83 40.82
CA THR J 173 0.20 -14.63 40.29
C THR J 173 1.16 -14.95 39.15
N SER J 174 2.00 -15.96 39.30
CA SER J 174 3.04 -16.25 38.32
C SER J 174 2.44 -16.80 37.04
N GLY J 175 2.74 -16.14 35.93
CA GLY J 175 2.22 -16.55 34.64
C GLY J 175 0.96 -15.84 34.22
N VAL J 176 0.53 -14.83 34.94
CA VAL J 176 -0.68 -14.10 34.61
C VAL J 176 -0.35 -13.00 33.60
N HIS J 177 -1.30 -12.73 32.72
CA HIS J 177 -1.20 -11.64 31.76
C HIS J 177 -2.59 -11.05 31.57
N THR J 178 -2.83 -9.89 32.17
CA THR J 178 -4.08 -9.16 31.99
C THR J 178 -3.88 -8.12 30.91
N PHE J 179 -4.67 -8.19 29.87
CA PHE J 179 -4.32 -7.39 28.71
C PHE J 179 -4.91 -5.98 28.83
N PRO J 180 -4.22 -4.99 28.29
CA PRO J 180 -4.77 -3.63 28.28
C PRO J 180 -6.11 -3.60 27.55
N ALA J 181 -7.09 -2.94 28.15
CA ALA J 181 -8.39 -2.81 27.52
C ALA J 181 -8.26 -2.16 26.15
N VAL J 182 -9.13 -2.56 25.24
CA VAL J 182 -9.18 -1.97 23.91
C VAL J 182 -10.59 -1.41 23.70
N LEU J 183 -10.67 -0.26 23.04
CA LEU J 183 -11.95 0.40 22.80
C LEU J 183 -12.49 -0.07 21.45
N GLN J 184 -13.49 -0.96 21.49
CA GLN J 184 -14.05 -1.54 20.28
C GLN J 184 -15.03 -0.57 19.62
N SER J 185 -15.66 -1.03 18.54
CA SER J 185 -16.47 -0.15 17.70
C SER J 185 -17.78 0.27 18.36
N SER J 186 -18.20 -0.41 19.41
CA SER J 186 -19.44 -0.06 20.10
C SER J 186 -19.27 1.09 21.07
N GLY J 187 -18.05 1.61 21.24
CA GLY J 187 -17.77 2.59 22.26
C GLY J 187 -17.54 2.01 23.63
N LEU J 188 -17.66 0.69 23.79
CA LEU J 188 -17.43 0.00 25.05
C LEU J 188 -16.03 -0.63 25.04
N TYR J 189 -15.59 -1.07 26.21
CA TYR J 189 -14.25 -1.61 26.36
C TYR J 189 -14.30 -3.12 26.50
N SER J 190 -13.22 -3.78 26.07
CA SER J 190 -13.07 -5.21 26.24
C SER J 190 -11.61 -5.56 26.46
N LEU J 191 -11.38 -6.52 27.35
CA LEU J 191 -10.04 -7.05 27.60
C LEU J 191 -10.16 -8.51 27.99
N SER J 192 -9.04 -9.21 27.96
CA SER J 192 -8.96 -10.58 28.42
C SER J 192 -7.75 -10.73 29.34
N SER J 193 -7.90 -11.58 30.34
CA SER J 193 -6.80 -11.97 31.21
C SER J 193 -6.57 -13.47 31.06
N VAL J 194 -5.32 -13.86 30.93
CA VAL J 194 -4.94 -15.23 30.66
C VAL J 194 -3.81 -15.62 31.60
N VAL J 195 -3.65 -16.93 31.81
CA VAL J 195 -2.58 -17.44 32.66
C VAL J 195 -2.11 -18.78 32.09
N THR J 196 -0.80 -19.00 32.16
CA THR J 196 -0.18 -20.23 31.68
C THR J 196 0.20 -21.11 32.86
N VAL J 197 -0.17 -22.39 32.80
CA VAL J 197 0.03 -23.34 33.88
C VAL J 197 0.49 -24.66 33.30
N PRO J 198 1.08 -25.53 34.13
CA PRO J 198 1.46 -26.86 33.63
C PRO J 198 0.25 -27.72 33.29
N SER J 199 0.46 -28.65 32.36
CA SER J 199 -0.63 -29.53 31.93
C SER J 199 -1.05 -30.49 33.03
N SER J 200 -0.12 -30.86 33.91
CA SER J 200 -0.46 -31.76 35.01
C SER J 200 -1.42 -31.11 36.00
N SER J 201 -1.29 -29.79 36.21
CA SER J 201 -2.12 -29.10 37.19
C SER J 201 -3.59 -29.04 36.79
N LEU J 202 -3.91 -29.17 35.50
CA LEU J 202 -5.30 -29.11 35.07
C LEU J 202 -6.11 -30.26 35.66
N GLY J 203 -7.32 -29.95 36.08
CA GLY J 203 -8.19 -30.95 36.70
C GLY J 203 -7.91 -31.11 38.18
N THR J 204 -6.66 -31.45 38.53
CA THR J 204 -6.26 -31.60 39.92
C THR J 204 -6.35 -30.30 40.71
N GLN J 205 -6.49 -29.16 40.02
CA GLN J 205 -6.58 -27.86 40.69
C GLN J 205 -7.52 -27.00 39.86
N THR J 206 -8.42 -26.28 40.55
CA THR J 206 -9.49 -25.52 39.92
C THR J 206 -9.15 -24.04 39.83
N TYR J 207 -9.45 -23.44 38.68
CA TYR J 207 -9.10 -22.05 38.40
C TYR J 207 -10.36 -21.19 38.28
N ILE J 208 -10.36 -20.06 38.97
CA ILE J 208 -11.47 -19.12 38.97
C ILE J 208 -10.92 -17.71 38.77
N CYS J 209 -11.44 -16.99 37.78
CA CYS J 209 -11.08 -15.59 37.56
C CYS J 209 -12.05 -14.67 38.29
N ASN J 210 -11.50 -13.66 38.94
CA ASN J 210 -12.28 -12.70 39.72
C ASN J 210 -12.22 -11.36 39.01
N VAL J 211 -13.34 -10.94 38.44
CA VAL J 211 -13.47 -9.68 37.74
C VAL J 211 -14.29 -8.74 38.60
N ASN J 212 -13.87 -7.48 38.66
CA ASN J 212 -14.53 -6.50 39.52
C ASN J 212 -14.58 -5.17 38.79
N HIS J 213 -15.78 -4.60 38.71
CA HIS J 213 -16.04 -3.35 37.98
C HIS J 213 -16.86 -2.45 38.90
N LYS J 214 -16.19 -1.54 39.60
CA LYS J 214 -16.86 -0.67 40.56
C LYS J 214 -17.96 0.19 39.94
N PRO J 215 -17.75 0.89 38.83
CA PRO J 215 -18.79 1.83 38.36
C PRO J 215 -20.13 1.16 38.06
N SER J 216 -20.11 -0.08 37.57
CA SER J 216 -21.35 -0.82 37.33
C SER J 216 -21.77 -1.67 38.52
N ASN J 217 -20.96 -1.71 39.58
CA ASN J 217 -21.24 -2.49 40.77
C ASN J 217 -21.49 -3.96 40.41
N THR J 218 -20.46 -4.57 39.80
CA THR J 218 -20.52 -5.96 39.37
C THR J 218 -19.29 -6.69 39.84
N LYS J 219 -19.49 -7.94 40.28
CA LYS J 219 -18.39 -8.82 40.67
C LYS J 219 -18.76 -10.22 40.18
N VAL J 220 -17.93 -10.78 39.31
CA VAL J 220 -18.19 -12.09 38.71
C VAL J 220 -17.00 -13.00 38.98
N ASP J 221 -17.32 -14.25 39.33
CA ASP J 221 -16.33 -15.31 39.52
C ASP J 221 -16.67 -16.44 38.56
N LYS J 222 -15.71 -16.80 37.71
CA LYS J 222 -15.94 -17.76 36.64
C LYS J 222 -14.97 -18.92 36.77
N ARG J 223 -15.51 -20.14 36.75
CA ARG J 223 -14.69 -21.35 36.72
C ARG J 223 -14.33 -21.66 35.27
N VAL J 224 -13.04 -21.67 34.98
CA VAL J 224 -12.54 -22.04 33.66
C VAL J 224 -12.12 -23.51 33.72
N GLU J 225 -12.91 -24.37 33.10
CA GLU J 225 -12.66 -25.80 33.09
C GLU J 225 -12.53 -26.32 31.66
N PRO J 226 -11.63 -27.26 31.40
CA PRO J 226 -11.31 -27.80 30.06
C PRO J 226 -12.52 -28.32 29.28
N ILE K 2 8.48 27.31 30.78
CA ILE K 2 9.56 26.32 30.67
C ILE K 2 9.07 25.04 29.99
N VAL K 3 9.76 24.64 28.92
CA VAL K 3 9.49 23.41 28.19
C VAL K 3 10.67 22.48 28.35
N MET K 4 10.40 21.20 28.64
CA MET K 4 11.43 20.19 28.86
C MET K 4 11.36 19.16 27.74
N THR K 5 12.50 18.88 27.11
CA THR K 5 12.57 17.95 25.99
C THR K 5 13.67 16.92 26.25
N GLN K 6 13.36 15.65 26.02
CA GLN K 6 14.31 14.55 26.14
C GLN K 6 14.64 14.03 24.75
N PHE K 7 15.95 13.91 24.45
CA PHE K 7 16.36 13.60 23.09
C PHE K 7 15.98 12.18 22.67
N PRO K 8 16.27 11.12 23.44
CA PRO K 8 15.87 9.78 22.98
C PRO K 8 14.48 9.40 23.45
N LEU K 9 13.49 9.45 22.55
CA LEU K 9 12.12 9.14 22.94
C LEU K 9 11.99 7.69 23.37
N SER K 10 12.73 6.79 22.73
CA SER K 10 12.72 5.37 23.07
C SER K 10 14.13 4.83 22.88
N LEU K 11 14.59 4.04 23.85
CA LEU K 11 15.97 3.56 23.88
C LEU K 11 16.01 2.07 24.15
N PRO K 12 16.43 1.25 23.18
CA PRO K 12 16.73 -0.17 23.47
C PRO K 12 18.17 -0.40 23.95
N VAL K 13 18.35 -1.20 24.99
CA VAL K 13 19.67 -1.51 25.54
C VAL K 13 19.77 -3.00 25.84
N THR K 14 20.95 -3.58 25.54
CA THR K 14 21.24 -4.94 25.96
C THR K 14 21.42 -5.00 27.47
N PRO K 15 20.95 -6.07 28.14
CA PRO K 15 21.25 -6.23 29.57
C PRO K 15 22.75 -6.16 29.83
N GLY K 16 23.12 -5.39 30.86
CA GLY K 16 24.50 -5.24 31.24
C GLY K 16 25.24 -4.09 30.59
N GLU K 17 24.64 -3.42 29.61
CA GLU K 17 25.25 -2.31 28.90
C GLU K 17 24.83 -0.98 29.50
N PRO K 18 25.53 0.11 29.18
CA PRO K 18 25.11 1.42 29.70
C PRO K 18 24.00 2.03 28.86
N ALA K 19 23.21 2.88 29.52
CA ALA K 19 22.15 3.65 28.89
C ALA K 19 22.30 5.12 29.27
N SER K 20 21.89 6.00 28.36
CA SER K 20 22.02 7.43 28.59
C SER K 20 20.84 8.16 27.96
N ILE K 21 20.08 8.87 28.79
CA ILE K 21 18.99 9.72 28.34
C ILE K 21 19.34 11.16 28.66
N SER K 22 19.31 12.02 27.64
CA SER K 22 19.62 13.43 27.83
C SER K 22 18.33 14.22 28.01
N CYS K 23 18.45 15.35 28.70
CA CYS K 23 17.34 16.27 28.90
C CYS K 23 17.77 17.69 28.58
N ARG K 24 16.87 18.44 27.93
CA ARG K 24 17.14 19.81 27.49
C ARG K 24 15.98 20.69 27.92
N SER K 25 16.29 21.80 28.58
CA SER K 25 15.28 22.72 29.09
C SER K 25 15.31 24.02 28.29
N SER K 26 14.17 24.70 28.23
CA SER K 26 14.10 25.97 27.53
C SER K 26 14.89 27.06 28.25
N GLN K 27 14.84 27.05 29.58
CA GLN K 27 15.61 27.98 30.40
C GLN K 27 16.62 27.20 31.24
N SER K 28 17.64 27.90 31.71
CA SER K 28 18.66 27.27 32.55
C SER K 28 18.09 26.97 33.93
N LEU K 29 18.30 25.74 34.39
CA LEU K 29 17.77 25.30 35.67
C LEU K 29 18.73 25.52 36.84
N LEU K 30 19.90 26.10 36.59
CA LEU K 30 20.82 26.46 37.66
C LEU K 30 20.28 27.68 38.42
N HIS K 31 20.51 27.70 39.73
CA HIS K 31 20.03 28.75 40.61
C HIS K 31 21.20 29.34 41.38
N SER K 32 20.96 30.49 42.03
CA SER K 32 22.02 31.16 42.76
C SER K 32 22.59 30.28 43.88
N ASN K 33 21.78 29.39 44.45
CA ASN K 33 22.27 28.50 45.49
C ASN K 33 23.29 27.50 44.98
N GLY K 34 23.44 27.35 43.67
CA GLY K 34 24.40 26.44 43.11
C GLY K 34 23.86 25.06 42.79
N ASN K 35 22.58 24.82 43.02
CA ASN K 35 21.96 23.53 42.74
C ASN K 35 21.15 23.64 41.47
N ASN K 36 21.29 22.65 40.60
CA ASN K 36 20.47 22.55 39.39
C ASN K 36 19.19 21.82 39.74
N TYR K 37 18.04 22.47 39.51
CA TYR K 37 16.76 21.95 40.01
C TYR K 37 16.12 21.08 38.92
N LEU K 38 16.64 19.86 38.82
CA LEU K 38 16.13 18.85 37.91
C LEU K 38 15.93 17.55 38.68
N ASP K 39 14.77 16.93 38.48
CA ASP K 39 14.44 15.66 39.11
C ASP K 39 14.08 14.64 38.03
N TRP K 40 14.41 13.39 38.28
CA TRP K 40 14.14 12.29 37.37
C TRP K 40 13.14 11.35 38.01
N TYR K 41 12.07 11.03 37.29
CA TYR K 41 10.99 10.21 37.83
C TYR K 41 10.81 8.96 36.99
N LEU K 42 10.60 7.84 37.67
CA LEU K 42 10.49 6.52 37.07
C LEU K 42 9.07 6.01 37.16
N GLN K 43 8.44 5.79 36.00
CA GLN K 43 7.13 5.15 35.94
C GLN K 43 7.31 3.69 35.51
N LYS K 44 7.16 2.79 36.47
CA LYS K 44 7.17 1.35 36.24
C LYS K 44 5.87 0.91 35.57
N PRO K 45 5.89 -0.19 34.81
CA PRO K 45 4.65 -0.69 34.20
C PRO K 45 3.59 -1.01 35.25
N GLY K 46 2.41 -0.42 35.06
CA GLY K 46 1.32 -0.60 35.99
C GLY K 46 1.45 0.13 37.31
N GLN K 47 2.35 1.12 37.37
CA GLN K 47 2.61 1.85 38.60
C GLN K 47 2.69 3.33 38.31
N SER K 48 2.44 4.13 39.33
CA SER K 48 2.59 5.57 39.20
C SER K 48 4.07 5.96 39.27
N PRO K 49 4.44 7.10 38.69
CA PRO K 49 5.85 7.51 38.70
C PRO K 49 6.37 7.69 40.11
N GLN K 50 7.65 7.40 40.31
CA GLN K 50 8.29 7.57 41.59
C GLN K 50 9.65 8.23 41.41
N LEU K 51 10.07 8.99 42.43
CA LEU K 51 11.31 9.73 42.35
C LEU K 51 12.50 8.79 42.28
N LEU K 52 13.42 9.09 41.36
CA LEU K 52 14.65 8.31 41.19
C LEU K 52 15.89 9.13 41.46
N ILE K 53 16.00 10.31 40.85
CA ILE K 53 17.14 11.21 41.02
C ILE K 53 16.59 12.59 41.33
N TYR K 54 17.24 13.31 42.26
CA TYR K 54 16.84 14.67 42.60
C TYR K 54 18.05 15.58 42.67
N LEU K 55 17.82 16.87 42.39
CA LEU K 55 18.87 17.89 42.41
C LEU K 55 20.03 17.51 41.49
N ASN K 56 19.69 16.96 40.33
CA ASN K 56 20.61 16.58 39.26
C ASN K 56 21.45 15.35 39.59
N SER K 57 22.19 15.37 40.70
CA SER K 57 23.15 14.31 41.00
C SER K 57 22.75 13.41 42.14
N ASN K 58 21.95 13.89 43.08
CA ASN K 58 21.62 13.11 44.27
C ASN K 58 20.63 12.00 43.94
N ARG K 59 20.72 10.89 44.68
CA ARG K 59 19.93 9.70 44.45
C ARG K 59 18.88 9.53 45.55
N ALA K 60 17.66 9.18 45.15
CA ALA K 60 16.59 8.96 46.10
C ALA K 60 16.83 7.67 46.88
N SER K 61 16.11 7.53 47.99
CA SER K 61 16.24 6.34 48.81
C SER K 61 15.69 5.12 48.07
N GLY K 62 16.38 3.99 48.25
CA GLY K 62 16.03 2.77 47.56
C GLY K 62 16.47 2.68 46.12
N VAL K 63 17.31 3.60 45.67
CA VAL K 63 17.76 3.65 44.27
C VAL K 63 19.19 3.13 44.22
N PRO K 64 19.46 2.09 43.44
CA PRO K 64 20.83 1.55 43.34
C PRO K 64 21.83 2.59 42.86
N ASP K 65 23.11 2.30 43.13
CA ASP K 65 24.20 3.18 42.69
C ASP K 65 24.41 3.14 41.19
N ARG K 66 23.83 2.16 40.49
CA ARG K 66 23.98 2.09 39.04
C ARG K 66 23.44 3.35 38.37
N PHE K 67 22.30 3.85 38.84
CA PHE K 67 21.73 5.06 38.30
C PHE K 67 22.53 6.27 38.75
N SER K 68 22.75 7.21 37.84
CA SER K 68 23.56 8.40 38.12
C SER K 68 23.03 9.57 37.30
N GLY K 69 23.26 10.78 37.81
CA GLY K 69 22.83 11.98 37.14
C GLY K 69 23.94 13.01 37.06
N SER K 70 23.90 13.79 35.99
CA SER K 70 24.95 14.77 35.73
C SER K 70 24.41 15.84 34.79
N GLY K 71 25.17 16.91 34.66
CA GLY K 71 24.84 18.00 33.77
C GLY K 71 24.72 19.32 34.49
N SER K 72 24.60 20.38 33.69
CA SER K 72 24.44 21.73 34.21
C SER K 72 23.77 22.60 33.16
N GLY K 73 23.17 23.69 33.62
CA GLY K 73 22.55 24.63 32.71
C GLY K 73 21.30 24.06 32.08
N THR K 74 21.24 24.11 30.74
CA THR K 74 20.08 23.63 30.01
C THR K 74 20.21 22.19 29.56
N ASP K 75 21.40 21.58 29.66
CA ASP K 75 21.63 20.22 29.20
C ASP K 75 21.96 19.33 30.39
N PHE K 76 21.27 18.20 30.50
CA PHE K 76 21.47 17.22 31.56
C PHE K 76 21.54 15.83 30.95
N THR K 77 21.89 14.84 31.79
CA THR K 77 22.04 13.47 31.31
C THR K 77 21.86 12.50 32.48
N LEU K 78 21.03 11.49 32.27
CA LEU K 78 20.85 10.40 33.23
C LEU K 78 21.46 9.14 32.65
N LYS K 79 22.29 8.46 33.45
CA LYS K 79 23.02 7.29 33.01
C LYS K 79 22.67 6.10 33.90
N ILE K 80 22.61 4.92 33.29
CA ILE K 80 22.46 3.65 33.99
C ILE K 80 23.66 2.80 33.59
N SER K 81 24.58 2.60 34.52
CA SER K 81 25.81 1.87 34.20
C SER K 81 25.51 0.47 33.67
N ARG K 82 24.76 -0.32 34.44
CA ARG K 82 24.35 -1.66 34.04
C ARG K 82 22.83 -1.69 33.97
N VAL K 83 22.28 -1.91 32.77
CA VAL K 83 20.83 -1.96 32.61
C VAL K 83 20.33 -3.36 32.98
N GLU K 84 19.46 -3.42 33.97
CA GLU K 84 18.82 -4.67 34.37
C GLU K 84 17.36 -4.68 33.90
N ALA K 85 16.76 -5.87 33.96
CA ALA K 85 15.39 -6.04 33.52
C ALA K 85 14.40 -5.29 34.39
N GLU K 86 14.79 -4.92 35.61
CA GLU K 86 13.93 -4.16 36.51
C GLU K 86 13.82 -2.69 36.13
N ASP K 87 14.61 -2.23 35.16
CA ASP K 87 14.63 -0.83 34.77
C ASP K 87 13.63 -0.49 33.68
N VAL K 88 12.79 -1.45 33.29
CA VAL K 88 11.82 -1.20 32.22
C VAL K 88 10.77 -0.22 32.71
N GLY K 89 10.55 0.83 31.93
CA GLY K 89 9.58 1.84 32.29
C GLY K 89 9.85 3.12 31.53
N VAL K 90 9.14 4.17 31.96
CA VAL K 90 9.20 5.49 31.33
C VAL K 90 9.97 6.43 32.24
N TYR K 91 10.88 7.21 31.66
CA TYR K 91 11.72 8.15 32.39
C TYR K 91 11.22 9.57 32.11
N TYR K 92 10.90 10.31 33.18
CA TYR K 92 10.24 11.61 33.08
C TYR K 92 11.10 12.73 33.66
N CYS K 93 11.19 13.84 32.93
CA CYS K 93 12.04 14.97 33.26
C CYS K 93 11.20 16.08 33.88
N MET K 94 11.51 16.46 35.12
CA MET K 94 10.75 17.49 35.79
C MET K 94 11.67 18.53 36.39
N GLN K 95 11.53 19.77 35.94
CA GLN K 95 12.20 20.91 36.55
C GLN K 95 11.37 21.43 37.73
N ALA K 96 12.07 22.02 38.70
CA ALA K 96 11.42 22.55 39.90
C ALA K 96 11.70 24.02 40.15
N LEU K 97 12.47 24.69 39.27
CA LEU K 97 12.73 26.11 39.45
C LEU K 97 11.43 26.90 39.47
N GLN K 98 10.68 26.84 38.36
CA GLN K 98 9.35 27.42 38.29
C GLN K 98 8.33 26.34 38.69
N THR K 99 7.05 26.64 38.49
CA THR K 99 6.00 25.64 38.64
C THR K 99 6.35 24.42 37.79
N PRO K 100 6.22 23.20 38.32
CA PRO K 100 6.91 22.07 37.69
C PRO K 100 6.28 21.65 36.37
N THR K 101 7.15 21.34 35.40
CA THR K 101 6.76 20.89 34.08
C THR K 101 7.55 19.64 33.72
N PHE K 102 6.88 18.68 33.11
CA PHE K 102 7.49 17.40 32.78
C PHE K 102 7.95 17.37 31.32
N GLY K 103 8.93 16.50 31.05
CA GLY K 103 9.26 16.16 29.69
C GLY K 103 8.38 15.04 29.17
N GLN K 104 8.53 14.74 27.89
CA GLN K 104 7.79 13.65 27.24
C GLN K 104 8.59 12.36 27.44
N GLY K 105 8.03 11.44 28.22
CA GLY K 105 8.77 10.30 28.75
C GLY K 105 9.61 9.52 27.77
N THR K 106 10.76 9.03 28.23
CA THR K 106 11.61 8.12 27.49
C THR K 106 11.35 6.70 27.96
N ARG K 107 10.95 5.82 27.05
CA ARG K 107 10.67 4.43 27.38
C ARG K 107 11.92 3.59 27.18
N LEU K 108 12.21 2.75 28.16
CA LEU K 108 13.36 1.86 28.12
C LEU K 108 12.92 0.47 27.65
N GLU K 109 13.60 -0.06 26.64
CA GLU K 109 13.36 -1.42 26.17
C GLU K 109 14.61 -2.26 26.44
N ILE K 110 14.38 -3.51 26.88
CA ILE K 110 15.44 -4.44 27.21
C ILE K 110 15.69 -5.32 25.99
N LYS K 111 16.89 -5.24 25.42
CA LYS K 111 17.25 -6.06 24.26
C LYS K 111 17.59 -7.47 24.74
N ARG K 112 16.53 -8.21 25.12
CA ARG K 112 16.66 -9.63 25.43
C ARG K 112 17.11 -10.30 24.16
N THR K 113 17.63 -11.53 24.30
CA THR K 113 17.86 -12.38 23.14
C THR K 113 16.57 -12.56 22.30
N VAL K 114 16.42 -13.61 21.49
CA VAL K 114 15.18 -13.66 20.71
C VAL K 114 14.39 -14.82 21.27
N ALA K 115 13.11 -14.57 21.61
CA ALA K 115 12.16 -15.59 22.03
C ALA K 115 10.96 -15.85 21.11
N ALA K 116 10.70 -17.12 20.83
CA ALA K 116 9.53 -17.44 20.01
C ALA K 116 8.23 -17.36 20.81
N PRO K 117 7.13 -17.00 20.15
CA PRO K 117 5.83 -16.97 20.83
C PRO K 117 5.28 -18.37 21.10
N SER K 118 4.45 -18.46 22.12
CA SER K 118 3.68 -19.67 22.43
C SER K 118 2.24 -19.39 22.00
N VAL K 119 1.84 -19.96 20.87
CA VAL K 119 0.59 -19.61 20.22
C VAL K 119 -0.53 -20.52 20.73
N PHE K 120 -1.64 -19.91 21.12
CA PHE K 120 -2.84 -20.63 21.55
C PHE K 120 -4.05 -19.98 20.91
N ILE K 121 -5.07 -20.79 20.64
CA ILE K 121 -6.31 -20.31 20.02
C ILE K 121 -7.49 -20.83 20.82
N PHE K 122 -8.39 -19.92 21.20
CA PHE K 122 -9.54 -20.25 22.04
C PHE K 122 -10.82 -20.09 21.25
N PRO K 123 -11.64 -21.13 21.14
CA PRO K 123 -12.95 -20.98 20.49
C PRO K 123 -13.87 -20.09 21.30
N PRO K 124 -15.00 -19.66 20.74
CA PRO K 124 -15.92 -18.83 21.51
C PRO K 124 -16.56 -19.62 22.64
N SER K 125 -16.63 -18.99 23.81
CA SER K 125 -17.24 -19.60 24.98
C SER K 125 -18.66 -20.03 24.66
N ASP K 126 -18.97 -21.31 24.95
CA ASP K 126 -20.30 -21.83 24.71
C ASP K 126 -21.41 -20.97 25.33
N GLU K 127 -21.08 -20.13 26.29
CA GLU K 127 -22.05 -19.21 26.88
C GLU K 127 -22.19 -17.90 26.11
N GLN K 128 -21.29 -17.62 25.16
CA GLN K 128 -21.38 -16.35 24.46
C GLN K 128 -22.36 -16.40 23.29
N LEU K 129 -22.54 -17.57 22.67
CA LEU K 129 -23.29 -17.66 21.42
C LEU K 129 -24.77 -17.35 21.57
N LYS K 130 -25.30 -17.34 22.79
CA LYS K 130 -26.71 -17.01 23.01
C LYS K 130 -26.92 -15.50 22.98
N SER K 131 -25.94 -14.73 23.47
CA SER K 131 -25.97 -13.29 23.32
C SER K 131 -26.00 -12.85 21.86
N GLY K 132 -25.80 -13.77 20.92
CA GLY K 132 -25.75 -13.46 19.52
C GLY K 132 -24.38 -13.13 18.98
N THR K 133 -23.35 -13.23 19.80
CA THR K 133 -21.99 -12.83 19.44
C THR K 133 -21.04 -14.00 19.67
N ALA K 134 -19.97 -14.04 18.87
CA ALA K 134 -18.91 -15.03 19.01
C ALA K 134 -17.57 -14.31 18.99
N SER K 135 -16.67 -14.71 19.88
CA SER K 135 -15.38 -14.06 20.03
C SER K 135 -14.27 -15.10 20.02
N VAL K 136 -13.41 -15.03 19.00
CA VAL K 136 -12.29 -15.94 18.87
C VAL K 136 -11.02 -15.20 19.28
N VAL K 137 -10.23 -15.82 20.14
CA VAL K 137 -9.05 -15.19 20.73
C VAL K 137 -7.82 -15.99 20.34
N CYS K 138 -6.83 -15.30 19.77
CA CYS K 138 -5.50 -15.86 19.58
C CYS K 138 -4.55 -15.22 20.58
N LEU K 139 -3.74 -16.04 21.23
CA LEU K 139 -2.85 -15.58 22.30
C LEU K 139 -1.40 -15.85 21.90
N LEU K 140 -0.58 -14.80 21.98
CA LEU K 140 0.87 -14.89 21.83
C LEU K 140 1.49 -14.58 23.19
N ASN K 141 2.43 -15.41 23.63
CA ASN K 141 2.79 -15.47 25.03
C ASN K 141 4.29 -15.62 25.20
N ASN K 142 4.85 -14.88 26.18
CA ASN K 142 6.29 -14.63 26.34
C ASN K 142 7.07 -14.62 25.04
N PHE K 143 6.94 -13.56 24.23
CA PHE K 143 7.69 -13.47 22.98
C PHE K 143 8.42 -12.14 22.89
N TYR K 144 9.64 -12.18 22.33
CA TYR K 144 10.48 -11.02 22.07
C TYR K 144 11.25 -11.27 20.78
N PRO K 145 11.39 -10.25 19.90
CA PRO K 145 10.89 -8.88 20.00
C PRO K 145 9.38 -8.76 19.83
N ARG K 146 8.88 -7.53 19.94
CA ARG K 146 7.44 -7.27 19.92
C ARG K 146 6.85 -7.41 18.52
N GLU K 147 7.63 -7.08 17.47
CA GLU K 147 7.13 -7.14 16.10
C GLU K 147 6.67 -8.54 15.76
N ALA K 148 5.41 -8.66 15.35
CA ALA K 148 4.82 -9.95 15.02
C ALA K 148 3.65 -9.71 14.07
N LYS K 149 3.31 -10.75 13.31
CA LYS K 149 2.23 -10.71 12.33
C LYS K 149 1.23 -11.80 12.68
N VAL K 150 0.05 -11.40 13.14
CA VAL K 150 -1.03 -12.31 13.47
C VAL K 150 -2.08 -12.20 12.38
N GLN K 151 -2.40 -13.31 11.72
CA GLN K 151 -3.35 -13.32 10.63
C GLN K 151 -4.46 -14.34 10.88
N TRP K 152 -5.70 -13.93 10.61
CA TRP K 152 -6.89 -14.75 10.80
C TRP K 152 -7.36 -15.33 9.47
N LYS K 153 -7.39 -16.65 9.37
CA LYS K 153 -7.94 -17.32 8.21
C LYS K 153 -9.23 -18.04 8.62
N VAL K 154 -10.34 -17.65 8.00
CA VAL K 154 -11.63 -18.29 8.23
C VAL K 154 -12.01 -19.04 6.96
N ASP K 155 -12.17 -20.36 7.08
CA ASP K 155 -12.30 -21.24 5.93
C ASP K 155 -11.23 -20.94 4.90
N ASN K 156 -10.00 -20.75 5.39
CA ASN K 156 -8.81 -20.52 4.58
C ASN K 156 -8.88 -19.21 3.80
N ALA K 157 -9.73 -18.29 4.24
CA ALA K 157 -9.85 -16.97 3.64
C ALA K 157 -9.33 -15.92 4.60
N LEU K 158 -8.41 -15.09 4.12
CA LEU K 158 -7.78 -14.05 4.92
C LEU K 158 -8.81 -13.04 5.42
N GLN K 159 -8.95 -12.93 6.74
CA GLN K 159 -9.95 -12.05 7.34
C GLN K 159 -9.32 -10.75 7.78
N SER K 160 -10.02 -9.64 7.52
CA SER K 160 -9.52 -8.30 7.83
C SER K 160 -10.66 -7.40 8.26
N GLY K 161 -10.39 -6.56 9.26
CA GLY K 161 -11.32 -5.51 9.63
C GLY K 161 -12.28 -5.83 10.76
N ASN K 162 -12.24 -7.04 11.31
CA ASN K 162 -13.07 -7.38 12.46
C ASN K 162 -12.24 -8.01 13.57
N SER K 163 -10.99 -7.58 13.71
CA SER K 163 -10.13 -8.05 14.78
C SER K 163 -9.44 -6.86 15.44
N GLN K 164 -9.06 -7.05 16.71
CA GLN K 164 -8.36 -6.03 17.47
C GLN K 164 -7.22 -6.70 18.25
N GLU K 165 -6.09 -6.01 18.33
CA GLU K 165 -4.91 -6.56 18.99
C GLU K 165 -4.57 -5.75 20.24
N SER K 166 -4.21 -6.46 21.30
CA SER K 166 -3.83 -5.86 22.58
C SER K 166 -2.47 -6.40 23.00
N VAL K 167 -1.56 -5.51 23.36
CA VAL K 167 -0.18 -5.85 23.68
C VAL K 167 0.12 -5.40 25.11
N THR K 168 0.82 -6.25 25.87
CA THR K 168 1.26 -5.87 27.20
C THR K 168 2.54 -5.04 27.14
N GLU K 169 2.90 -4.48 28.28
CA GLU K 169 4.20 -3.83 28.40
C GLU K 169 5.26 -4.89 28.66
N GLN K 170 6.51 -4.52 28.36
CA GLN K 170 7.64 -5.43 28.62
C GLN K 170 7.65 -5.84 30.08
N ASP K 171 7.82 -7.14 30.32
CA ASP K 171 7.81 -7.64 31.69
C ASP K 171 9.07 -7.23 32.43
N SER K 172 8.92 -6.98 33.73
CA SER K 172 10.05 -6.54 34.54
C SER K 172 11.07 -7.65 34.73
N LYS K 173 10.61 -8.90 34.90
CA LYS K 173 11.51 -10.03 35.09
C LYS K 173 11.82 -10.75 33.79
N ASP K 174 10.78 -11.02 32.98
CA ASP K 174 10.95 -11.79 31.77
C ASP K 174 11.57 -10.96 30.65
N SER K 175 11.25 -9.67 30.60
CA SER K 175 11.56 -8.82 29.45
C SER K 175 10.89 -9.34 28.18
N THR K 176 9.68 -9.89 28.34
CA THR K 176 8.89 -10.37 27.22
C THR K 176 7.57 -9.62 27.13
N TYR K 177 6.99 -9.67 25.93
CA TYR K 177 5.65 -9.17 25.67
C TYR K 177 4.67 -10.33 25.50
N SER K 178 3.39 -9.99 25.50
CA SER K 178 2.33 -10.92 25.14
C SER K 178 1.27 -10.16 24.36
N LEU K 179 0.52 -10.90 23.54
CA LEU K 179 -0.43 -10.29 22.62
C LEU K 179 -1.71 -11.10 22.58
N SER K 180 -2.82 -10.41 22.37
CA SER K 180 -4.13 -11.03 22.17
C SER K 180 -4.81 -10.39 20.98
N SER K 181 -5.13 -11.20 19.98
CA SER K 181 -5.96 -10.78 18.86
C SER K 181 -7.35 -11.37 19.03
N THR K 182 -8.37 -10.51 18.96
CA THR K 182 -9.75 -10.90 19.19
C THR K 182 -10.56 -10.73 17.92
N LEU K 183 -11.11 -11.83 17.41
CA LEU K 183 -11.93 -11.85 16.21
C LEU K 183 -13.40 -11.92 16.62
N THR K 184 -14.22 -10.99 16.11
CA THR K 184 -15.59 -10.82 16.58
C THR K 184 -16.56 -10.88 15.42
N LEU K 185 -17.46 -11.86 15.46
CA LEU K 185 -18.50 -12.04 14.45
C LEU K 185 -19.86 -12.15 15.13
N SER K 186 -20.91 -12.10 14.32
CA SER K 186 -22.24 -12.40 14.82
C SER K 186 -22.40 -13.91 14.98
N LYS K 187 -23.43 -14.31 15.73
CA LYS K 187 -23.69 -15.73 15.93
C LYS K 187 -24.02 -16.40 14.60
N ALA K 188 -24.72 -15.69 13.71
CA ALA K 188 -25.01 -16.25 12.39
C ALA K 188 -23.75 -16.33 11.54
N ASP K 189 -22.98 -15.24 11.47
CA ASP K 189 -21.73 -15.24 10.73
C ASP K 189 -20.81 -16.36 11.21
N TYR K 190 -20.71 -16.55 12.52
CA TYR K 190 -19.90 -17.64 13.05
C TYR K 190 -20.38 -19.00 12.55
N GLU K 191 -21.70 -19.15 12.36
CA GLU K 191 -22.23 -20.42 11.89
C GLU K 191 -22.06 -20.63 10.40
N LYS K 192 -21.72 -19.58 9.65
CA LYS K 192 -21.56 -19.72 8.20
C LYS K 192 -20.33 -20.53 7.83
N HIS K 193 -19.29 -20.50 8.67
CA HIS K 193 -18.00 -21.10 8.36
C HIS K 193 -17.70 -22.22 9.35
N LYS K 194 -16.57 -22.88 9.12
CA LYS K 194 -16.27 -24.14 9.78
C LYS K 194 -14.86 -24.21 10.38
N VAL K 195 -13.86 -23.67 9.70
CA VAL K 195 -12.46 -23.77 10.13
C VAL K 195 -11.96 -22.38 10.47
N TYR K 196 -11.55 -22.20 11.74
CA TYR K 196 -11.04 -20.93 12.24
C TYR K 196 -9.58 -21.10 12.64
N ALA K 197 -8.68 -20.44 11.92
CA ALA K 197 -7.25 -20.62 12.11
C ALA K 197 -6.58 -19.28 12.40
N CYS K 198 -5.45 -19.37 13.11
CA CYS K 198 -4.66 -18.19 13.47
C CYS K 198 -3.21 -18.48 13.12
N GLU K 199 -2.64 -17.67 12.24
CA GLU K 199 -1.29 -17.87 11.74
C GLU K 199 -0.38 -16.74 12.24
N VAL K 200 0.72 -17.12 12.87
CA VAL K 200 1.62 -16.19 13.53
C VAL K 200 2.98 -16.23 12.84
N THR K 201 3.49 -15.06 12.48
CA THR K 201 4.83 -14.91 11.91
C THR K 201 5.70 -14.17 12.92
N HIS K 202 6.87 -14.73 13.21
CA HIS K 202 7.76 -14.09 14.17
C HIS K 202 9.21 -14.45 13.85
N GLN K 203 10.11 -13.62 14.36
CA GLN K 203 11.55 -13.84 14.17
C GLN K 203 11.99 -15.16 14.79
N GLY K 204 11.55 -15.43 16.02
CA GLY K 204 11.91 -16.68 16.67
C GLY K 204 11.35 -17.91 16.00
N LEU K 205 10.51 -17.75 14.98
CA LEU K 205 9.83 -18.85 14.31
C LEU K 205 10.51 -19.13 12.99
N SER K 206 10.99 -20.36 12.81
CA SER K 206 11.58 -20.76 11.54
C SER K 206 10.55 -20.81 10.42
N SER K 207 9.31 -21.16 10.74
CA SER K 207 8.19 -21.17 9.81
C SER K 207 6.96 -20.67 10.53
N PRO K 208 6.04 -20.02 9.81
CA PRO K 208 4.81 -19.51 10.46
C PRO K 208 4.04 -20.61 11.18
N VAL K 209 3.74 -20.36 12.45
CA VAL K 209 2.99 -21.30 13.27
C VAL K 209 1.50 -21.00 13.13
N THR K 210 0.72 -22.05 12.86
CA THR K 210 -0.73 -21.94 12.76
C THR K 210 -1.38 -22.76 13.87
N LYS K 211 -2.39 -22.18 14.51
CA LYS K 211 -3.25 -22.89 15.43
C LYS K 211 -4.69 -22.72 14.95
N SER K 212 -5.40 -23.83 14.77
CA SER K 212 -6.73 -23.82 14.18
C SER K 212 -7.68 -24.70 14.99
N PHE K 213 -8.97 -24.55 14.70
CA PHE K 213 -9.98 -25.43 15.26
C PHE K 213 -11.19 -25.43 14.34
N ASN K 214 -12.09 -26.37 14.58
CA ASN K 214 -13.32 -26.55 13.82
C ASN K 214 -14.50 -26.38 14.77
N ARG K 215 -15.70 -26.42 14.20
CA ARG K 215 -16.93 -26.39 14.98
C ARG K 215 -17.38 -27.84 15.21
N GLY K 216 -17.17 -28.34 16.42
CA GLY K 216 -17.47 -29.72 16.74
C GLY K 216 -16.34 -30.67 16.38
N LEU L 2 19.85 47.60 55.61
CA LEU L 2 19.97 46.16 55.36
C LEU L 2 20.08 45.36 56.66
N CYS L 3 19.21 44.36 56.83
CA CYS L 3 19.14 43.64 58.08
C CYS L 3 20.34 42.69 58.23
N PRO L 4 20.80 42.45 59.46
CA PRO L 4 21.96 41.58 59.69
C PRO L 4 21.57 40.13 59.95
N PHE L 5 20.87 39.53 58.99
CA PHE L 5 20.56 38.11 59.07
C PHE L 5 21.81 37.25 58.92
N GLY L 6 22.85 37.76 58.25
CA GLY L 6 24.11 37.04 58.16
C GLY L 6 24.83 36.88 59.47
N GLU L 7 24.56 37.77 60.44
CA GLU L 7 25.20 37.65 61.76
C GLU L 7 24.62 36.48 62.55
N VAL L 8 23.29 36.33 62.53
CA VAL L 8 22.65 35.30 63.33
C VAL L 8 22.87 33.93 62.71
N PHE L 9 22.62 33.80 61.39
CA PHE L 9 22.69 32.50 60.76
C PHE L 9 24.12 31.97 60.69
N ASN L 10 25.08 32.84 60.31
CA ASN L 10 26.47 32.44 60.11
C ASN L 10 27.33 32.70 61.34
N ALA L 11 26.76 32.63 62.54
CA ALA L 11 27.53 32.86 63.75
C ALA L 11 28.45 31.67 64.02
N THR L 12 29.64 31.96 64.54
CA THR L 12 30.61 30.90 64.81
C THR L 12 30.14 30.00 65.95
N ARG L 13 29.57 30.59 67.01
CA ARG L 13 29.05 29.83 68.13
C ARG L 13 27.55 30.01 68.23
N PHE L 14 26.88 29.02 68.83
CA PHE L 14 25.46 29.04 69.07
C PHE L 14 25.17 28.71 70.52
N ALA L 15 24.02 29.18 71.00
CA ALA L 15 23.67 29.06 72.40
C ALA L 15 23.05 27.71 72.71
N SER L 16 23.07 27.35 74.00
CA SER L 16 22.35 26.19 74.47
C SER L 16 20.86 26.51 74.60
N VAL L 17 20.03 25.52 74.29
CA VAL L 17 18.60 25.75 74.09
C VAL L 17 17.91 26.27 75.35
N TYR L 18 18.44 26.00 76.55
CA TYR L 18 17.86 26.62 77.74
C TYR L 18 18.22 28.09 77.82
N ALA L 19 19.38 28.49 77.31
CA ALA L 19 19.78 29.88 77.27
C ALA L 19 19.80 30.38 75.83
N TRP L 20 18.66 30.25 75.14
CA TRP L 20 18.60 30.60 73.72
C TRP L 20 18.83 32.10 73.53
N ASN L 21 19.50 32.44 72.44
CA ASN L 21 19.85 33.81 72.09
C ASN L 21 18.71 34.47 71.30
N ARG L 22 18.68 35.79 71.36
CA ARG L 22 17.69 36.57 70.61
C ARG L 22 18.36 37.81 70.03
N LYS L 23 18.13 38.04 68.74
CA LYS L 23 18.54 39.26 68.07
C LYS L 23 17.29 40.04 67.69
N ARG L 24 17.14 41.20 68.30
CA ARG L 24 16.09 42.16 67.93
C ARG L 24 16.57 42.98 66.75
N ILE L 25 15.80 42.96 65.65
CA ILE L 25 16.22 43.55 64.38
C ILE L 25 15.23 44.64 63.98
N SER L 26 15.76 45.79 63.59
CA SER L 26 14.91 46.93 63.23
C SER L 26 15.71 47.87 62.32
N ASN L 27 15.00 48.82 61.71
CA ASN L 27 15.60 49.86 60.88
C ASN L 27 16.38 49.21 59.74
N CYS L 28 15.69 48.39 58.95
CA CYS L 28 16.41 47.69 57.90
C CYS L 28 15.45 47.08 56.89
N VAL L 29 16.01 46.73 55.75
CA VAL L 29 15.32 46.02 54.69
C VAL L 29 16.00 44.68 54.49
N ALA L 30 15.23 43.67 54.11
CA ALA L 30 15.77 42.33 53.98
C ALA L 30 15.09 41.58 52.85
N ASP L 31 15.91 40.91 52.04
CA ASP L 31 15.41 40.01 50.99
C ASP L 31 15.27 38.63 51.62
N TYR L 32 14.04 38.25 51.95
CA TYR L 32 13.83 36.96 52.59
C TYR L 32 14.06 35.78 51.66
N SER L 33 14.18 36.04 50.35
CA SER L 33 14.30 34.94 49.39
C SER L 33 15.62 34.20 49.57
N VAL L 34 16.70 34.90 49.91
CA VAL L 34 17.97 34.23 50.15
C VAL L 34 17.87 33.30 51.34
N LEU L 35 16.87 33.50 52.21
CA LEU L 35 16.61 32.56 53.28
C LEU L 35 15.85 31.34 52.79
N TYR L 36 14.73 31.54 52.07
CA TYR L 36 13.88 30.41 51.68
C TYR L 36 14.26 29.81 50.32
N ASN L 37 15.39 30.22 49.75
CA ASN L 37 15.95 29.55 48.57
C ASN L 37 17.36 29.05 48.83
N SER L 38 17.72 28.85 50.10
CA SER L 38 19.07 28.43 50.48
C SER L 38 19.18 26.91 50.44
N ALA L 39 20.25 26.43 49.81
CA ALA L 39 20.52 24.99 49.73
C ALA L 39 21.17 24.43 50.98
N SER L 40 21.22 25.21 52.07
CA SER L 40 21.96 24.82 53.26
C SER L 40 21.05 24.46 54.44
N PHE L 41 19.74 24.53 54.29
CA PHE L 41 18.82 24.29 55.39
C PHE L 41 18.13 22.94 55.23
N SER L 42 17.88 22.29 56.37
CA SER L 42 17.17 21.01 56.41
C SER L 42 15.71 21.15 56.81
N THR L 43 15.34 22.25 57.46
CA THR L 43 13.96 22.52 57.81
C THR L 43 13.68 24.00 57.59
N PHE L 44 12.50 24.30 57.03
CA PHE L 44 12.10 25.69 56.79
C PHE L 44 10.57 25.71 56.75
N LYS L 45 9.95 25.81 57.93
CA LYS L 45 8.50 25.81 58.06
C LYS L 45 8.06 27.17 58.60
N CYS L 46 7.03 27.74 57.99
CA CYS L 46 6.52 29.05 58.39
C CYS L 46 5.06 28.93 58.83
N TYR L 47 4.73 29.63 59.92
CA TYR L 47 3.42 29.55 60.55
C TYR L 47 2.75 30.91 60.49
N GLY L 48 1.47 30.94 60.11
CA GLY L 48 0.72 32.17 60.12
C GLY L 48 1.12 33.19 59.07
N VAL L 49 1.88 32.78 58.05
CA VAL L 49 2.35 33.68 57.00
C VAL L 49 2.99 32.83 55.91
N SER L 50 2.95 33.33 54.65
CA SER L 50 3.65 32.62 53.57
C SER L 50 5.04 33.21 53.38
N PRO L 51 6.07 32.38 53.25
CA PRO L 51 7.43 32.92 53.10
C PRO L 51 7.60 33.78 51.86
N THR L 52 6.89 33.45 50.78
CA THR L 52 7.04 34.21 49.55
C THR L 52 6.42 35.60 49.67
N LYS L 53 5.31 35.72 50.39
CA LYS L 53 4.63 37.01 50.55
C LYS L 53 5.30 37.90 51.58
N LEU L 54 6.28 37.39 52.33
CA LEU L 54 6.93 38.21 53.35
C LEU L 54 7.72 39.36 52.72
N ASN L 55 8.16 39.22 51.47
CA ASN L 55 8.94 40.27 50.83
C ASN L 55 8.11 41.51 50.55
N ASP L 56 6.78 41.41 50.57
CA ASP L 56 5.89 42.56 50.38
C ASP L 56 5.19 42.95 51.67
N LEU L 57 5.81 42.65 52.81
CA LEU L 57 5.19 42.85 54.12
C LEU L 57 6.07 43.72 55.00
N CYS L 58 5.43 44.37 55.98
CA CYS L 58 6.11 45.27 56.90
C CYS L 58 5.80 44.86 58.34
N PHE L 59 6.78 45.06 59.22
CA PHE L 59 6.70 44.60 60.60
C PHE L 59 7.40 45.57 61.54
N THR L 60 6.81 45.78 62.71
CA THR L 60 7.41 46.67 63.71
C THR L 60 8.80 46.21 64.09
N ASN L 61 8.93 44.92 64.40
CA ASN L 61 10.19 44.31 64.79
C ASN L 61 10.19 42.87 64.29
N VAL L 62 11.39 42.30 64.19
CA VAL L 62 11.54 40.88 63.90
C VAL L 62 12.59 40.33 64.86
N TYR L 63 12.32 39.14 65.40
CA TYR L 63 13.17 38.53 66.41
C TYR L 63 13.81 37.26 65.86
N ALA L 64 15.12 37.15 66.04
CA ALA L 64 15.88 36.00 65.56
C ALA L 64 16.38 35.24 66.78
N ASP L 65 15.68 34.16 67.11
CA ASP L 65 16.05 33.28 68.22
C ASP L 65 16.85 32.11 67.68
N SER L 66 18.04 31.88 68.26
CA SER L 66 18.94 30.85 67.77
C SER L 66 19.47 30.00 68.93
N PHE L 67 19.53 28.70 68.70
CA PHE L 67 20.06 27.74 69.68
C PHE L 67 20.45 26.47 68.94
N VAL L 68 20.90 25.47 69.69
CA VAL L 68 21.27 24.17 69.14
C VAL L 68 20.54 23.07 69.92
N ILE L 69 20.02 22.09 69.19
CA ILE L 69 19.33 20.94 69.77
C ILE L 69 19.66 19.70 68.95
N ARG L 70 19.07 18.59 69.37
CA ARG L 70 19.23 17.30 68.74
C ARG L 70 18.20 17.15 67.62
N GLY L 71 18.57 16.40 66.58
CA GLY L 71 17.70 16.28 65.42
C GLY L 71 16.30 15.80 65.75
N ASP L 72 16.18 14.83 66.66
CA ASP L 72 14.88 14.25 66.97
C ASP L 72 13.93 15.25 67.59
N GLU L 73 14.42 16.34 68.18
CA GLU L 73 13.55 17.32 68.82
C GLU L 73 13.40 18.60 68.01
N VAL L 74 13.90 18.64 66.77
CA VAL L 74 13.62 19.81 65.93
C VAL L 74 12.13 19.94 65.69
N ARG L 75 11.42 18.81 65.63
CA ARG L 75 9.97 18.84 65.44
C ARG L 75 9.23 19.47 66.62
N GLN L 76 9.90 19.70 67.74
CA GLN L 76 9.25 20.31 68.89
C GLN L 76 9.22 21.83 68.81
N ILE L 77 9.82 22.43 67.80
CA ILE L 77 9.79 23.90 67.66
C ILE L 77 8.61 24.20 66.74
N ALA L 78 7.42 24.15 67.32
CA ALA L 78 6.16 24.36 66.63
C ALA L 78 5.09 24.59 67.68
N PRO L 79 4.07 25.39 67.36
CA PRO L 79 2.96 25.56 68.31
C PRO L 79 2.35 24.22 68.70
N GLY L 80 1.98 24.10 69.97
CA GLY L 80 1.27 22.93 70.46
C GLY L 80 2.11 21.67 70.56
N GLN L 81 3.38 21.79 70.90
CA GLN L 81 4.26 20.64 71.01
C GLN L 81 4.59 20.38 72.48
N THR L 82 4.87 19.11 72.78
CA THR L 82 5.29 18.68 74.11
C THR L 82 6.67 18.02 74.04
N GLY L 83 7.26 17.84 75.21
CA GLY L 83 8.58 17.24 75.34
C GLY L 83 9.57 18.21 75.98
N LYS L 84 10.73 17.64 76.34
CA LYS L 84 11.68 18.37 77.19
C LYS L 84 12.07 19.73 76.59
N ILE L 85 12.32 19.79 75.28
CA ILE L 85 12.72 21.06 74.67
C ILE L 85 11.52 22.01 74.60
N ALA L 86 10.34 21.50 74.26
CA ALA L 86 9.20 22.37 74.09
C ALA L 86 8.59 22.81 75.42
N ASP L 87 8.62 21.94 76.44
CA ASP L 87 8.01 22.31 77.71
C ASP L 87 8.97 23.01 78.66
N TYR L 88 10.26 22.68 78.61
CA TYR L 88 11.22 23.20 79.58
C TYR L 88 12.25 24.17 78.99
N ASN L 89 12.40 24.23 77.67
CA ASN L 89 13.49 24.99 77.07
C ASN L 89 12.98 26.14 76.20
N TYR L 90 12.16 25.87 75.18
CA TYR L 90 11.75 26.91 74.24
C TYR L 90 10.33 26.61 73.78
N LYS L 91 9.39 27.49 74.12
CA LYS L 91 7.99 27.31 73.80
C LYS L 91 7.53 28.34 72.77
N LEU L 92 6.61 27.91 71.89
CA LEU L 92 6.01 28.74 70.87
C LEU L 92 4.52 28.86 71.09
N PRO L 93 3.95 30.06 70.98
CA PRO L 93 2.53 30.23 71.27
C PRO L 93 1.67 29.58 70.18
N ASP L 94 0.46 29.19 70.58
CA ASP L 94 -0.45 28.56 69.63
C ASP L 94 -0.71 29.49 68.44
N ASP L 95 -0.79 30.80 68.69
CA ASP L 95 -0.95 31.79 67.64
C ASP L 95 0.39 32.31 67.11
N PHE L 96 1.41 31.46 67.06
CA PHE L 96 2.72 31.89 66.60
C PHE L 96 2.66 32.31 65.14
N THR L 97 3.32 33.42 64.83
CA THR L 97 3.42 33.94 63.47
C THR L 97 4.89 34.13 63.15
N GLY L 98 5.42 33.30 62.27
CA GLY L 98 6.83 33.39 61.92
C GLY L 98 7.30 32.12 61.23
N CYS L 99 8.62 31.92 61.27
CA CYS L 99 9.25 30.84 60.54
C CYS L 99 10.26 30.14 61.43
N VAL L 100 10.34 28.82 61.28
CA VAL L 100 11.34 27.99 61.93
C VAL L 100 12.31 27.47 60.88
N ILE L 101 13.61 27.63 61.14
CA ILE L 101 14.65 27.25 60.21
C ILE L 101 15.67 26.41 60.96
N ALA L 102 16.13 25.32 60.35
CA ALA L 102 17.07 24.42 61.01
C ALA L 102 17.97 23.77 59.98
N TRP L 103 19.21 23.47 60.40
CA TRP L 103 20.19 22.84 59.53
C TRP L 103 21.17 22.03 60.36
N ASN L 104 21.63 20.93 59.79
CA ASN L 104 22.56 20.03 60.48
C ASN L 104 23.92 20.70 60.67
N SER L 105 24.47 20.61 61.89
CA SER L 105 25.77 21.18 62.18
C SER L 105 26.69 20.14 62.83
N ASN L 106 26.58 18.88 62.40
CA ASN L 106 27.47 17.84 62.92
C ASN L 106 28.93 18.14 62.58
N ASN L 107 29.17 18.80 61.45
CA ASN L 107 30.54 19.17 61.08
C ASN L 107 31.14 20.16 62.08
N LEU L 108 30.29 20.93 62.77
CA LEU L 108 30.74 22.02 63.62
C LEU L 108 30.70 21.68 65.11
N ASP L 109 29.58 21.12 65.58
CA ASP L 109 29.32 20.98 67.00
C ASP L 109 29.65 19.59 67.53
N SER L 110 30.32 18.75 66.75
CA SER L 110 30.69 17.40 67.17
C SER L 110 32.20 17.33 67.38
N LYS L 111 32.59 16.80 68.53
CA LYS L 111 33.99 16.52 68.84
C LYS L 111 34.15 15.03 69.05
N VAL L 112 35.29 14.50 68.61
CA VAL L 112 35.60 13.10 68.88
C VAL L 112 35.72 12.91 70.39
N GLY L 113 35.16 11.81 70.90
CA GLY L 113 35.15 11.56 72.31
C GLY L 113 34.03 12.25 73.07
N GLY L 114 33.24 13.08 72.41
CA GLY L 114 32.07 13.69 73.02
C GLY L 114 32.21 15.20 73.14
N ASN L 115 31.13 15.91 72.83
CA ASN L 115 31.00 17.35 73.05
C ASN L 115 29.85 17.54 74.02
N TYR L 116 30.16 18.00 75.23
CA TYR L 116 29.16 18.18 76.28
C TYR L 116 28.97 19.64 76.64
N ASN L 117 29.33 20.56 75.73
CA ASN L 117 29.21 21.99 76.00
C ASN L 117 27.78 22.50 75.83
N TYR L 118 26.92 21.76 75.14
CA TYR L 118 25.54 22.17 74.91
C TYR L 118 24.64 21.53 75.95
N LEU L 119 23.91 22.35 76.69
CA LEU L 119 23.05 21.89 77.77
C LEU L 119 21.59 22.00 77.37
N TYR L 120 20.73 21.40 78.19
CA TYR L 120 19.29 21.53 78.06
C TYR L 120 18.67 21.27 79.42
N ARG L 121 17.52 21.90 79.68
CA ARG L 121 16.87 21.76 80.97
C ARG L 121 16.06 20.47 81.01
N LEU L 122 16.41 19.57 81.94
CA LEU L 122 15.77 18.27 82.07
C LEU L 122 14.67 18.25 83.12
N PHE L 123 14.70 19.15 84.11
CA PHE L 123 13.70 19.21 85.15
C PHE L 123 13.19 20.63 85.32
N ARG L 124 11.91 20.75 85.65
CA ARG L 124 11.31 22.04 85.95
C ARG L 124 9.99 21.83 86.66
N LYS L 125 9.72 22.69 87.65
CA LYS L 125 8.52 22.51 88.48
C LYS L 125 7.24 22.59 87.66
N SER L 126 7.18 23.53 86.71
CA SER L 126 6.00 23.70 85.88
C SER L 126 6.42 24.05 84.47
N ASN L 127 5.43 24.08 83.57
CA ASN L 127 5.71 24.27 82.16
C ASN L 127 6.10 25.70 81.85
N LEU L 128 6.92 25.86 80.80
CA LEU L 128 7.41 27.16 80.38
C LEU L 128 6.35 27.92 79.60
N LYS L 129 6.23 29.22 79.88
CA LYS L 129 5.35 30.06 79.09
C LYS L 129 6.00 30.39 77.74
N PRO L 130 5.20 30.71 76.72
CA PRO L 130 5.78 30.96 75.39
C PRO L 130 6.74 32.15 75.39
N PHE L 131 7.84 31.98 74.66
CA PHE L 131 8.91 32.97 74.55
C PHE L 131 9.46 33.38 75.91
N GLU L 132 9.48 32.43 76.85
CA GLU L 132 10.12 32.59 78.14
C GLU L 132 11.50 31.95 78.11
N ARG L 133 12.43 32.55 78.86
CA ARG L 133 13.78 32.01 78.98
C ARG L 133 14.10 31.84 80.46
N ASP L 134 14.33 30.59 80.86
CA ASP L 134 14.62 30.23 82.25
C ASP L 134 16.06 29.73 82.32
N ILE L 135 16.86 30.38 83.15
CA ILE L 135 18.27 30.00 83.29
C ILE L 135 18.61 29.79 84.76
N SER L 136 17.63 29.34 85.54
CA SER L 136 17.89 29.02 86.94
C SER L 136 18.71 27.75 87.03
N THR L 137 19.79 27.79 87.81
CA THR L 137 20.57 26.60 88.15
C THR L 137 20.13 26.01 89.48
N GLU L 138 18.91 26.30 89.92
CA GLU L 138 18.42 25.83 91.20
C GLU L 138 18.21 24.32 91.17
N ILE L 139 18.55 23.67 92.29
CA ILE L 139 18.48 22.21 92.36
C ILE L 139 17.02 21.76 92.37
N TYR L 140 16.67 20.88 91.44
CA TYR L 140 15.29 20.43 91.31
C TYR L 140 14.92 19.47 92.44
N GLN L 141 13.71 19.62 92.95
CA GLN L 141 13.21 18.84 94.09
C GLN L 141 12.28 17.75 93.57
N ALA L 142 12.86 16.60 93.23
CA ALA L 142 12.07 15.47 92.75
C ALA L 142 11.33 14.74 93.87
N GLY L 143 11.68 15.00 95.13
CA GLY L 143 11.08 14.28 96.24
C GLY L 143 10.50 15.17 97.32
N SER L 144 10.08 14.55 98.43
CA SER L 144 9.45 15.30 99.51
C SER L 144 10.44 16.11 100.33
N THR L 145 11.71 15.72 100.33
CA THR L 145 12.70 16.43 101.14
C THR L 145 13.22 17.64 100.38
N PRO L 146 13.26 18.81 101.00
CA PRO L 146 13.83 19.98 100.33
C PRO L 146 15.32 19.80 100.07
N CYS L 147 15.83 20.59 99.12
CA CYS L 147 17.21 20.45 98.66
C CYS L 147 18.16 21.40 99.36
N ASN L 148 17.72 22.63 99.66
CA ASN L 148 18.57 23.67 100.23
C ASN L 148 19.80 23.94 99.36
N GLY L 149 19.67 23.73 98.05
CA GLY L 149 20.74 24.03 97.13
C GLY L 149 21.88 23.04 97.10
N VAL L 150 21.65 21.81 97.53
CA VAL L 150 22.68 20.77 97.53
C VAL L 150 22.21 19.61 96.67
N GLU L 151 23.04 19.20 95.72
CA GLU L 151 22.73 17.99 94.96
C GLU L 151 22.87 16.77 95.87
N GLY L 152 21.85 15.94 95.86
CA GLY L 152 21.85 14.72 96.67
C GLY L 152 20.88 13.75 96.08
N PHE L 153 20.33 12.89 96.94
CA PHE L 153 19.30 11.96 96.50
C PHE L 153 18.00 12.72 96.24
N ASN L 154 17.41 12.48 95.07
CA ASN L 154 16.17 13.13 94.65
C ASN L 154 16.29 14.65 94.62
N CYS L 155 17.52 15.16 94.48
CA CYS L 155 17.78 16.61 94.41
C CYS L 155 18.79 16.82 93.28
N TYR L 156 18.28 16.90 92.05
CA TYR L 156 19.10 16.83 90.86
C TYR L 156 19.40 18.22 90.31
N PHE L 157 20.57 18.34 89.69
CA PHE L 157 20.90 19.52 88.91
C PHE L 157 19.99 19.59 87.69
N PRO L 158 19.34 20.73 87.42
CA PRO L 158 18.30 20.76 86.39
C PRO L 158 18.80 20.68 84.96
N LEU L 159 20.10 20.81 84.72
CA LEU L 159 20.63 20.87 83.37
C LEU L 159 21.38 19.58 83.04
N GLN L 160 21.08 19.01 81.88
CA GLN L 160 21.77 17.83 81.36
C GLN L 160 22.51 18.22 80.09
N SER L 161 23.70 17.68 79.90
CA SER L 161 24.48 17.97 78.72
C SER L 161 24.11 17.03 77.58
N TYR L 162 24.25 17.52 76.37
CA TYR L 162 24.04 16.72 75.18
C TYR L 162 25.30 15.93 74.85
N GLY L 163 25.12 14.70 74.40
CA GLY L 163 26.27 13.89 74.03
C GLY L 163 26.46 13.83 72.53
N PHE L 164 27.32 14.71 71.99
CA PHE L 164 27.43 14.86 70.54
C PHE L 164 28.76 14.28 70.05
N GLN L 165 28.69 13.07 69.55
CA GLN L 165 29.76 12.39 68.86
C GLN L 165 29.53 12.44 67.36
N PRO L 166 30.59 12.46 66.56
CA PRO L 166 30.40 12.52 65.10
C PRO L 166 29.73 11.28 64.53
N THR L 167 29.83 10.14 65.21
CA THR L 167 29.32 8.87 64.72
C THR L 167 27.89 8.58 65.14
N ASN L 168 27.28 9.45 65.96
CA ASN L 168 25.86 9.29 66.29
C ASN L 168 25.01 9.36 65.03
N GLY L 169 23.84 8.75 65.10
CA GLY L 169 22.91 8.82 63.99
C GLY L 169 22.49 10.24 63.69
N VAL L 170 21.87 10.40 62.50
CA VAL L 170 21.44 11.74 62.07
C VAL L 170 20.54 12.37 63.11
N GLY L 171 19.74 11.57 63.80
CA GLY L 171 18.91 12.05 64.89
C GLY L 171 19.74 12.65 66.01
N TYR L 172 20.63 11.84 66.58
CA TYR L 172 21.44 12.25 67.72
C TYR L 172 22.61 13.17 67.34
N GLN L 173 22.51 13.90 66.18
CA GLN L 173 23.47 14.84 65.64
C GLN L 173 22.97 16.28 65.84
N PRO L 174 23.88 17.26 65.86
CA PRO L 174 23.46 18.62 66.23
C PRO L 174 22.88 19.41 65.08
N TYR L 175 21.77 20.09 65.37
CA TYR L 175 21.14 20.99 64.43
C TYR L 175 21.09 22.38 65.01
N ARG L 176 21.35 23.38 64.18
CA ARG L 176 21.23 24.78 64.55
C ARG L 176 19.87 25.28 64.11
N VAL L 177 19.14 25.92 65.03
CA VAL L 177 17.78 26.37 64.79
C VAL L 177 17.76 27.88 64.87
N VAL L 178 17.09 28.52 63.91
CA VAL L 178 16.75 29.94 63.97
C VAL L 178 15.25 30.07 63.85
N VAL L 179 14.63 30.78 64.79
CA VAL L 179 13.20 31.02 64.79
C VAL L 179 12.97 32.51 64.58
N LEU L 180 12.21 32.85 63.54
CA LEU L 180 11.99 34.23 63.14
C LEU L 180 10.55 34.61 63.45
N SER L 181 10.35 35.41 64.49
CA SER L 181 9.03 35.93 64.84
C SER L 181 8.88 37.34 64.27
N PHE L 182 7.67 37.65 63.80
CA PHE L 182 7.38 38.92 63.14
C PHE L 182 6.38 39.70 63.97
N GLU L 183 6.84 40.75 64.65
CA GLU L 183 6.00 41.53 65.53
C GLU L 183 5.42 42.73 64.80
N LEU L 184 4.10 42.85 64.85
CA LEU L 184 3.38 43.99 64.27
C LEU L 184 2.54 44.62 65.37
N LEU L 185 2.89 45.86 65.74
CA LEU L 185 2.21 46.59 66.80
C LEU L 185 1.66 47.90 66.25
N HIS L 186 1.04 48.68 67.14
CA HIS L 186 0.47 49.97 66.77
C HIS L 186 1.52 51.07 66.59
N ALA L 187 2.81 50.73 66.72
CA ALA L 187 3.92 51.61 66.46
C ALA L 187 4.32 51.54 64.99
N PRO L 188 5.03 52.55 64.48
CA PRO L 188 5.47 52.50 63.09
C PRO L 188 6.46 51.36 62.85
N ALA L 189 6.33 50.73 61.68
CA ALA L 189 7.15 49.58 61.32
C ALA L 189 8.38 50.04 60.55
N THR L 190 9.54 49.49 60.91
CA THR L 190 10.80 49.83 60.26
C THR L 190 11.46 48.60 59.62
N VAL L 191 10.79 47.46 59.60
CA VAL L 191 11.29 46.25 58.96
C VAL L 191 10.35 45.91 57.82
N CYS L 192 10.87 45.94 56.59
CA CYS L 192 10.06 45.71 55.40
C CYS L 192 10.91 45.03 54.35
N GLY L 193 10.24 44.42 53.39
CA GLY L 193 10.91 43.84 52.24
C GLY L 193 11.26 44.89 51.22
N PRO L 194 11.96 44.46 50.17
CA PRO L 194 12.38 45.41 49.13
C PRO L 194 11.18 45.92 48.34
N ASP L 195 11.32 47.15 47.83
CA ASP L 195 10.28 47.76 47.04
C ASP L 195 10.77 48.09 45.62
#